data_6LMR
#
_entry.id   6LMR
#
loop_
_entity.id
_entity.type
_entity.pdbx_description
1 polymer 'Y-box-binding protein 1'
2 polymer "DNA (5'-D(P*AP*AP*CP*AP*CP*CP*T)-3')"
#
loop_
_entity_poly.entity_id
_entity_poly.type
_entity_poly.pdbx_seq_one_letter_code
_entity_poly.pdbx_strand_id
1 'polypeptide(L)'
;MHHHHHHGGGGGGGGSSAAPAGGDKKVIATKVLGTVKWFNVRNGYGFINRNDTKEDVFVHQTAIKKNNPRKYLRSVGDGE
TVEFDVVEGEKGAEAANVTGPGGVPVQGSKYAA
;
A
2 'polydeoxyribonucleotide' (DA)(DA)(DC)(DA)(DC)(DC)(DT) B
#
loop_
_chem_comp.id
_chem_comp.type
_chem_comp.name
_chem_comp.formula
DA DNA linking 2'-DEOXYADENOSINE-5'-MONOPHOSPHATE 'C10 H14 N5 O6 P'
DC DNA linking 2'-DEOXYCYTIDINE-5'-MONOPHOSPHATE 'C9 H14 N3 O7 P'
DT DNA linking THYMIDINE-5'-MONOPHOSPHATE 'C10 H15 N2 O8 P'
#
# COMPACT_ATOMS: atom_id res chain seq x y z
N ASP A 24 21.09 5.20 -2.89
CA ASP A 24 21.46 4.96 -1.48
C ASP A 24 20.20 5.01 -0.62
N LYS A 25 19.06 4.72 -1.22
CA LYS A 25 17.78 4.75 -0.51
C LYS A 25 17.80 3.70 0.60
N LYS A 26 17.40 4.10 1.80
CA LYS A 26 17.37 3.18 2.94
C LYS A 26 16.02 2.49 3.04
N VAL A 27 16.08 1.18 3.22
CA VAL A 27 14.86 0.40 3.38
C VAL A 27 14.65 0.09 4.85
N ILE A 28 13.69 0.80 5.45
CA ILE A 28 13.40 0.61 6.86
C ILE A 28 12.91 -0.81 7.14
N ALA A 29 12.03 -1.30 6.28
CA ALA A 29 11.49 -2.65 6.44
C ALA A 29 11.24 -3.31 5.09
N THR A 30 11.17 -4.63 5.10
CA THR A 30 10.92 -5.39 3.88
C THR A 30 9.50 -5.97 3.91
N LYS A 31 9.32 -7.20 3.45
CA LYS A 31 7.99 -7.80 3.43
C LYS A 31 7.34 -7.67 4.81
N VAL A 32 6.43 -6.72 4.94
CA VAL A 32 5.72 -6.49 6.19
C VAL A 32 4.22 -6.45 5.96
N LEU A 33 3.48 -7.22 6.78
CA LEU A 33 2.04 -7.23 6.65
C LEU A 33 1.45 -6.04 7.41
N GLY A 34 0.48 -5.40 6.78
CA GLY A 34 -0.17 -4.24 7.38
C GLY A 34 -1.64 -4.21 6.99
N THR A 35 -2.34 -3.18 7.47
CA THR A 35 -3.76 -3.05 7.17
C THR A 35 -4.06 -1.67 6.61
N VAL A 36 -4.87 -1.62 5.57
CA VAL A 36 -5.20 -0.35 4.94
C VAL A 36 -6.22 0.42 5.78
N LYS A 37 -5.79 1.54 6.34
CA LYS A 37 -6.70 2.35 7.14
C LYS A 37 -7.83 2.86 6.26
N TRP A 38 -7.43 3.39 5.10
CA TRP A 38 -8.38 3.89 4.10
C TRP A 38 -7.62 4.40 2.88
N PHE A 39 -8.18 4.19 1.69
CA PHE A 39 -7.55 4.65 0.46
C PHE A 39 -8.60 5.23 -0.48
N ASN A 40 -8.47 6.51 -0.80
CA ASN A 40 -9.43 7.17 -1.69
C ASN A 40 -8.89 7.23 -3.11
N VAL A 41 -9.64 6.63 -4.04
CA VAL A 41 -9.24 6.61 -5.44
C VAL A 41 -9.23 8.02 -6.03
N ARG A 42 -10.28 8.79 -5.74
CA ARG A 42 -10.38 10.15 -6.27
C ARG A 42 -9.24 11.04 -5.80
N ASN A 43 -8.90 10.97 -4.52
CA ASN A 43 -7.82 11.80 -3.98
C ASN A 43 -6.49 11.45 -4.65
N GLY A 44 -6.28 10.17 -4.90
CA GLY A 44 -5.05 9.71 -5.54
C GLY A 44 -3.96 9.33 -4.52
N TYR A 45 -4.30 9.37 -3.24
CA TYR A 45 -3.33 9.00 -2.20
C TYR A 45 -4.03 8.40 -1.00
N GLY A 46 -3.29 7.66 -0.16
CA GLY A 46 -3.90 7.05 1.01
C GLY A 46 -2.84 6.64 2.03
N PHE A 47 -3.29 6.01 3.12
CA PHE A 47 -2.38 5.58 4.18
C PHE A 47 -2.62 4.12 4.59
N ILE A 48 -1.54 3.47 4.99
CA ILE A 48 -1.61 2.07 5.43
C ILE A 48 -1.12 1.96 6.88
N ASN A 49 -1.92 1.36 7.74
CA ASN A 49 -1.53 1.20 9.14
C ASN A 49 -0.83 -0.13 9.37
N ARG A 50 0.47 -0.07 9.62
CA ARG A 50 1.23 -1.27 9.86
C ARG A 50 0.77 -1.93 11.16
N ASN A 51 0.52 -3.23 11.11
CA ASN A 51 0.08 -3.95 12.30
C ASN A 51 1.27 -4.42 13.14
N ASP A 52 2.49 -4.13 12.67
CA ASP A 52 3.69 -4.53 13.41
C ASP A 52 4.24 -3.34 14.20
N THR A 53 4.07 -2.15 13.64
CA THR A 53 4.56 -0.94 14.27
C THR A 53 3.42 -0.01 14.65
N LYS A 54 2.21 -0.30 14.18
CA LYS A 54 1.07 0.54 14.47
C LYS A 54 1.36 1.98 14.05
N GLU A 55 2.14 2.13 12.98
CA GLU A 55 2.49 3.45 12.48
C GLU A 55 2.06 3.62 11.03
N ASP A 56 1.40 4.74 10.77
CA ASP A 56 0.91 5.03 9.43
C ASP A 56 2.07 5.26 8.46
N VAL A 57 1.87 4.86 7.20
CA VAL A 57 2.89 5.01 6.18
C VAL A 57 2.30 5.58 4.89
N PHE A 58 3.09 6.37 4.17
CA PHE A 58 2.64 6.98 2.92
C PHE A 58 2.55 5.93 1.81
N VAL A 59 1.49 6.00 1.00
CA VAL A 59 1.34 5.05 -0.09
C VAL A 59 0.73 5.72 -1.31
N HIS A 60 1.16 5.28 -2.47
CA HIS A 60 0.66 5.83 -3.73
C HIS A 60 0.39 4.71 -4.73
N GLN A 61 -0.45 4.98 -5.72
CA GLN A 61 -0.79 3.97 -6.72
C GLN A 61 0.43 3.48 -7.49
N THR A 62 1.33 4.39 -7.82
CA THR A 62 2.54 4.02 -8.54
C THR A 62 3.44 3.15 -7.67
N ALA A 63 3.17 3.15 -6.36
CA ALA A 63 3.96 2.37 -5.42
C ALA A 63 3.42 0.95 -5.31
N ILE A 64 2.37 0.63 -6.05
CA ILE A 64 1.76 -0.68 -5.98
C ILE A 64 2.24 -1.57 -7.13
N LYS A 65 3.13 -2.52 -6.81
CA LYS A 65 3.67 -3.43 -7.80
C LYS A 65 2.56 -4.31 -8.40
N LYS A 66 1.70 -4.84 -7.55
CA LYS A 66 0.62 -5.70 -8.00
C LYS A 66 -0.74 -5.19 -7.52
N ASN A 67 -1.75 -5.37 -8.35
CA ASN A 67 -3.10 -4.93 -7.99
C ASN A 67 -4.14 -5.81 -8.67
N ASN A 68 -5.41 -5.56 -8.37
CA ASN A 68 -6.49 -6.34 -8.96
C ASN A 68 -6.50 -6.12 -10.48
N PRO A 69 -6.35 -7.17 -11.29
CA PRO A 69 -6.36 -7.03 -12.79
C PRO A 69 -7.70 -6.53 -13.32
N ARG A 70 -8.76 -6.79 -12.58
CA ARG A 70 -10.08 -6.36 -12.98
C ARG A 70 -10.21 -4.83 -12.88
N LYS A 71 -9.30 -4.21 -12.12
CA LYS A 71 -9.34 -2.77 -11.95
C LYS A 71 -8.40 -2.08 -12.93
N TYR A 72 -8.94 -1.16 -13.72
CA TYR A 72 -8.13 -0.44 -14.70
C TYR A 72 -7.11 0.45 -14.00
N LEU A 73 -7.52 1.07 -12.91
CA LEU A 73 -6.65 1.96 -12.17
C LEU A 73 -6.16 1.28 -10.89
N ARG A 74 -4.87 1.42 -10.60
CA ARG A 74 -4.32 0.80 -9.39
C ARG A 74 -4.93 1.43 -8.16
N SER A 75 -5.26 0.58 -7.19
CA SER A 75 -5.87 1.05 -5.94
C SER A 75 -5.71 0.00 -4.85
N VAL A 76 -5.90 0.41 -3.60
CA VAL A 76 -5.79 -0.50 -2.48
C VAL A 76 -7.09 -0.51 -1.68
N GLY A 77 -7.63 -1.71 -1.44
CA GLY A 77 -8.89 -1.81 -0.70
C GLY A 77 -8.70 -1.41 0.76
N ASP A 78 -9.74 -0.80 1.33
CA ASP A 78 -9.69 -0.37 2.72
C ASP A 78 -10.03 -1.54 3.64
N GLY A 79 -9.28 -1.67 4.73
CA GLY A 79 -9.51 -2.77 5.66
C GLY A 79 -8.88 -4.06 5.14
N GLU A 80 -8.21 -3.97 3.99
CA GLU A 80 -7.57 -5.13 3.39
C GLU A 80 -6.12 -5.22 3.84
N THR A 81 -5.72 -6.42 4.26
CA THR A 81 -4.34 -6.64 4.69
C THR A 81 -3.42 -6.56 3.47
N VAL A 82 -2.32 -5.83 3.60
CA VAL A 82 -1.40 -5.69 2.48
C VAL A 82 0.04 -6.02 2.89
N GLU A 83 0.87 -6.32 1.90
CA GLU A 83 2.27 -6.63 2.16
C GLU A 83 3.14 -5.64 1.38
N PHE A 84 4.10 -5.04 2.05
CA PHE A 84 4.93 -4.05 1.39
C PHE A 84 6.26 -3.81 2.11
N ASP A 85 7.16 -3.12 1.42
CA ASP A 85 8.47 -2.79 1.98
C ASP A 85 8.45 -1.34 2.47
N VAL A 86 9.03 -1.09 3.62
CA VAL A 86 9.06 0.27 4.16
C VAL A 86 10.39 0.93 3.80
N VAL A 87 10.30 2.09 3.15
CA VAL A 87 11.48 2.84 2.77
C VAL A 87 11.47 4.20 3.43
N GLU A 88 12.57 4.56 4.07
CA GLU A 88 12.65 5.83 4.76
C GLU A 88 12.47 6.99 3.78
N GLY A 89 11.52 7.87 4.09
CA GLY A 89 11.26 9.03 3.25
C GLY A 89 11.52 10.34 4.01
N GLU A 90 11.71 11.42 3.26
CA GLU A 90 11.97 12.72 3.87
C GLU A 90 10.80 13.16 4.75
N LYS A 91 9.58 12.90 4.27
CA LYS A 91 8.39 13.28 5.02
C LYS A 91 7.98 12.17 5.99
N GLY A 92 8.66 11.04 5.94
CA GLY A 92 8.35 9.92 6.82
C GLY A 92 8.49 8.60 6.08
N ALA A 93 8.03 7.52 6.71
CA ALA A 93 8.11 6.20 6.10
C ALA A 93 7.32 6.15 4.80
N GLU A 94 7.88 5.50 3.79
CA GLU A 94 7.22 5.40 2.49
C GLU A 94 7.03 3.94 2.10
N ALA A 95 5.85 3.61 1.62
CA ALA A 95 5.55 2.24 1.19
C ALA A 95 5.86 2.05 -0.28
N ALA A 96 6.31 0.84 -0.64
CA ALA A 96 6.64 0.54 -2.02
C ALA A 96 6.44 -0.95 -2.29
N ASN A 97 6.21 -1.31 -3.55
CA ASN A 97 6.01 -2.70 -3.91
C ASN A 97 4.88 -3.30 -3.07
N VAL A 98 3.75 -2.61 -3.03
CA VAL A 98 2.61 -3.07 -2.25
C VAL A 98 1.85 -4.18 -2.97
N THR A 99 1.79 -5.35 -2.34
CA THR A 99 1.09 -6.49 -2.90
C THR A 99 0.30 -7.20 -1.82
N GLY A 100 -0.62 -8.06 -2.23
CA GLY A 100 -1.42 -8.81 -1.27
C GLY A 100 -0.54 -9.88 -0.63
N PRO A 101 -1.02 -10.54 0.38
CA PRO A 101 -0.23 -11.60 1.08
C PRO A 101 -0.04 -12.84 0.21
N GLY A 102 1.17 -13.39 0.23
CA GLY A 102 1.47 -14.58 -0.55
C GLY A 102 1.60 -14.26 -2.04
N GLY A 103 1.82 -12.98 -2.35
CA GLY A 103 1.95 -12.56 -3.75
C GLY A 103 0.58 -12.30 -4.38
N VAL A 104 -0.48 -12.48 -3.60
CA VAL A 104 -1.83 -12.26 -4.09
C VAL A 104 -2.01 -10.80 -4.53
N PRO A 105 -2.67 -10.54 -5.64
CA PRO A 105 -2.87 -9.12 -6.11
C PRO A 105 -3.75 -8.33 -5.15
N VAL A 106 -3.53 -7.03 -5.07
CA VAL A 106 -4.33 -6.19 -4.17
C VAL A 106 -5.77 -6.08 -4.66
N GLN A 107 -6.71 -6.28 -3.74
CA GLN A 107 -8.13 -6.23 -4.09
C GLN A 107 -8.50 -4.85 -4.60
N GLY A 108 -7.95 -3.82 -3.97
CA GLY A 108 -8.23 -2.45 -4.38
C GLY A 108 -9.54 -1.94 -3.81
N SER A 109 -9.90 -0.71 -4.17
CA SER A 109 -11.13 -0.10 -3.70
C SER A 109 -12.20 -0.14 -4.79
N LYS A 110 -13.45 -0.13 -4.37
CA LYS A 110 -14.57 -0.16 -5.30
C LYS A 110 -14.53 1.04 -6.23
N TYR A 111 -14.14 2.18 -5.68
CA TYR A 111 -14.07 3.40 -6.47
C TYR A 111 -13.06 3.28 -7.60
N ALA A 112 -12.20 2.27 -7.52
CA ALA A 112 -11.19 2.07 -8.56
C ALA A 112 -11.85 1.90 -9.92
N ALA A 113 -11.25 2.50 -10.94
CA ALA A 113 -11.79 2.41 -12.28
C ALA A 113 -11.75 0.97 -12.80
N ASP A 24 20.04 8.43 -2.16
CA ASP A 24 19.87 6.95 -2.01
C ASP A 24 18.78 6.66 -1.00
N LYS A 25 17.71 6.01 -1.44
CA LYS A 25 16.60 5.68 -0.56
C LYS A 25 17.01 4.59 0.42
N LYS A 26 16.48 4.65 1.63
CA LYS A 26 16.79 3.65 2.64
C LYS A 26 15.61 2.73 2.89
N VAL A 27 15.87 1.44 2.82
CA VAL A 27 14.83 0.45 3.04
C VAL A 27 14.81 0.06 4.50
N ILE A 28 13.88 0.64 5.25
CA ILE A 28 13.75 0.35 6.67
C ILE A 28 13.42 -1.12 6.91
N ALA A 29 12.49 -1.65 6.11
CA ALA A 29 12.09 -3.04 6.26
C ALA A 29 11.65 -3.63 4.92
N THR A 30 11.57 -4.95 4.87
CA THR A 30 11.15 -5.64 3.66
C THR A 30 9.66 -5.99 3.75
N LYS A 31 9.24 -7.08 3.09
CA LYS A 31 7.84 -7.44 3.11
C LYS A 31 7.29 -7.38 4.54
N VAL A 32 6.35 -6.49 4.76
CA VAL A 32 5.72 -6.34 6.08
C VAL A 32 4.21 -6.34 5.96
N LEU A 33 3.57 -7.19 6.75
CA LEU A 33 2.11 -7.25 6.73
C LEU A 33 1.54 -6.05 7.47
N GLY A 34 0.51 -5.45 6.88
CA GLY A 34 -0.13 -4.30 7.48
C GLY A 34 -1.59 -4.22 7.04
N THR A 35 -2.26 -3.15 7.45
CA THR A 35 -3.67 -2.97 7.09
C THR A 35 -3.90 -1.58 6.53
N VAL A 36 -4.67 -1.49 5.46
CA VAL A 36 -4.94 -0.21 4.83
C VAL A 36 -5.90 0.62 5.68
N LYS A 37 -5.42 1.75 6.18
CA LYS A 37 -6.26 2.61 6.99
C LYS A 37 -7.41 3.13 6.13
N TRP A 38 -7.04 3.60 4.94
CA TRP A 38 -8.01 4.10 3.96
C TRP A 38 -7.29 4.47 2.66
N PHE A 39 -7.97 4.31 1.54
CA PHE A 39 -7.39 4.67 0.24
C PHE A 39 -8.47 5.25 -0.67
N ASN A 40 -8.30 6.52 -1.03
CA ASN A 40 -9.29 7.18 -1.87
C ASN A 40 -8.81 7.25 -3.32
N VAL A 41 -9.60 6.70 -4.22
CA VAL A 41 -9.26 6.71 -5.64
C VAL A 41 -9.20 8.13 -6.19
N ARG A 42 -10.20 8.94 -5.86
CA ARG A 42 -10.24 10.32 -6.34
C ARG A 42 -9.04 11.14 -5.90
N ASN A 43 -8.67 11.03 -4.63
CA ASN A 43 -7.53 11.78 -4.12
C ASN A 43 -6.24 11.38 -4.83
N GLY A 44 -6.12 10.08 -5.12
CA GLY A 44 -4.93 9.58 -5.81
C GLY A 44 -3.84 9.11 -4.83
N TYR A 45 -4.13 9.15 -3.53
CA TYR A 45 -3.15 8.70 -2.54
C TYR A 45 -3.86 8.15 -1.31
N GLY A 46 -3.14 7.38 -0.50
CA GLY A 46 -3.74 6.80 0.71
C GLY A 46 -2.68 6.42 1.74
N PHE A 47 -3.14 5.86 2.85
CA PHE A 47 -2.24 5.47 3.93
C PHE A 47 -2.49 4.05 4.41
N ILE A 48 -1.42 3.38 4.82
CA ILE A 48 -1.50 2.00 5.33
C ILE A 48 -0.98 1.95 6.76
N ASN A 49 -1.76 1.41 7.67
CA ASN A 49 -1.34 1.31 9.07
C ASN A 49 -0.66 -0.02 9.34
N ARG A 50 0.64 0.02 9.55
CA ARG A 50 1.39 -1.20 9.83
C ARG A 50 0.90 -1.82 11.13
N ASN A 51 0.67 -3.14 11.11
CA ASN A 51 0.20 -3.82 12.30
C ASN A 51 1.37 -4.28 13.17
N ASP A 52 2.61 -4.00 12.73
CA ASP A 52 3.78 -4.39 13.50
C ASP A 52 4.31 -3.19 14.27
N THR A 53 4.14 -2.01 13.69
CA THR A 53 4.61 -0.78 14.33
C THR A 53 3.45 0.13 14.73
N LYS A 54 2.25 -0.19 14.27
CA LYS A 54 1.09 0.62 14.59
C LYS A 54 1.32 2.05 14.12
N GLU A 55 2.07 2.20 13.04
CA GLU A 55 2.36 3.52 12.48
C GLU A 55 1.85 3.64 11.05
N ASP A 56 1.35 4.82 10.72
CA ASP A 56 0.82 5.07 9.39
C ASP A 56 1.94 5.13 8.35
N VAL A 57 1.65 4.64 7.15
CA VAL A 57 2.63 4.65 6.07
C VAL A 57 2.06 5.29 4.80
N PHE A 58 2.79 6.25 4.26
CA PHE A 58 2.35 6.94 3.04
C PHE A 58 2.50 6.03 1.83
N VAL A 59 1.45 5.91 1.03
CA VAL A 59 1.50 5.07 -0.17
C VAL A 59 0.95 5.81 -1.37
N HIS A 60 1.32 5.33 -2.55
CA HIS A 60 0.86 5.92 -3.79
C HIS A 60 0.54 4.82 -4.80
N GLN A 61 -0.33 5.13 -5.76
CA GLN A 61 -0.72 4.13 -6.77
C GLN A 61 0.48 3.65 -7.59
N THR A 62 1.52 4.45 -7.65
CA THR A 62 2.71 4.06 -8.38
C THR A 62 3.58 3.16 -7.52
N ALA A 63 3.28 3.07 -6.24
CA ALA A 63 4.03 2.22 -5.32
C ALA A 63 3.44 0.81 -5.25
N ILE A 64 2.38 0.57 -6.02
CA ILE A 64 1.73 -0.73 -6.01
C ILE A 64 2.23 -1.61 -7.15
N LYS A 65 3.14 -2.52 -6.83
CA LYS A 65 3.69 -3.44 -7.83
C LYS A 65 2.60 -4.35 -8.39
N LYS A 66 1.76 -4.89 -7.51
CA LYS A 66 0.70 -5.79 -7.93
C LYS A 66 -0.67 -5.27 -7.50
N ASN A 67 -1.67 -5.50 -8.35
CA ASN A 67 -3.02 -5.05 -8.04
C ASN A 67 -4.04 -5.92 -8.77
N ASN A 68 -5.32 -5.66 -8.52
CA ASN A 68 -6.37 -6.43 -9.16
C ASN A 68 -6.39 -6.13 -10.67
N PRO A 69 -6.20 -7.11 -11.53
CA PRO A 69 -6.19 -6.89 -13.01
C PRO A 69 -7.53 -6.41 -13.54
N ARG A 70 -8.60 -6.75 -12.83
CA ARG A 70 -9.93 -6.34 -13.23
C ARG A 70 -10.07 -4.83 -13.15
N LYS A 71 -9.20 -4.18 -12.37
CA LYS A 71 -9.26 -2.74 -12.20
C LYS A 71 -8.31 -2.05 -13.19
N TYR A 72 -8.84 -1.08 -13.93
CA TYR A 72 -8.03 -0.36 -14.90
C TYR A 72 -6.95 0.47 -14.21
N LEU A 73 -7.31 1.05 -13.07
CA LEU A 73 -6.37 1.87 -12.32
C LEU A 73 -5.96 1.15 -11.04
N ARG A 74 -4.73 1.41 -10.57
CA ARG A 74 -4.24 0.77 -9.36
C ARG A 74 -4.98 1.32 -8.15
N SER A 75 -5.49 0.41 -7.32
CA SER A 75 -6.22 0.80 -6.12
C SER A 75 -5.93 -0.16 -4.98
N VAL A 76 -6.15 0.30 -3.75
CA VAL A 76 -5.90 -0.54 -2.58
C VAL A 76 -7.15 -0.58 -1.72
N GLY A 77 -7.55 -1.77 -1.31
CA GLY A 77 -8.75 -1.92 -0.49
C GLY A 77 -8.60 -1.21 0.84
N ASP A 78 -9.71 -0.68 1.36
CA ASP A 78 -9.69 0.03 2.64
C ASP A 78 -9.93 -0.96 3.78
N GLY A 79 -8.93 -1.13 4.63
CA GLY A 79 -9.06 -2.03 5.77
C GLY A 79 -8.51 -3.41 5.43
N GLU A 80 -8.18 -3.63 4.15
CA GLU A 80 -7.64 -4.90 3.70
C GLU A 80 -6.22 -5.09 4.20
N THR A 81 -5.80 -6.35 4.30
CA THR A 81 -4.45 -6.65 4.75
C THR A 81 -3.51 -6.63 3.55
N VAL A 82 -2.40 -5.90 3.67
CA VAL A 82 -1.46 -5.80 2.56
C VAL A 82 -0.03 -6.10 3.00
N GLU A 83 0.82 -6.46 2.05
CA GLU A 83 2.22 -6.74 2.35
C GLU A 83 3.09 -5.78 1.54
N PHE A 84 4.02 -5.10 2.21
CA PHE A 84 4.85 -4.14 1.50
C PHE A 84 6.17 -3.87 2.23
N ASP A 85 7.12 -3.32 1.49
CA ASP A 85 8.42 -2.96 2.04
C ASP A 85 8.34 -1.58 2.66
N VAL A 86 9.18 -1.31 3.65
CA VAL A 86 9.18 -0.01 4.29
C VAL A 86 10.40 0.78 3.87
N VAL A 87 10.17 1.98 3.34
CA VAL A 87 11.27 2.83 2.91
C VAL A 87 11.21 4.16 3.66
N GLU A 88 12.33 4.56 4.24
CA GLU A 88 12.37 5.79 5.00
C GLU A 88 12.18 7.00 4.09
N GLY A 89 11.19 7.83 4.44
CA GLY A 89 10.91 9.04 3.66
C GLY A 89 11.10 10.29 4.51
N GLU A 90 11.36 11.41 3.85
CA GLU A 90 11.57 12.67 4.55
C GLU A 90 10.34 13.05 5.37
N LYS A 91 9.16 12.93 4.78
CA LYS A 91 7.92 13.24 5.48
C LYS A 91 7.54 12.11 6.45
N GLY A 92 8.10 10.92 6.24
CA GLY A 92 7.79 9.79 7.10
C GLY A 92 8.01 8.48 6.36
N ALA A 93 7.60 7.37 6.97
CA ALA A 93 7.76 6.06 6.35
C ALA A 93 6.93 5.97 5.07
N GLU A 94 7.50 5.35 4.06
CA GLU A 94 6.82 5.20 2.78
C GLU A 94 6.80 3.74 2.34
N ALA A 95 5.65 3.28 1.87
CA ALA A 95 5.51 1.89 1.42
C ALA A 95 5.95 1.76 -0.04
N ALA A 96 6.36 0.55 -0.41
CA ALA A 96 6.81 0.28 -1.78
C ALA A 96 6.56 -1.18 -2.13
N ASN A 97 6.35 -1.45 -3.41
CA ASN A 97 6.10 -2.82 -3.86
C ASN A 97 4.96 -3.43 -3.06
N VAL A 98 3.88 -2.68 -2.92
CA VAL A 98 2.72 -3.14 -2.17
C VAL A 98 1.98 -4.25 -2.91
N THR A 99 1.84 -5.39 -2.25
CA THR A 99 1.13 -6.53 -2.84
C THR A 99 0.28 -7.21 -1.78
N GLY A 100 -0.62 -8.08 -2.22
CA GLY A 100 -1.47 -8.79 -1.28
C GLY A 100 -0.65 -9.88 -0.60
N PRO A 101 -1.20 -10.54 0.37
CA PRO A 101 -0.48 -11.62 1.11
C PRO A 101 -0.28 -12.87 0.25
N GLY A 102 0.92 -13.44 0.32
CA GLY A 102 1.22 -14.64 -0.45
C GLY A 102 1.40 -14.32 -1.94
N GLY A 103 1.68 -13.06 -2.24
CA GLY A 103 1.87 -12.65 -3.64
C GLY A 103 0.53 -12.39 -4.32
N VAL A 104 -0.57 -12.50 -3.56
CA VAL A 104 -1.90 -12.26 -4.10
C VAL A 104 -2.05 -10.80 -4.56
N PRO A 105 -2.66 -10.53 -5.68
CA PRO A 105 -2.83 -9.12 -6.16
C PRO A 105 -3.72 -8.31 -5.22
N VAL A 106 -3.51 -6.99 -5.18
CA VAL A 106 -4.31 -6.14 -4.30
C VAL A 106 -5.75 -6.07 -4.79
N GLN A 107 -6.69 -6.27 -3.87
CA GLN A 107 -8.11 -6.25 -4.22
C GLN A 107 -8.50 -4.89 -4.76
N GLY A 108 -8.05 -3.83 -4.08
CA GLY A 108 -8.35 -2.47 -4.51
C GLY A 108 -9.72 -2.02 -4.02
N SER A 109 -9.91 -0.70 -3.97
CA SER A 109 -11.17 -0.13 -3.53
C SER A 109 -12.24 -0.27 -4.61
N LYS A 110 -13.50 -0.13 -4.22
CA LYS A 110 -14.60 -0.24 -5.15
C LYS A 110 -14.66 0.97 -6.07
N TYR A 111 -14.11 2.08 -5.60
CA TYR A 111 -14.12 3.31 -6.38
C TYR A 111 -13.18 3.19 -7.58
N ALA A 112 -12.29 2.19 -7.57
CA ALA A 112 -11.36 2.02 -8.67
C ALA A 112 -12.11 1.84 -9.98
N ALA A 113 -11.58 2.45 -11.03
CA ALA A 113 -12.20 2.36 -12.35
C ALA A 113 -11.88 1.03 -13.01
N ASP A 24 19.88 5.73 -3.55
CA ASP A 24 18.52 5.17 -3.35
C ASP A 24 18.06 5.44 -1.92
N LYS A 25 16.75 5.39 -1.70
CA LYS A 25 16.21 5.64 -0.37
C LYS A 25 16.48 4.45 0.54
N LYS A 26 16.64 4.72 1.83
CA LYS A 26 16.90 3.66 2.80
C LYS A 26 15.68 2.78 2.98
N VAL A 27 15.91 1.48 2.95
CA VAL A 27 14.83 0.53 3.14
C VAL A 27 14.74 0.14 4.61
N ILE A 28 13.81 0.75 5.31
CA ILE A 28 13.62 0.46 6.73
C ILE A 28 13.21 -0.99 6.95
N ALA A 29 12.30 -1.47 6.10
CA ALA A 29 11.85 -2.86 6.21
C ALA A 29 11.47 -3.42 4.84
N THR A 30 11.43 -4.75 4.75
CA THR A 30 11.07 -5.42 3.51
C THR A 30 9.61 -5.84 3.56
N LYS A 31 9.26 -6.97 2.94
CA LYS A 31 7.88 -7.42 2.93
C LYS A 31 7.31 -7.39 4.35
N VAL A 32 6.42 -6.44 4.60
CA VAL A 32 5.80 -6.30 5.91
C VAL A 32 4.28 -6.27 5.77
N LEU A 33 3.59 -7.09 6.56
CA LEU A 33 2.14 -7.12 6.52
C LEU A 33 1.59 -5.89 7.24
N GLY A 34 0.57 -5.28 6.64
CA GLY A 34 -0.03 -4.09 7.20
C GLY A 34 -1.52 -4.06 6.85
N THR A 35 -2.20 -3.02 7.30
CA THR A 35 -3.62 -2.87 7.03
C THR A 35 -3.91 -1.51 6.43
N VAL A 36 -4.74 -1.48 5.40
CA VAL A 36 -5.09 -0.22 4.75
C VAL A 36 -6.08 0.57 5.58
N LYS A 37 -5.61 1.67 6.17
CA LYS A 37 -6.48 2.51 6.98
C LYS A 37 -7.61 3.05 6.11
N TRP A 38 -7.21 3.61 4.96
CA TRP A 38 -8.14 4.14 3.98
C TRP A 38 -7.38 4.58 2.73
N PHE A 39 -8.01 4.44 1.57
CA PHE A 39 -7.38 4.85 0.31
C PHE A 39 -8.44 5.45 -0.62
N ASN A 40 -8.24 6.70 -1.01
CA ASN A 40 -9.20 7.36 -1.91
C ASN A 40 -8.66 7.42 -3.33
N VAL A 41 -9.44 6.86 -4.25
CA VAL A 41 -9.05 6.86 -5.66
C VAL A 41 -8.97 8.27 -6.22
N ARG A 42 -9.97 9.09 -5.93
CA ARG A 42 -10.02 10.45 -6.44
C ARG A 42 -8.83 11.29 -5.95
N ASN A 43 -8.51 11.19 -4.67
CA ASN A 43 -7.39 11.96 -4.12
C ASN A 43 -6.08 11.56 -4.79
N GLY A 44 -5.93 10.26 -5.07
CA GLY A 44 -4.72 9.76 -5.71
C GLY A 44 -3.66 9.32 -4.69
N TYR A 45 -3.99 9.40 -3.39
CA TYR A 45 -3.03 8.97 -2.37
C TYR A 45 -3.78 8.41 -1.16
N GLY A 46 -3.09 7.65 -0.31
CA GLY A 46 -3.73 7.07 0.86
C GLY A 46 -2.70 6.65 1.90
N PHE A 47 -3.19 6.14 3.04
CA PHE A 47 -2.31 5.73 4.12
C PHE A 47 -2.58 4.29 4.55
N ILE A 48 -1.51 3.58 4.90
CA ILE A 48 -1.60 2.20 5.36
C ILE A 48 -1.05 2.07 6.78
N ASN A 49 -1.83 1.51 7.68
CA ASN A 49 -1.38 1.35 9.06
C ASN A 49 -0.63 0.03 9.25
N ARG A 50 0.63 0.14 9.61
CA ARG A 50 1.44 -1.05 9.84
C ARG A 50 1.01 -1.74 11.13
N ASN A 51 0.81 -3.05 11.06
CA ASN A 51 0.41 -3.79 12.25
C ASN A 51 1.62 -4.16 13.11
N ASP A 52 2.83 -3.89 12.61
CA ASP A 52 4.04 -4.20 13.36
C ASP A 52 4.53 -2.98 14.10
N THR A 53 4.32 -1.80 13.51
CA THR A 53 4.76 -0.55 14.09
C THR A 53 3.58 0.33 14.49
N LYS A 54 2.38 -0.03 14.04
CA LYS A 54 1.20 0.77 14.36
C LYS A 54 1.41 2.20 13.91
N GLU A 55 2.16 2.38 12.82
CA GLU A 55 2.43 3.71 12.30
C GLU A 55 1.96 3.83 10.86
N ASP A 56 1.35 4.97 10.56
CA ASP A 56 0.84 5.23 9.21
C ASP A 56 1.97 5.25 8.19
N VAL A 57 1.69 4.71 7.00
CA VAL A 57 2.68 4.66 5.94
C VAL A 57 2.12 5.26 4.64
N PHE A 58 2.89 6.15 4.03
CA PHE A 58 2.47 6.79 2.78
C PHE A 58 2.45 5.78 1.63
N VAL A 59 1.43 5.84 0.78
CA VAL A 59 1.36 4.91 -0.34
C VAL A 59 0.76 5.59 -1.56
N HIS A 60 1.20 5.14 -2.73
CA HIS A 60 0.70 5.70 -3.99
C HIS A 60 0.40 4.57 -4.97
N GLN A 61 -0.43 4.85 -5.97
CA GLN A 61 -0.80 3.82 -6.95
C GLN A 61 0.40 3.31 -7.72
N THR A 62 1.31 4.21 -8.06
CA THR A 62 2.52 3.81 -8.78
C THR A 62 3.40 2.93 -7.89
N ALA A 63 3.16 2.98 -6.58
CA ALA A 63 3.94 2.18 -5.63
C ALA A 63 3.36 0.78 -5.50
N ILE A 64 2.27 0.50 -6.22
CA ILE A 64 1.63 -0.81 -6.13
C ILE A 64 2.11 -1.74 -7.24
N LYS A 65 3.00 -2.67 -6.89
CA LYS A 65 3.53 -3.63 -7.85
C LYS A 65 2.41 -4.53 -8.40
N LYS A 66 1.55 -5.00 -7.52
CA LYS A 66 0.45 -5.88 -7.93
C LYS A 66 -0.89 -5.35 -7.45
N ASN A 67 -1.93 -5.60 -8.23
CA ASN A 67 -3.27 -5.15 -7.87
C ASN A 67 -4.31 -6.03 -8.54
N ASN A 68 -5.58 -5.75 -8.25
CA ASN A 68 -6.66 -6.53 -8.83
C ASN A 68 -6.71 -6.31 -10.35
N PRO A 69 -6.57 -7.34 -11.16
CA PRO A 69 -6.58 -7.19 -12.65
C PRO A 69 -7.92 -6.72 -13.17
N ARG A 70 -8.97 -6.94 -12.39
CA ARG A 70 -10.31 -6.52 -12.78
C ARG A 70 -10.40 -4.99 -12.80
N LYS A 71 -9.50 -4.33 -12.08
CA LYS A 71 -9.52 -2.87 -12.02
C LYS A 71 -8.45 -2.29 -12.95
N TYR A 72 -8.87 -1.45 -13.89
CA TYR A 72 -7.93 -0.83 -14.81
C TYR A 72 -6.91 0.02 -14.07
N LEU A 73 -7.39 0.86 -13.17
CA LEU A 73 -6.51 1.74 -12.39
C LEU A 73 -6.12 1.06 -11.08
N ARG A 74 -4.82 1.06 -10.78
CA ARG A 74 -4.34 0.44 -9.55
C ARG A 74 -4.98 1.09 -8.34
N SER A 75 -5.47 0.28 -7.43
CA SER A 75 -6.11 0.78 -6.21
C SER A 75 -5.91 -0.18 -5.05
N VAL A 76 -6.05 0.32 -3.83
CA VAL A 76 -5.88 -0.52 -2.65
C VAL A 76 -7.17 -0.52 -1.83
N GLY A 77 -7.68 -1.70 -1.51
CA GLY A 77 -8.91 -1.81 -0.74
C GLY A 77 -8.71 -1.33 0.69
N ASP A 78 -9.78 -0.79 1.28
CA ASP A 78 -9.70 -0.31 2.66
C ASP A 78 -9.98 -1.46 3.62
N GLY A 79 -9.16 -1.57 4.66
CA GLY A 79 -9.33 -2.63 5.64
C GLY A 79 -8.73 -3.94 5.11
N GLU A 80 -8.08 -3.87 3.95
CA GLU A 80 -7.47 -5.04 3.34
C GLU A 80 -6.01 -5.15 3.77
N THR A 81 -5.64 -6.33 4.22
CA THR A 81 -4.27 -6.58 4.65
C THR A 81 -3.34 -6.55 3.45
N VAL A 82 -2.24 -5.82 3.55
CA VAL A 82 -1.32 -5.72 2.42
C VAL A 82 0.12 -6.01 2.84
N GLU A 83 0.95 -6.40 1.87
CA GLU A 83 2.35 -6.69 2.15
C GLU A 83 3.20 -5.71 1.34
N PHE A 84 4.11 -5.00 2.02
CA PHE A 84 4.91 -4.01 1.32
C PHE A 84 6.23 -3.72 2.03
N ASP A 85 7.15 -3.10 1.30
CA ASP A 85 8.44 -2.72 1.85
C ASP A 85 8.34 -1.34 2.48
N VAL A 86 9.13 -1.08 3.51
CA VAL A 86 9.11 0.21 4.16
C VAL A 86 10.35 1.01 3.80
N VAL A 87 10.15 2.21 3.28
CA VAL A 87 11.26 3.07 2.90
C VAL A 87 11.21 4.35 3.73
N GLU A 88 12.33 4.69 4.35
CA GLU A 88 12.37 5.89 5.19
C GLU A 88 12.07 7.14 4.38
N GLY A 89 11.07 7.89 4.83
CA GLY A 89 10.69 9.12 4.14
C GLY A 89 10.94 10.34 5.04
N GLU A 90 11.07 11.51 4.42
CA GLU A 90 11.33 12.73 5.17
C GLU A 90 10.17 13.05 6.11
N LYS A 91 8.95 12.83 5.64
CA LYS A 91 7.77 13.13 6.44
C LYS A 91 7.34 11.90 7.25
N GLY A 92 7.91 10.74 6.95
CA GLY A 92 7.56 9.52 7.66
C GLY A 92 7.90 8.29 6.84
N ALA A 93 7.47 7.12 7.31
CA ALA A 93 7.74 5.89 6.60
C ALA A 93 7.01 5.86 5.25
N GLU A 94 7.62 5.21 4.26
CA GLU A 94 7.02 5.13 2.94
C GLU A 94 6.76 3.67 2.57
N ALA A 95 5.85 3.46 1.64
CA ALA A 95 5.52 2.11 1.19
C ALA A 95 5.78 1.95 -0.30
N ALA A 96 6.25 0.76 -0.69
CA ALA A 96 6.55 0.48 -2.09
C ALA A 96 6.35 -1.00 -2.38
N ASN A 97 6.14 -1.33 -3.65
CA ASN A 97 5.95 -2.73 -4.04
C ASN A 97 4.83 -3.35 -3.20
N VAL A 98 3.73 -2.62 -3.08
CA VAL A 98 2.59 -3.10 -2.29
C VAL A 98 1.85 -4.22 -3.02
N THR A 99 1.79 -5.37 -2.37
CA THR A 99 1.10 -6.53 -2.94
C THR A 99 0.30 -7.24 -1.86
N GLY A 100 -0.62 -8.09 -2.27
CA GLY A 100 -1.41 -8.84 -1.30
C GLY A 100 -0.54 -9.92 -0.66
N PRO A 101 -1.03 -10.59 0.34
CA PRO A 101 -0.25 -11.66 1.03
C PRO A 101 -0.06 -12.89 0.15
N GLY A 102 1.15 -13.43 0.17
CA GLY A 102 1.45 -14.63 -0.63
C GLY A 102 1.56 -14.30 -2.11
N GLY A 103 1.78 -13.02 -2.43
CA GLY A 103 1.91 -12.61 -3.82
C GLY A 103 0.52 -12.35 -4.44
N VAL A 104 -0.53 -12.53 -3.64
CA VAL A 104 -1.88 -12.30 -4.13
C VAL A 104 -2.08 -10.84 -4.55
N PRO A 105 -2.75 -10.56 -5.65
CA PRO A 105 -2.97 -9.15 -6.11
C PRO A 105 -3.84 -8.38 -5.11
N VAL A 106 -3.62 -7.07 -5.03
CA VAL A 106 -4.39 -6.24 -4.11
C VAL A 106 -5.86 -6.20 -4.52
N GLN A 107 -6.75 -6.39 -3.55
CA GLN A 107 -8.19 -6.38 -3.83
C GLN A 107 -8.62 -5.04 -4.41
N GLY A 108 -8.08 -3.96 -3.84
CA GLY A 108 -8.41 -2.62 -4.31
C GLY A 108 -9.70 -2.11 -3.71
N SER A 109 -10.08 -0.89 -4.07
CA SER A 109 -11.30 -0.27 -3.57
C SER A 109 -12.37 -0.25 -4.65
N LYS A 110 -13.62 -0.09 -4.23
CA LYS A 110 -14.74 -0.05 -5.16
C LYS A 110 -14.59 1.12 -6.13
N TYR A 111 -14.09 2.23 -5.61
CA TYR A 111 -13.90 3.41 -6.44
C TYR A 111 -12.85 3.16 -7.52
N ALA A 112 -12.09 2.09 -7.38
CA ALA A 112 -11.05 1.78 -8.37
C ALA A 112 -11.68 1.61 -9.75
N ALA A 113 -10.97 2.09 -10.77
CA ALA A 113 -11.46 1.99 -12.13
C ALA A 113 -11.10 0.63 -12.74
N ASP A 24 21.46 4.74 -3.06
CA ASP A 24 20.24 3.92 -2.82
C ASP A 24 19.57 4.38 -1.53
N LYS A 25 18.25 4.49 -1.57
CA LYS A 25 17.49 4.93 -0.41
C LYS A 25 17.50 3.83 0.66
N LYS A 26 17.53 4.26 1.93
CA LYS A 26 17.52 3.30 3.03
C LYS A 26 16.20 2.55 3.10
N VAL A 27 16.30 1.25 3.27
CA VAL A 27 15.12 0.41 3.38
C VAL A 27 14.88 0.07 4.84
N ILE A 28 13.87 0.69 5.42
CA ILE A 28 13.54 0.48 6.82
C ILE A 28 13.13 -0.96 7.08
N ALA A 29 12.28 -1.49 6.20
CA ALA A 29 11.80 -2.86 6.36
C ALA A 29 11.45 -3.47 5.00
N THR A 30 11.33 -4.80 4.99
CA THR A 30 10.99 -5.52 3.76
C THR A 30 9.52 -5.92 3.80
N LYS A 31 9.17 -7.04 3.18
CA LYS A 31 7.77 -7.47 3.15
C LYS A 31 7.21 -7.51 4.57
N VAL A 32 6.23 -6.65 4.83
CA VAL A 32 5.59 -6.57 6.13
C VAL A 32 4.08 -6.57 6.00
N LEU A 33 3.40 -7.43 6.75
CA LEU A 33 1.95 -7.47 6.72
C LEU A 33 1.38 -6.28 7.48
N GLY A 34 0.44 -5.59 6.84
CA GLY A 34 -0.18 -4.42 7.44
C GLY A 34 -1.64 -4.33 7.00
N THR A 35 -2.31 -3.27 7.43
CA THR A 35 -3.71 -3.08 7.09
C THR A 35 -3.93 -1.69 6.50
N VAL A 36 -4.73 -1.63 5.45
CA VAL A 36 -4.99 -0.34 4.80
C VAL A 36 -5.92 0.51 5.64
N LYS A 37 -5.42 1.64 6.13
CA LYS A 37 -6.25 2.53 6.95
C LYS A 37 -7.41 3.04 6.10
N TRP A 38 -7.07 3.51 4.90
CA TRP A 38 -8.04 4.02 3.94
C TRP A 38 -7.33 4.48 2.67
N PHE A 39 -7.93 4.19 1.51
CA PHE A 39 -7.35 4.60 0.24
C PHE A 39 -8.43 5.18 -0.67
N ASN A 40 -8.30 6.45 -1.02
CA ASN A 40 -9.29 7.09 -1.87
C ASN A 40 -8.78 7.22 -3.30
N VAL A 41 -9.55 6.68 -4.23
CA VAL A 41 -9.18 6.73 -5.65
C VAL A 41 -9.12 8.17 -6.16
N ARG A 42 -10.14 8.96 -5.82
CA ARG A 42 -10.20 10.34 -6.26
C ARG A 42 -9.01 11.17 -5.76
N ASN A 43 -8.69 11.03 -4.48
CA ASN A 43 -7.57 11.78 -3.91
C ASN A 43 -6.25 11.40 -4.59
N GLY A 44 -6.11 10.12 -4.89
CA GLY A 44 -4.89 9.63 -5.55
C GLY A 44 -3.83 9.17 -4.55
N TYR A 45 -4.14 9.21 -3.26
CA TYR A 45 -3.19 8.77 -2.25
C TYR A 45 -3.92 8.18 -1.04
N GLY A 46 -3.22 7.40 -0.22
CA GLY A 46 -3.85 6.79 0.94
C GLY A 46 -2.83 6.42 2.01
N PHE A 47 -3.30 5.84 3.11
CA PHE A 47 -2.43 5.46 4.21
C PHE A 47 -2.65 4.01 4.64
N ILE A 48 -1.58 3.37 5.08
CA ILE A 48 -1.63 1.99 5.54
C ILE A 48 -1.03 1.89 6.94
N ASN A 49 -1.78 1.29 7.87
CA ASN A 49 -1.28 1.15 9.23
C ASN A 49 -0.61 -0.20 9.42
N ARG A 50 0.64 -0.17 9.90
CA ARG A 50 1.37 -1.40 10.13
C ARG A 50 0.85 -2.10 11.38
N ASN A 51 0.58 -3.39 11.27
CA ASN A 51 0.09 -4.15 12.42
C ASN A 51 1.23 -4.62 13.31
N ASP A 52 2.47 -4.29 12.92
CA ASP A 52 3.63 -4.69 13.72
C ASP A 52 4.12 -3.51 14.56
N THR A 53 3.97 -2.31 14.01
CA THR A 53 4.41 -1.10 14.68
C THR A 53 3.24 -0.18 15.00
N LYS A 54 2.06 -0.49 14.47
CA LYS A 54 0.90 0.34 14.69
C LYS A 54 1.18 1.77 14.25
N GLU A 55 2.04 1.90 13.23
CA GLU A 55 2.38 3.21 12.70
C GLU A 55 1.95 3.36 11.26
N ASP A 56 1.39 4.52 10.95
CA ASP A 56 0.92 4.81 9.60
C ASP A 56 2.08 5.07 8.65
N VAL A 57 1.82 4.89 7.36
CA VAL A 57 2.86 5.12 6.35
C VAL A 57 2.25 5.72 5.07
N PHE A 58 3.04 6.53 4.38
CA PHE A 58 2.58 7.17 3.14
C PHE A 58 2.63 6.17 1.98
N VAL A 59 1.59 6.14 1.15
CA VAL A 59 1.58 5.23 0.01
C VAL A 59 0.90 5.87 -1.18
N HIS A 60 1.37 5.50 -2.37
CA HIS A 60 0.81 6.03 -3.60
C HIS A 60 0.56 4.89 -4.59
N GLN A 61 -0.32 5.12 -5.56
CA GLN A 61 -0.66 4.09 -6.53
C GLN A 61 0.56 3.63 -7.32
N THR A 62 1.57 4.48 -7.43
CA THR A 62 2.78 4.12 -8.15
C THR A 62 3.63 3.17 -7.30
N ALA A 63 3.33 3.10 -6.01
CA ALA A 63 4.07 2.22 -5.11
C ALA A 63 3.46 0.81 -5.10
N ILE A 64 2.41 0.59 -5.87
CA ILE A 64 1.75 -0.70 -5.90
C ILE A 64 2.27 -1.57 -7.04
N LYS A 65 3.16 -2.49 -6.71
CA LYS A 65 3.74 -3.41 -7.69
C LYS A 65 2.66 -4.32 -8.28
N LYS A 66 1.78 -4.83 -7.43
CA LYS A 66 0.72 -5.73 -7.88
C LYS A 66 -0.66 -5.14 -7.60
N ASN A 67 -1.57 -5.28 -8.56
CA ASN A 67 -2.91 -4.76 -8.41
C ASN A 67 -3.90 -5.64 -9.16
N ASN A 68 -5.15 -5.64 -8.70
CA ASN A 68 -6.18 -6.44 -9.35
C ASN A 68 -6.30 -6.03 -10.83
N PRO A 69 -6.10 -6.94 -11.77
CA PRO A 69 -6.19 -6.60 -13.23
C PRO A 69 -7.61 -6.21 -13.64
N ARG A 70 -8.59 -6.59 -12.84
CA ARG A 70 -9.98 -6.26 -13.12
C ARG A 70 -10.19 -4.76 -13.11
N LYS A 71 -9.32 -4.03 -12.41
CA LYS A 71 -9.42 -2.59 -12.32
C LYS A 71 -8.43 -1.91 -13.25
N TYR A 72 -8.90 -0.92 -14.01
CA TYR A 72 -8.04 -0.20 -14.94
C TYR A 72 -7.02 0.64 -14.19
N LEU A 73 -7.46 1.25 -13.09
CA LEU A 73 -6.59 2.10 -12.29
C LEU A 73 -6.14 1.36 -11.03
N ARG A 74 -4.90 1.59 -10.63
CA ARG A 74 -4.38 0.94 -9.43
C ARG A 74 -5.10 1.46 -8.20
N SER A 75 -5.43 0.55 -7.29
CA SER A 75 -6.14 0.91 -6.06
C SER A 75 -5.89 -0.13 -4.98
N VAL A 76 -5.98 0.29 -3.72
CA VAL A 76 -5.79 -0.63 -2.62
C VAL A 76 -7.04 -0.68 -1.75
N GLY A 77 -7.50 -1.90 -1.43
CA GLY A 77 -8.71 -2.05 -0.65
C GLY A 77 -8.59 -1.36 0.71
N ASP A 78 -9.69 -0.77 1.16
CA ASP A 78 -9.69 -0.08 2.45
C ASP A 78 -9.89 -1.10 3.58
N GLY A 79 -8.92 -1.17 4.48
CA GLY A 79 -9.01 -2.11 5.59
C GLY A 79 -8.50 -3.49 5.17
N GLU A 80 -8.04 -3.59 3.92
CA GLU A 80 -7.53 -4.85 3.39
C GLU A 80 -6.10 -5.07 3.83
N THR A 81 -5.79 -6.30 4.23
CA THR A 81 -4.44 -6.63 4.64
C THR A 81 -3.50 -6.59 3.44
N VAL A 82 -2.36 -5.93 3.58
CA VAL A 82 -1.42 -5.82 2.47
C VAL A 82 0.01 -6.12 2.91
N GLU A 83 0.85 -6.49 1.96
CA GLU A 83 2.26 -6.77 2.24
C GLU A 83 3.10 -5.77 1.47
N PHE A 84 4.00 -5.08 2.16
CA PHE A 84 4.81 -4.07 1.49
C PHE A 84 6.13 -3.81 2.20
N ASP A 85 7.06 -3.21 1.46
CA ASP A 85 8.37 -2.87 2.01
C ASP A 85 8.33 -1.44 2.53
N VAL A 86 9.11 -1.16 3.57
CA VAL A 86 9.15 0.17 4.13
C VAL A 86 10.45 0.86 3.77
N VAL A 87 10.34 2.05 3.18
CA VAL A 87 11.51 2.82 2.79
C VAL A 87 11.36 4.25 3.23
N GLU A 88 12.45 4.87 3.67
CA GLU A 88 12.40 6.24 4.15
C GLU A 88 12.00 7.19 3.02
N GLY A 89 11.07 8.09 3.32
CA GLY A 89 10.61 9.06 2.34
C GLY A 89 10.90 10.49 2.79
N GLU A 90 10.82 11.43 1.86
CA GLU A 90 11.08 12.83 2.19
C GLU A 90 10.09 13.35 3.22
N LYS A 91 8.83 12.97 3.08
CA LYS A 91 7.80 13.39 4.02
C LYS A 91 7.65 12.40 5.17
N GLY A 92 8.44 11.33 5.15
CA GLY A 92 8.36 10.31 6.19
C GLY A 92 8.41 8.92 5.58
N ALA A 93 8.12 7.91 6.40
CA ALA A 93 8.14 6.53 5.93
C ALA A 93 7.17 6.36 4.76
N GLU A 94 7.60 5.64 3.74
CA GLU A 94 6.78 5.42 2.56
C GLU A 94 6.78 3.95 2.17
N ALA A 95 5.61 3.42 1.87
CA ALA A 95 5.49 2.02 1.46
C ALA A 95 5.88 1.82 0.00
N ALA A 96 6.35 0.63 -0.33
CA ALA A 96 6.76 0.32 -1.71
C ALA A 96 6.52 -1.15 -2.01
N ASN A 97 6.40 -1.48 -3.29
CA ASN A 97 6.17 -2.87 -3.67
C ASN A 97 4.97 -3.44 -2.92
N VAL A 98 3.90 -2.67 -2.86
CA VAL A 98 2.69 -3.10 -2.16
C VAL A 98 1.97 -4.19 -2.93
N THR A 99 1.75 -5.32 -2.27
CA THR A 99 1.06 -6.44 -2.90
C THR A 99 0.06 -7.03 -1.92
N GLY A 100 -0.81 -7.91 -2.41
CA GLY A 100 -1.79 -8.55 -1.54
C GLY A 100 -1.09 -9.62 -0.71
N PRO A 101 -1.76 -10.17 0.26
CA PRO A 101 -1.17 -11.23 1.13
C PRO A 101 -0.85 -12.50 0.38
N GLY A 102 0.29 -13.11 0.67
CA GLY A 102 0.70 -14.34 0.01
C GLY A 102 1.15 -14.09 -1.42
N GLY A 103 1.44 -12.83 -1.74
CA GLY A 103 1.87 -12.47 -3.09
C GLY A 103 0.68 -12.31 -4.03
N VAL A 104 -0.52 -12.45 -3.48
CA VAL A 104 -1.75 -12.31 -4.28
C VAL A 104 -1.93 -10.85 -4.72
N PRO A 105 -2.51 -10.60 -5.87
CA PRO A 105 -2.73 -9.19 -6.34
C PRO A 105 -3.60 -8.40 -5.35
N VAL A 106 -3.39 -7.08 -5.29
CA VAL A 106 -4.16 -6.25 -4.38
C VAL A 106 -5.64 -6.22 -4.78
N GLN A 107 -6.51 -6.45 -3.81
CA GLN A 107 -7.94 -6.46 -4.08
C GLN A 107 -8.41 -5.09 -4.59
N GLY A 108 -7.85 -4.04 -4.00
CA GLY A 108 -8.21 -2.68 -4.40
C GLY A 108 -9.52 -2.23 -3.78
N SER A 109 -9.98 -1.06 -4.20
CA SER A 109 -11.23 -0.49 -3.68
C SER A 109 -12.29 -0.46 -4.77
N LYS A 110 -13.55 -0.41 -4.35
CA LYS A 110 -14.67 -0.37 -5.29
C LYS A 110 -14.58 0.85 -6.18
N TYR A 111 -14.15 1.96 -5.59
CA TYR A 111 -14.03 3.21 -6.33
C TYR A 111 -13.04 3.07 -7.48
N ALA A 112 -12.17 2.07 -7.42
CA ALA A 112 -11.19 1.85 -8.48
C ALA A 112 -11.89 1.63 -9.81
N ALA A 113 -11.35 2.24 -10.85
CA ALA A 113 -11.92 2.10 -12.19
C ALA A 113 -11.66 0.71 -12.74
N ASP A 24 21.01 3.76 -3.08
CA ASP A 24 19.52 3.63 -3.02
C ASP A 24 19.02 4.12 -1.66
N LYS A 25 17.72 4.33 -1.56
CA LYS A 25 17.12 4.80 -0.32
C LYS A 25 17.15 3.69 0.73
N LYS A 26 17.32 4.08 1.99
CA LYS A 26 17.35 3.11 3.07
C LYS A 26 16.03 2.39 3.20
N VAL A 27 16.11 1.07 3.32
CA VAL A 27 14.92 0.26 3.47
C VAL A 27 14.72 -0.08 4.94
N ILE A 28 13.79 0.62 5.58
CA ILE A 28 13.51 0.41 6.99
C ILE A 28 12.99 -1.00 7.23
N ALA A 29 12.09 -1.46 6.37
CA ALA A 29 11.52 -2.79 6.50
C ALA A 29 11.22 -3.41 5.13
N THR A 30 11.15 -4.73 5.10
CA THR A 30 10.86 -5.46 3.87
C THR A 30 9.40 -5.92 3.88
N LYS A 31 9.10 -7.03 3.22
CA LYS A 31 7.72 -7.50 3.17
C LYS A 31 7.11 -7.50 4.58
N VAL A 32 6.25 -6.52 4.82
CA VAL A 32 5.58 -6.39 6.11
C VAL A 32 4.07 -6.35 5.94
N LEU A 33 3.36 -7.18 6.68
CA LEU A 33 1.91 -7.20 6.61
C LEU A 33 1.34 -5.99 7.33
N GLY A 34 0.33 -5.38 6.72
CA GLY A 34 -0.31 -4.21 7.30
C GLY A 34 -1.77 -4.16 6.89
N THR A 35 -2.46 -3.12 7.31
CA THR A 35 -3.87 -2.96 6.98
C THR A 35 -4.13 -1.58 6.41
N VAL A 36 -4.94 -1.52 5.37
CA VAL A 36 -5.25 -0.24 4.73
C VAL A 36 -6.19 0.59 5.61
N LYS A 37 -5.66 1.67 6.17
CA LYS A 37 -6.48 2.54 7.01
C LYS A 37 -7.64 3.10 6.18
N TRP A 38 -7.26 3.65 5.03
CA TRP A 38 -8.22 4.21 4.07
C TRP A 38 -7.50 4.69 2.83
N PHE A 39 -8.09 4.44 1.66
CA PHE A 39 -7.49 4.88 0.40
C PHE A 39 -8.57 5.44 -0.52
N ASN A 40 -8.47 6.72 -0.85
CA ASN A 40 -9.45 7.36 -1.72
C ASN A 40 -8.93 7.46 -3.14
N VAL A 41 -9.67 6.86 -4.07
CA VAL A 41 -9.29 6.86 -5.47
C VAL A 41 -9.25 8.29 -6.03
N ARG A 42 -10.28 9.07 -5.73
CA ARG A 42 -10.36 10.44 -6.24
C ARG A 42 -9.22 11.31 -5.72
N ASN A 43 -8.89 11.18 -4.44
CA ASN A 43 -7.81 11.98 -3.86
C ASN A 43 -6.48 11.67 -4.55
N GLY A 44 -6.26 10.40 -4.85
CA GLY A 44 -5.02 9.99 -5.51
C GLY A 44 -3.95 9.55 -4.51
N TYR A 45 -4.27 9.55 -3.22
CA TYR A 45 -3.30 9.12 -2.21
C TYR A 45 -4.03 8.50 -1.02
N GLY A 46 -3.29 7.74 -0.20
CA GLY A 46 -3.90 7.10 0.97
C GLY A 46 -2.85 6.68 1.98
N PHE A 47 -3.32 6.07 3.07
CA PHE A 47 -2.42 5.65 4.15
C PHE A 47 -2.66 4.19 4.55
N ILE A 48 -1.57 3.51 4.90
CA ILE A 48 -1.63 2.12 5.34
C ILE A 48 -1.09 1.99 6.76
N ASN A 49 -1.88 1.40 7.65
CA ASN A 49 -1.44 1.24 9.03
C ASN A 49 -0.78 -0.11 9.23
N ARG A 50 0.48 -0.08 9.64
CA ARG A 50 1.23 -1.31 9.89
C ARG A 50 0.72 -1.97 11.16
N ASN A 51 0.48 -3.28 11.12
CA ASN A 51 0.01 -3.99 12.29
C ASN A 51 1.18 -4.38 13.20
N ASP A 52 2.42 -4.19 12.72
CA ASP A 52 3.59 -4.53 13.53
C ASP A 52 4.06 -3.31 14.31
N THR A 53 3.89 -2.14 13.72
CA THR A 53 4.32 -0.90 14.34
C THR A 53 3.13 0.02 14.67
N LYS A 54 1.95 -0.35 14.19
CA LYS A 54 0.77 0.47 14.44
C LYS A 54 1.03 1.91 14.01
N GLU A 55 1.85 2.07 12.97
CA GLU A 55 2.17 3.39 12.46
C GLU A 55 1.76 3.55 11.01
N ASP A 56 1.13 4.67 10.71
CA ASP A 56 0.67 4.96 9.36
C ASP A 56 1.84 5.07 8.39
N VAL A 57 1.63 4.61 7.16
CA VAL A 57 2.67 4.65 6.14
C VAL A 57 2.14 5.26 4.84
N PHE A 58 2.90 6.19 4.27
CA PHE A 58 2.49 6.85 3.03
C PHE A 58 2.47 5.84 1.88
N VAL A 59 1.44 5.93 1.04
CA VAL A 59 1.34 5.01 -0.10
C VAL A 59 0.74 5.71 -1.31
N HIS A 60 1.17 5.29 -2.48
CA HIS A 60 0.67 5.85 -3.73
C HIS A 60 0.42 4.75 -4.74
N GLN A 61 -0.40 5.03 -5.76
CA GLN A 61 -0.73 4.02 -6.76
C GLN A 61 0.50 3.56 -7.52
N THR A 62 1.40 4.48 -7.83
CA THR A 62 2.62 4.12 -8.54
C THR A 62 3.53 3.26 -7.66
N ALA A 63 3.25 3.25 -6.36
CA ALA A 63 4.05 2.46 -5.42
C ALA A 63 3.51 1.05 -5.30
N ILE A 64 2.47 0.72 -6.07
CA ILE A 64 1.86 -0.60 -6.00
C ILE A 64 2.36 -1.50 -7.13
N LYS A 65 3.20 -2.47 -6.77
CA LYS A 65 3.76 -3.40 -7.75
C LYS A 65 2.67 -4.28 -8.36
N LYS A 66 1.76 -4.76 -7.52
CA LYS A 66 0.70 -5.64 -7.98
C LYS A 66 -0.68 -5.09 -7.62
N ASN A 67 -1.64 -5.30 -8.51
CA ASN A 67 -3.00 -4.82 -8.28
C ASN A 67 -4.00 -5.81 -8.84
N ASN A 68 -5.27 -5.62 -8.50
CA ASN A 68 -6.32 -6.51 -8.98
C ASN A 68 -6.28 -6.56 -10.52
N PRO A 69 -6.09 -7.73 -11.13
CA PRO A 69 -6.00 -7.84 -12.61
C PRO A 69 -7.23 -7.28 -13.32
N ARG A 70 -8.40 -7.56 -12.78
CA ARG A 70 -9.64 -7.08 -13.38
C ARG A 70 -9.69 -5.56 -13.34
N LYS A 71 -8.81 -4.94 -12.53
CA LYS A 71 -8.78 -3.49 -12.42
C LYS A 71 -7.59 -2.91 -13.20
N TYR A 72 -7.88 -2.09 -14.20
CA TYR A 72 -6.83 -1.48 -15.01
C TYR A 72 -6.18 -0.32 -14.26
N LEU A 73 -6.92 0.24 -13.30
CA LEU A 73 -6.41 1.36 -12.52
C LEU A 73 -5.93 0.86 -11.16
N ARG A 74 -4.68 1.18 -10.82
CA ARG A 74 -4.12 0.74 -9.55
C ARG A 74 -4.93 1.30 -8.39
N SER A 75 -5.25 0.45 -7.43
CA SER A 75 -6.02 0.87 -6.27
C SER A 75 -5.85 -0.13 -5.13
N VAL A 76 -5.98 0.35 -3.90
CA VAL A 76 -5.85 -0.51 -2.74
C VAL A 76 -7.17 -0.53 -1.96
N GLY A 77 -7.69 -1.72 -1.69
CA GLY A 77 -8.95 -1.84 -0.96
C GLY A 77 -8.79 -1.38 0.48
N ASP A 78 -9.85 -0.78 1.03
CA ASP A 78 -9.83 -0.32 2.40
C ASP A 78 -10.15 -1.47 3.35
N GLY A 79 -9.39 -1.58 4.42
CA GLY A 79 -9.60 -2.65 5.39
C GLY A 79 -8.98 -3.95 4.89
N GLU A 80 -8.30 -3.88 3.76
CA GLU A 80 -7.66 -5.06 3.18
C GLU A 80 -6.22 -5.17 3.65
N THR A 81 -5.85 -6.36 4.09
CA THR A 81 -4.48 -6.59 4.55
C THR A 81 -3.53 -6.55 3.37
N VAL A 82 -2.42 -5.84 3.52
CA VAL A 82 -1.47 -5.71 2.42
C VAL A 82 -0.04 -5.98 2.89
N GLU A 83 0.83 -6.34 1.95
CA GLU A 83 2.23 -6.59 2.26
C GLU A 83 3.09 -5.62 1.47
N PHE A 84 4.02 -4.96 2.14
CA PHE A 84 4.84 -3.97 1.45
C PHE A 84 6.17 -3.73 2.16
N ASP A 85 7.09 -3.10 1.42
CA ASP A 85 8.41 -2.78 1.96
C ASP A 85 8.41 -1.33 2.44
N VAL A 86 9.06 -1.07 3.57
CA VAL A 86 9.12 0.29 4.08
C VAL A 86 10.47 0.92 3.76
N VAL A 87 10.42 2.08 3.13
CA VAL A 87 11.64 2.78 2.76
C VAL A 87 11.64 4.16 3.40
N GLU A 88 12.75 4.51 4.03
CA GLU A 88 12.84 5.80 4.70
C GLU A 88 12.72 6.95 3.70
N GLY A 89 11.79 7.86 3.97
CA GLY A 89 11.57 9.01 3.11
C GLY A 89 12.01 10.30 3.79
N GLU A 90 12.17 11.36 3.01
CA GLU A 90 12.59 12.65 3.55
C GLU A 90 11.57 13.18 4.56
N LYS A 91 10.29 13.05 4.22
CA LYS A 91 9.23 13.50 5.12
C LYS A 91 8.90 12.45 6.17
N GLY A 92 9.25 11.19 5.89
CA GLY A 92 8.96 10.11 6.82
C GLY A 92 9.00 8.77 6.12
N ALA A 93 8.55 7.73 6.82
CA ALA A 93 8.54 6.38 6.25
C ALA A 93 7.60 6.33 5.05
N GLU A 94 7.98 5.55 4.04
CA GLU A 94 7.17 5.41 2.83
C GLU A 94 6.99 3.95 2.47
N ALA A 95 5.88 3.62 1.84
CA ALA A 95 5.61 2.26 1.42
C ALA A 95 5.79 2.09 -0.08
N ALA A 96 6.28 0.92 -0.49
CA ALA A 96 6.51 0.63 -1.90
C ALA A 96 6.34 -0.86 -2.18
N ASN A 97 6.18 -1.21 -3.44
CA ASN A 97 6.00 -2.61 -3.81
C ASN A 97 4.86 -3.23 -3.01
N VAL A 98 3.75 -2.50 -2.93
CA VAL A 98 2.59 -2.97 -2.18
C VAL A 98 1.86 -4.08 -2.94
N THR A 99 1.71 -5.22 -2.28
CA THR A 99 1.03 -6.36 -2.87
C THR A 99 0.12 -7.01 -1.84
N GLY A 100 -0.74 -7.90 -2.29
CA GLY A 100 -1.64 -8.61 -1.37
C GLY A 100 -0.84 -9.67 -0.63
N PRO A 101 -1.44 -10.34 0.32
CA PRO A 101 -0.75 -11.38 1.12
C PRO A 101 -0.43 -12.63 0.29
N GLY A 102 0.78 -13.16 0.47
CA GLY A 102 1.18 -14.36 -0.27
C GLY A 102 1.45 -14.05 -1.73
N GLY A 103 1.67 -12.78 -2.05
CA GLY A 103 1.92 -12.37 -3.43
C GLY A 103 0.61 -12.19 -4.20
N VAL A 104 -0.51 -12.36 -3.51
CA VAL A 104 -1.82 -12.20 -4.13
C VAL A 104 -2.03 -10.76 -4.61
N PRO A 105 -2.56 -10.53 -5.79
CA PRO A 105 -2.81 -9.14 -6.29
C PRO A 105 -3.69 -8.34 -5.32
N VAL A 106 -3.43 -7.04 -5.21
CA VAL A 106 -4.22 -6.20 -4.32
C VAL A 106 -5.68 -6.14 -4.78
N GLN A 107 -6.59 -6.35 -3.84
CA GLN A 107 -8.03 -6.33 -4.17
C GLN A 107 -8.43 -4.97 -4.73
N GLY A 108 -7.93 -3.92 -4.11
CA GLY A 108 -8.24 -2.55 -4.56
C GLY A 108 -9.58 -2.08 -4.01
N SER A 109 -9.95 -0.85 -4.37
CA SER A 109 -11.20 -0.26 -3.92
C SER A 109 -12.22 -0.22 -5.05
N LYS A 110 -13.47 -0.50 -4.71
CA LYS A 110 -14.53 -0.50 -5.70
C LYS A 110 -14.65 0.86 -6.37
N TYR A 111 -14.14 1.88 -5.70
CA TYR A 111 -14.19 3.23 -6.24
C TYR A 111 -13.32 3.36 -7.49
N ALA A 112 -12.34 2.46 -7.62
CA ALA A 112 -11.46 2.50 -8.79
C ALA A 112 -12.25 2.42 -10.08
N ALA A 113 -11.87 3.24 -11.05
CA ALA A 113 -12.58 3.26 -12.33
C ALA A 113 -12.25 2.01 -13.14
N ASP A 24 19.96 5.03 -3.51
CA ASP A 24 20.08 6.38 -2.90
C ASP A 24 18.98 6.58 -1.86
N LYS A 25 18.49 5.47 -1.32
CA LYS A 25 17.43 5.53 -0.32
C LYS A 25 17.65 4.45 0.74
N LYS A 26 17.07 4.67 1.92
CA LYS A 26 17.21 3.70 3.01
C LYS A 26 15.97 2.86 3.15
N VAL A 27 16.16 1.55 3.19
CA VAL A 27 15.05 0.62 3.35
C VAL A 27 14.91 0.25 4.81
N ILE A 28 13.94 0.85 5.48
CA ILE A 28 13.70 0.60 6.88
C ILE A 28 13.31 -0.86 7.13
N ALA A 29 12.42 -1.36 6.28
CA ALA A 29 11.96 -2.74 6.41
C ALA A 29 11.61 -3.34 5.05
N THR A 30 11.50 -4.66 5.02
CA THR A 30 11.16 -5.37 3.80
C THR A 30 9.68 -5.77 3.82
N LYS A 31 9.33 -6.89 3.19
CA LYS A 31 7.94 -7.32 3.15
C LYS A 31 7.36 -7.36 4.56
N VAL A 32 6.37 -6.52 4.81
CA VAL A 32 5.71 -6.46 6.11
C VAL A 32 4.20 -6.46 5.95
N LEU A 33 3.53 -7.31 6.71
CA LEU A 33 2.07 -7.36 6.65
C LEU A 33 1.48 -6.18 7.41
N GLY A 34 0.48 -5.56 6.81
CA GLY A 34 -0.17 -4.41 7.41
C GLY A 34 -1.64 -4.37 7.02
N THR A 35 -2.34 -3.36 7.50
CA THR A 35 -3.75 -3.22 7.19
C THR A 35 -4.05 -1.83 6.63
N VAL A 36 -4.93 -1.78 5.63
CA VAL A 36 -5.25 -0.51 5.00
C VAL A 36 -6.30 0.25 5.81
N LYS A 37 -5.89 1.36 6.42
CA LYS A 37 -6.82 2.17 7.20
C LYS A 37 -7.92 2.70 6.26
N TRP A 38 -7.46 3.27 5.15
CA TRP A 38 -8.36 3.79 4.12
C TRP A 38 -7.56 4.16 2.88
N PHE A 39 -8.23 4.14 1.72
CA PHE A 39 -7.56 4.50 0.47
C PHE A 39 -8.52 5.27 -0.42
N ASN A 40 -8.17 6.50 -0.75
CA ASN A 40 -9.03 7.33 -1.60
C ASN A 40 -8.55 7.30 -3.05
N VAL A 41 -9.35 6.69 -3.91
CA VAL A 41 -9.01 6.58 -5.32
C VAL A 41 -8.90 7.96 -5.97
N ARG A 42 -9.85 8.83 -5.68
CA ARG A 42 -9.85 10.17 -6.26
C ARG A 42 -8.61 10.98 -5.87
N ASN A 43 -8.24 10.92 -4.60
CA ASN A 43 -7.07 11.67 -4.13
C ASN A 43 -5.80 11.16 -4.81
N GLY A 44 -5.72 9.85 -4.99
CA GLY A 44 -4.56 9.25 -5.65
C GLY A 44 -3.52 8.74 -4.63
N TYR A 45 -3.85 8.82 -3.35
CA TYR A 45 -2.91 8.32 -2.32
C TYR A 45 -3.69 7.86 -1.09
N GLY A 46 -3.05 7.07 -0.23
CA GLY A 46 -3.72 6.58 0.97
C GLY A 46 -2.71 6.21 2.06
N PHE A 47 -3.22 5.68 3.17
CA PHE A 47 -2.37 5.29 4.28
C PHE A 47 -2.59 3.83 4.70
N ILE A 48 -1.50 3.20 5.13
CA ILE A 48 -1.56 1.80 5.58
C ILE A 48 -1.09 1.71 7.03
N ASN A 49 -1.92 1.14 7.90
CA ASN A 49 -1.55 1.01 9.30
C ASN A 49 -0.83 -0.30 9.55
N ARG A 50 0.47 -0.22 9.82
CA ARG A 50 1.26 -1.41 10.08
C ARG A 50 0.76 -2.11 11.33
N ASN A 51 0.62 -3.42 11.26
CA ASN A 51 0.16 -4.19 12.41
C ASN A 51 1.32 -4.57 13.33
N ASP A 52 2.54 -4.20 12.94
CA ASP A 52 3.71 -4.50 13.77
C ASP A 52 4.13 -3.27 14.57
N THR A 53 3.94 -2.10 13.97
CA THR A 53 4.32 -0.85 14.60
C THR A 53 3.11 0.03 14.88
N LYS A 54 1.95 -0.35 14.35
CA LYS A 54 0.74 0.43 14.56
C LYS A 54 0.98 1.86 14.08
N GLU A 55 1.85 2.02 13.09
CA GLU A 55 2.16 3.34 12.54
C GLU A 55 1.71 3.45 11.10
N ASP A 56 1.05 4.56 10.80
CA ASP A 56 0.55 4.81 9.45
C ASP A 56 1.71 4.91 8.46
N VAL A 57 1.48 4.38 7.25
CA VAL A 57 2.51 4.41 6.21
C VAL A 57 1.97 5.07 4.93
N PHE A 58 2.76 5.97 4.36
CA PHE A 58 2.36 6.67 3.14
C PHE A 58 2.38 5.72 1.95
N VAL A 59 1.38 5.80 1.09
CA VAL A 59 1.32 4.93 -0.08
C VAL A 59 0.64 5.63 -1.25
N HIS A 60 1.07 5.29 -2.45
CA HIS A 60 0.49 5.87 -3.65
C HIS A 60 0.18 4.78 -4.66
N GLN A 61 -0.76 5.04 -5.56
CA GLN A 61 -1.17 4.04 -6.56
C GLN A 61 0.00 3.62 -7.44
N THR A 62 1.00 4.48 -7.56
CA THR A 62 2.17 4.17 -8.37
C THR A 62 3.15 3.32 -7.58
N ALA A 63 2.92 3.20 -6.27
CA ALA A 63 3.79 2.41 -5.41
C ALA A 63 3.29 0.98 -5.28
N ILE A 64 2.21 0.65 -5.99
CA ILE A 64 1.65 -0.68 -5.90
C ILE A 64 2.11 -1.56 -7.08
N LYS A 65 3.01 -2.49 -6.79
CA LYS A 65 3.52 -3.40 -7.80
C LYS A 65 2.42 -4.29 -8.37
N LYS A 66 1.59 -4.84 -7.49
CA LYS A 66 0.51 -5.72 -7.92
C LYS A 66 -0.84 -5.19 -7.45
N ASN A 67 -1.84 -5.33 -8.32
CA ASN A 67 -3.18 -4.87 -8.00
C ASN A 67 -4.22 -5.72 -8.70
N ASN A 68 -5.49 -5.45 -8.43
CA ASN A 68 -6.57 -6.20 -9.06
C ASN A 68 -6.57 -5.95 -10.58
N PRO A 69 -6.41 -6.95 -11.41
CA PRO A 69 -6.39 -6.77 -12.89
C PRO A 69 -7.72 -6.27 -13.43
N ARG A 70 -8.79 -6.53 -12.70
CA ARG A 70 -10.12 -6.09 -13.11
C ARG A 70 -10.22 -4.57 -13.05
N LYS A 71 -9.32 -3.94 -12.29
CA LYS A 71 -9.34 -2.48 -12.16
C LYS A 71 -8.30 -1.85 -13.08
N TYR A 72 -8.74 -0.86 -13.86
CA TYR A 72 -7.84 -0.18 -14.78
C TYR A 72 -6.80 0.63 -14.02
N LEU A 73 -7.22 1.24 -12.92
CA LEU A 73 -6.32 2.05 -12.11
C LEU A 73 -5.95 1.32 -10.83
N ARG A 74 -4.69 1.45 -10.42
CA ARG A 74 -4.23 0.79 -9.20
C ARG A 74 -4.94 1.38 -7.98
N SER A 75 -5.32 0.51 -7.06
CA SER A 75 -6.02 0.94 -5.86
C SER A 75 -5.86 -0.10 -4.75
N VAL A 76 -6.12 0.30 -3.51
CA VAL A 76 -6.00 -0.61 -2.38
C VAL A 76 -7.31 -0.63 -1.60
N GLY A 77 -7.81 -1.82 -1.30
CA GLY A 77 -9.07 -1.94 -0.59
C GLY A 77 -8.93 -1.50 0.87
N ASP A 78 -9.97 -0.87 1.40
CA ASP A 78 -9.94 -0.41 2.78
C ASP A 78 -10.16 -1.60 3.72
N GLY A 79 -9.32 -1.70 4.74
CA GLY A 79 -9.41 -2.81 5.68
C GLY A 79 -8.76 -4.06 5.10
N GLU A 80 -8.15 -3.92 3.93
CA GLU A 80 -7.49 -5.04 3.27
C GLU A 80 -6.06 -5.19 3.77
N THR A 81 -5.71 -6.40 4.16
CA THR A 81 -4.36 -6.68 4.62
C THR A 81 -3.40 -6.64 3.43
N VAL A 82 -2.30 -5.91 3.58
CA VAL A 82 -1.34 -5.78 2.47
C VAL A 82 0.08 -6.05 2.93
N GLU A 83 0.94 -6.39 1.98
CA GLU A 83 2.34 -6.65 2.27
C GLU A 83 3.20 -5.66 1.50
N PHE A 84 4.11 -4.97 2.20
CA PHE A 84 4.92 -3.97 1.52
C PHE A 84 6.24 -3.71 2.23
N ASP A 85 7.16 -3.09 1.50
CA ASP A 85 8.47 -2.75 2.04
C ASP A 85 8.42 -1.34 2.62
N VAL A 86 9.22 -1.08 3.64
CA VAL A 86 9.24 0.25 4.25
C VAL A 86 10.54 0.95 3.89
N VAL A 87 10.41 2.16 3.34
CA VAL A 87 11.58 2.94 2.97
C VAL A 87 11.49 4.32 3.59
N GLU A 88 12.58 4.78 4.20
CA GLU A 88 12.57 6.08 4.85
C GLU A 88 12.50 7.20 3.82
N GLY A 89 11.52 8.09 3.99
CA GLY A 89 11.34 9.22 3.07
C GLY A 89 11.61 10.54 3.78
N GLU A 90 11.83 11.59 3.00
CA GLU A 90 12.10 12.92 3.56
C GLU A 90 10.93 13.40 4.40
N LYS A 91 9.71 13.13 3.93
CA LYS A 91 8.51 13.54 4.65
C LYS A 91 8.12 12.50 5.71
N GLY A 92 8.73 11.32 5.65
CA GLY A 92 8.42 10.27 6.61
C GLY A 92 8.54 8.90 5.96
N ALA A 93 8.13 7.87 6.68
CA ALA A 93 8.20 6.51 6.17
C ALA A 93 7.27 6.36 4.95
N GLU A 94 7.74 5.64 3.95
CA GLU A 94 6.97 5.42 2.74
C GLU A 94 6.91 3.94 2.38
N ALA A 95 5.85 3.54 1.70
CA ALA A 95 5.68 2.15 1.30
C ALA A 95 5.84 1.99 -0.21
N ALA A 96 6.36 0.85 -0.63
CA ALA A 96 6.57 0.57 -2.05
C ALA A 96 6.39 -0.92 -2.33
N ASN A 97 6.16 -1.26 -3.59
CA ASN A 97 5.98 -2.66 -3.97
C ASN A 97 4.88 -3.28 -3.13
N VAL A 98 3.77 -2.55 -2.97
CA VAL A 98 2.65 -3.04 -2.19
C VAL A 98 1.91 -4.15 -2.92
N THR A 99 1.81 -5.31 -2.28
CA THR A 99 1.12 -6.45 -2.86
C THR A 99 0.25 -7.12 -1.81
N GLY A 100 -0.68 -7.96 -2.25
CA GLY A 100 -1.55 -8.65 -1.31
C GLY A 100 -0.76 -9.79 -0.65
N PRO A 101 -1.28 -10.38 0.38
CA PRO A 101 -0.57 -11.49 1.09
C PRO A 101 -0.28 -12.67 0.17
N GLY A 102 0.92 -13.22 0.31
CA GLY A 102 1.32 -14.38 -0.50
C GLY A 102 1.53 -13.97 -1.96
N GLY A 103 1.72 -12.68 -2.21
CA GLY A 103 1.91 -12.20 -3.57
C GLY A 103 0.58 -12.02 -4.29
N VAL A 104 -0.52 -12.24 -3.58
CA VAL A 104 -1.85 -12.11 -4.16
C VAL A 104 -2.10 -10.66 -4.61
N PRO A 105 -2.68 -10.44 -5.78
CA PRO A 105 -2.96 -9.05 -6.25
C PRO A 105 -3.85 -8.29 -5.27
N VAL A 106 -3.65 -6.98 -5.17
CA VAL A 106 -4.45 -6.17 -4.26
C VAL A 106 -5.88 -6.06 -4.76
N GLN A 107 -6.84 -6.29 -3.85
CA GLN A 107 -8.26 -6.23 -4.21
C GLN A 107 -8.62 -4.84 -4.70
N GLY A 108 -8.10 -3.83 -4.03
CA GLY A 108 -8.37 -2.45 -4.41
C GLY A 108 -9.67 -1.93 -3.80
N SER A 109 -10.03 -0.71 -4.14
CA SER A 109 -11.25 -0.09 -3.64
C SER A 109 -12.33 -0.06 -4.71
N LYS A 110 -13.58 0.04 -4.28
CA LYS A 110 -14.70 0.08 -5.20
C LYS A 110 -14.60 1.29 -6.12
N TYR A 111 -14.13 2.39 -5.57
CA TYR A 111 -13.98 3.62 -6.34
C TYR A 111 -12.96 3.45 -7.47
N ALA A 112 -12.13 2.41 -7.37
CA ALA A 112 -11.12 2.18 -8.40
C ALA A 112 -11.78 1.95 -9.75
N ALA A 113 -11.19 2.53 -10.79
CA ALA A 113 -11.72 2.39 -12.13
C ALA A 113 -11.52 0.98 -12.65
N ASP A 24 18.78 5.48 -4.79
CA ASP A 24 18.74 4.41 -3.76
C ASP A 24 18.43 5.02 -2.40
N LYS A 25 17.72 4.27 -1.57
CA LYS A 25 17.37 4.75 -0.23
C LYS A 25 17.38 3.60 0.77
N LYS A 26 17.49 3.93 2.05
CA LYS A 26 17.51 2.91 3.09
C LYS A 26 16.17 2.20 3.18
N VAL A 27 16.23 0.88 3.30
CA VAL A 27 15.03 0.09 3.43
C VAL A 27 14.79 -0.25 4.89
N ILE A 28 13.86 0.48 5.50
CA ILE A 28 13.53 0.26 6.90
C ILE A 28 12.98 -1.15 7.12
N ALA A 29 12.09 -1.57 6.25
CA ALA A 29 11.50 -2.91 6.36
C ALA A 29 11.13 -3.46 4.99
N THR A 30 11.05 -4.79 4.92
CA THR A 30 10.69 -5.46 3.66
C THR A 30 9.22 -5.89 3.71
N LYS A 31 8.89 -7.02 3.07
CA LYS A 31 7.51 -7.47 3.08
C LYS A 31 6.97 -7.54 4.50
N VAL A 32 6.09 -6.60 4.82
CA VAL A 32 5.50 -6.53 6.15
C VAL A 32 3.98 -6.54 6.07
N LEU A 33 3.34 -7.39 6.86
CA LEU A 33 1.89 -7.45 6.88
C LEU A 33 1.34 -6.18 7.51
N GLY A 34 0.32 -5.63 6.86
CA GLY A 34 -0.31 -4.40 7.36
C GLY A 34 -1.75 -4.34 6.88
N THR A 35 -2.45 -3.29 7.29
CA THR A 35 -3.84 -3.11 6.90
C THR A 35 -4.07 -1.71 6.37
N VAL A 36 -4.84 -1.61 5.29
CA VAL A 36 -5.12 -0.32 4.69
C VAL A 36 -6.04 0.50 5.58
N LYS A 37 -5.51 1.59 6.13
CA LYS A 37 -6.31 2.46 6.99
C LYS A 37 -7.48 3.01 6.17
N TRP A 38 -7.13 3.53 5.00
CA TRP A 38 -8.12 4.07 4.06
C TRP A 38 -7.42 4.53 2.77
N PHE A 39 -8.06 4.28 1.63
CA PHE A 39 -7.50 4.68 0.35
C PHE A 39 -8.59 5.24 -0.54
N ASN A 40 -8.50 6.53 -0.87
CA ASN A 40 -9.52 7.16 -1.71
C ASN A 40 -9.05 7.28 -3.14
N VAL A 41 -9.83 6.73 -4.06
CA VAL A 41 -9.50 6.79 -5.47
C VAL A 41 -9.47 8.22 -5.99
N ARG A 42 -10.49 9.00 -5.63
CA ARG A 42 -10.57 10.38 -6.08
C ARG A 42 -9.38 11.23 -5.61
N ASN A 43 -9.01 11.08 -4.34
CA ASN A 43 -7.90 11.85 -3.80
C ASN A 43 -6.60 11.49 -4.52
N GLY A 44 -6.42 10.21 -4.82
CA GLY A 44 -5.22 9.76 -5.51
C GLY A 44 -4.12 9.31 -4.54
N TYR A 45 -4.42 9.30 -3.24
CA TYR A 45 -3.42 8.86 -2.26
C TYR A 45 -4.12 8.28 -1.04
N GLY A 46 -3.38 7.52 -0.23
CA GLY A 46 -3.97 6.91 0.96
C GLY A 46 -2.90 6.50 1.98
N PHE A 47 -3.34 5.90 3.08
CA PHE A 47 -2.43 5.48 4.14
C PHE A 47 -2.65 4.03 4.54
N ILE A 48 -1.56 3.38 4.95
CA ILE A 48 -1.62 1.99 5.41
C ILE A 48 -1.17 1.91 6.86
N ASN A 49 -1.99 1.30 7.71
CA ASN A 49 -1.65 1.16 9.12
C ASN A 49 -0.91 -0.14 9.38
N ARG A 50 0.37 -0.02 9.68
CA ARG A 50 1.18 -1.21 9.96
C ARG A 50 0.70 -1.88 11.23
N ASN A 51 0.48 -3.19 11.16
CA ASN A 51 0.03 -3.93 12.32
C ASN A 51 1.21 -4.41 13.17
N ASP A 52 2.43 -4.16 12.71
CA ASP A 52 3.61 -4.56 13.46
C ASP A 52 4.15 -3.38 14.27
N THR A 53 3.97 -2.19 13.74
CA THR A 53 4.44 -0.98 14.39
C THR A 53 3.29 -0.09 14.85
N LYS A 54 2.07 -0.42 14.42
CA LYS A 54 0.92 0.37 14.80
C LYS A 54 1.10 1.82 14.36
N GLU A 55 1.81 2.00 13.25
CA GLU A 55 2.06 3.34 12.71
C GLU A 55 1.62 3.44 11.25
N ASP A 56 1.19 4.63 10.88
CA ASP A 56 0.73 4.87 9.51
C ASP A 56 1.91 5.15 8.57
N VAL A 57 1.69 4.95 7.28
CA VAL A 57 2.74 5.16 6.29
C VAL A 57 2.16 5.77 5.02
N PHE A 58 2.98 6.56 4.31
CA PHE A 58 2.55 7.20 3.07
C PHE A 58 2.56 6.19 1.91
N VAL A 59 1.51 6.20 1.09
CA VAL A 59 1.45 5.28 -0.04
C VAL A 59 0.72 5.92 -1.21
N HIS A 60 1.14 5.53 -2.40
CA HIS A 60 0.53 6.04 -3.62
C HIS A 60 0.30 4.90 -4.61
N GLN A 61 -0.60 5.10 -5.56
CA GLN A 61 -0.91 4.07 -6.54
C GLN A 61 0.32 3.66 -7.34
N THR A 62 1.28 4.57 -7.46
CA THR A 62 2.49 4.27 -8.20
C THR A 62 3.39 3.32 -7.40
N ALA A 63 3.11 3.20 -6.11
CA ALA A 63 3.90 2.32 -5.24
C ALA A 63 3.33 0.91 -5.21
N ILE A 64 2.28 0.66 -6.00
CA ILE A 64 1.65 -0.64 -6.03
C ILE A 64 2.20 -1.50 -7.17
N LYS A 65 3.08 -2.43 -6.84
CA LYS A 65 3.66 -3.32 -7.85
C LYS A 65 2.61 -4.22 -8.48
N LYS A 66 1.74 -4.78 -7.66
CA LYS A 66 0.70 -5.68 -8.14
C LYS A 66 -0.70 -5.14 -7.84
N ASN A 67 -1.62 -5.38 -8.76
CA ASN A 67 -2.99 -4.92 -8.59
C ASN A 67 -3.96 -5.93 -9.17
N ASN A 68 -5.25 -5.72 -8.92
CA ASN A 68 -6.27 -6.64 -9.42
C ASN A 68 -6.23 -6.66 -10.95
N PRO A 69 -6.04 -7.81 -11.58
CA PRO A 69 -5.99 -7.91 -13.07
C PRO A 69 -7.32 -7.56 -13.73
N ARG A 70 -8.40 -7.69 -12.97
CA ARG A 70 -9.73 -7.38 -13.48
C ARG A 70 -9.90 -5.86 -13.60
N LYS A 71 -9.00 -5.11 -12.98
CA LYS A 71 -9.09 -3.64 -13.02
C LYS A 71 -7.90 -3.06 -13.78
N TYR A 72 -8.15 -2.01 -14.55
CA TYR A 72 -7.09 -1.36 -15.31
C TYR A 72 -6.57 -0.12 -14.58
N LEU A 73 -7.07 0.09 -13.37
CA LEU A 73 -6.65 1.22 -12.56
C LEU A 73 -6.03 0.74 -11.25
N ARG A 74 -4.99 1.42 -10.80
CA ARG A 74 -4.33 1.02 -9.56
C ARG A 74 -5.09 1.55 -8.36
N SER A 75 -5.43 0.65 -7.46
CA SER A 75 -6.17 1.02 -6.25
C SER A 75 -5.94 0.00 -5.15
N VAL A 76 -6.24 0.38 -3.91
CA VAL A 76 -6.08 -0.52 -2.78
C VAL A 76 -7.34 -0.51 -1.93
N GLY A 77 -7.80 -1.71 -1.54
CA GLY A 77 -9.02 -1.81 -0.74
C GLY A 77 -8.83 -1.20 0.64
N ASP A 78 -9.91 -0.63 1.18
CA ASP A 78 -9.85 -0.02 2.50
C ASP A 78 -10.05 -1.08 3.58
N GLY A 79 -9.06 -1.22 4.45
CA GLY A 79 -9.16 -2.20 5.53
C GLY A 79 -8.58 -3.55 5.07
N GLU A 80 -8.21 -3.63 3.80
CA GLU A 80 -7.65 -4.85 3.24
C GLU A 80 -6.22 -5.04 3.71
N THR A 81 -5.90 -6.26 4.11
CA THR A 81 -4.54 -6.56 4.56
C THR A 81 -3.59 -6.56 3.37
N VAL A 82 -2.47 -5.86 3.50
CA VAL A 82 -1.52 -5.78 2.39
C VAL A 82 -0.08 -5.98 2.87
N GLU A 83 0.80 -6.34 1.94
CA GLU A 83 2.21 -6.52 2.27
C GLU A 83 3.01 -5.49 1.50
N PHE A 84 4.01 -4.89 2.14
CA PHE A 84 4.78 -3.85 1.46
C PHE A 84 6.14 -3.62 2.11
N ASP A 85 7.03 -2.96 1.38
CA ASP A 85 8.36 -2.64 1.86
C ASP A 85 8.37 -1.20 2.38
N VAL A 86 9.03 -0.97 3.51
CA VAL A 86 9.10 0.37 4.06
C VAL A 86 10.50 0.94 3.87
N VAL A 87 10.56 2.14 3.28
CA VAL A 87 11.84 2.79 3.06
C VAL A 87 11.86 4.12 3.80
N GLU A 88 13.05 4.62 4.09
CA GLU A 88 13.17 5.86 4.83
C GLU A 88 13.21 7.06 3.88
N GLY A 89 12.22 7.93 4.01
CA GLY A 89 12.14 9.12 3.17
C GLY A 89 12.50 10.37 3.97
N GLU A 90 12.71 11.48 3.26
CA GLU A 90 13.05 12.74 3.92
C GLU A 90 11.94 13.19 4.85
N LYS A 91 10.70 13.11 4.38
CA LYS A 91 9.54 13.50 5.19
C LYS A 91 9.24 12.44 6.26
N GLY A 92 9.67 11.21 6.03
CA GLY A 92 9.41 10.13 6.98
C GLY A 92 9.40 8.78 6.27
N ALA A 93 8.88 7.77 6.94
CA ALA A 93 8.81 6.43 6.37
C ALA A 93 7.88 6.43 5.16
N GLU A 94 8.24 5.64 4.14
CA GLU A 94 7.43 5.55 2.94
C GLU A 94 7.13 4.10 2.60
N ALA A 95 6.09 3.88 1.81
CA ALA A 95 5.70 2.53 1.43
C ALA A 95 5.94 2.29 -0.06
N ALA A 96 6.36 1.08 -0.40
CA ALA A 96 6.62 0.73 -1.80
C ALA A 96 6.44 -0.77 -2.01
N ASN A 97 6.27 -1.17 -3.27
CA ASN A 97 6.08 -2.58 -3.58
C ASN A 97 4.88 -3.13 -2.81
N VAL A 98 3.77 -2.39 -2.84
CA VAL A 98 2.57 -2.81 -2.14
C VAL A 98 1.83 -3.90 -2.91
N THR A 99 1.67 -5.05 -2.26
CA THR A 99 0.98 -6.18 -2.87
C THR A 99 0.04 -6.82 -1.86
N GLY A 100 -0.81 -7.72 -2.32
CA GLY A 100 -1.73 -8.41 -1.42
C GLY A 100 -0.96 -9.46 -0.64
N PRO A 101 -1.55 -10.01 0.39
CA PRO A 101 -0.86 -11.03 1.23
C PRO A 101 -0.46 -12.27 0.43
N GLY A 102 0.73 -12.78 0.69
CA GLY A 102 1.21 -13.98 0.01
C GLY A 102 1.54 -13.68 -1.46
N GLY A 103 1.75 -12.41 -1.78
CA GLY A 103 2.08 -12.04 -3.16
C GLY A 103 0.80 -11.90 -4.00
N VAL A 104 -0.35 -12.13 -3.38
CA VAL A 104 -1.63 -12.02 -4.08
C VAL A 104 -1.83 -10.59 -4.60
N PRO A 105 -2.34 -10.41 -5.80
CA PRO A 105 -2.56 -9.03 -6.36
C PRO A 105 -3.56 -8.25 -5.51
N VAL A 106 -3.39 -6.92 -5.44
CA VAL A 106 -4.29 -6.09 -4.65
C VAL A 106 -5.71 -6.15 -5.21
N GLN A 107 -6.68 -6.40 -4.32
CA GLN A 107 -8.07 -6.49 -4.74
C GLN A 107 -8.55 -5.17 -5.33
N GLY A 108 -8.12 -4.08 -4.71
CA GLY A 108 -8.51 -2.74 -5.18
C GLY A 108 -9.73 -2.22 -4.46
N SER A 109 -9.90 -0.90 -4.46
CA SER A 109 -11.03 -0.27 -3.80
C SER A 109 -12.29 -0.42 -4.64
N LYS A 110 -13.44 -0.27 -4.00
CA LYS A 110 -14.73 -0.39 -4.69
C LYS A 110 -14.93 0.80 -5.62
N TYR A 111 -14.25 1.89 -5.33
CA TYR A 111 -14.38 3.10 -6.15
C TYR A 111 -13.52 3.00 -7.41
N ALA A 112 -12.77 1.91 -7.54
CA ALA A 112 -11.92 1.73 -8.71
C ALA A 112 -12.76 1.77 -9.99
N ALA A 113 -12.23 2.43 -11.00
CA ALA A 113 -12.94 2.54 -12.27
C ALA A 113 -12.39 1.54 -13.29
N ASP A 24 20.23 8.31 -2.58
CA ASP A 24 20.17 7.00 -1.88
C ASP A 24 18.96 6.96 -0.96
N LYS A 25 18.58 5.76 -0.53
CA LYS A 25 17.44 5.60 0.35
C LYS A 25 17.66 4.43 1.30
N LYS A 26 16.93 4.42 2.41
CA LYS A 26 17.06 3.36 3.40
C LYS A 26 15.82 2.48 3.43
N VAL A 27 16.05 1.17 3.38
CA VAL A 27 14.95 0.23 3.42
C VAL A 27 14.73 -0.23 4.86
N ILE A 28 13.70 0.31 5.48
CA ILE A 28 13.39 -0.02 6.86
C ILE A 28 13.02 -1.49 7.01
N ALA A 29 12.17 -1.98 6.10
CA ALA A 29 11.74 -3.36 6.15
C ALA A 29 11.24 -3.82 4.79
N THR A 30 11.16 -5.14 4.61
CA THR A 30 10.69 -5.73 3.36
C THR A 30 9.20 -6.08 3.49
N LYS A 31 8.78 -7.19 2.91
CA LYS A 31 7.37 -7.56 2.98
C LYS A 31 6.89 -7.53 4.42
N VAL A 32 6.15 -6.48 4.76
CA VAL A 32 5.62 -6.31 6.11
C VAL A 32 4.10 -6.27 6.09
N LEU A 33 3.48 -7.09 6.93
CA LEU A 33 2.02 -7.10 7.01
C LEU A 33 1.53 -5.76 7.52
N GLY A 34 0.55 -5.20 6.82
CA GLY A 34 -0.02 -3.92 7.20
C GLY A 34 -1.51 -3.91 6.92
N THR A 35 -2.17 -2.83 7.33
CA THR A 35 -3.60 -2.71 7.12
C THR A 35 -3.94 -1.39 6.47
N VAL A 36 -4.80 -1.43 5.46
CA VAL A 36 -5.18 -0.21 4.74
C VAL A 36 -6.15 0.63 5.57
N LYS A 37 -5.66 1.75 6.09
CA LYS A 37 -6.50 2.63 6.88
C LYS A 37 -7.64 3.15 6.00
N TRP A 38 -7.25 3.63 4.83
CA TRP A 38 -8.20 4.15 3.83
C TRP A 38 -7.45 4.53 2.55
N PHE A 39 -8.10 4.30 1.41
CA PHE A 39 -7.49 4.65 0.13
C PHE A 39 -8.54 5.27 -0.80
N ASN A 40 -8.35 6.54 -1.15
CA ASN A 40 -9.31 7.22 -2.00
C ASN A 40 -8.82 7.27 -3.44
N VAL A 41 -9.59 6.66 -4.34
CA VAL A 41 -9.23 6.62 -5.75
C VAL A 41 -9.19 8.02 -6.36
N ARG A 42 -10.23 8.81 -6.09
CA ARG A 42 -10.32 10.15 -6.65
C ARG A 42 -9.17 11.06 -6.20
N ASN A 43 -8.81 10.98 -4.92
CA ASN A 43 -7.73 11.80 -4.39
C ASN A 43 -6.41 11.47 -5.09
N GLY A 44 -6.19 10.18 -5.34
CA GLY A 44 -4.97 9.75 -6.01
C GLY A 44 -3.87 9.35 -5.01
N TYR A 45 -4.18 9.36 -3.72
CA TYR A 45 -3.19 8.98 -2.72
C TYR A 45 -3.88 8.33 -1.52
N GLY A 46 -3.12 7.57 -0.72
CA GLY A 46 -3.70 6.92 0.45
C GLY A 46 -2.62 6.52 1.45
N PHE A 47 -3.06 6.03 2.61
CA PHE A 47 -2.14 5.64 3.67
C PHE A 47 -2.42 4.22 4.18
N ILE A 48 -1.36 3.53 4.57
CA ILE A 48 -1.46 2.17 5.10
C ILE A 48 -0.90 2.12 6.51
N ASN A 49 -1.70 1.63 7.46
CA ASN A 49 -1.25 1.55 8.84
C ASN A 49 -0.59 0.22 9.13
N ARG A 50 0.72 0.25 9.34
CA ARG A 50 1.45 -0.98 9.65
C ARG A 50 0.93 -1.59 10.94
N ASN A 51 0.68 -2.90 10.91
CA ASN A 51 0.19 -3.59 12.10
C ASN A 51 1.34 -4.02 13.01
N ASP A 52 2.57 -3.96 12.50
CA ASP A 52 3.72 -4.35 13.31
C ASP A 52 4.26 -3.15 14.07
N THR A 53 4.09 -1.95 13.49
CA THR A 53 4.56 -0.73 14.10
C THR A 53 3.41 0.21 14.46
N LYS A 54 2.22 -0.09 13.97
CA LYS A 54 1.07 0.76 14.24
C LYS A 54 1.35 2.18 13.77
N GLU A 55 2.13 2.29 12.71
CA GLU A 55 2.47 3.61 12.16
C GLU A 55 2.00 3.73 10.72
N ASP A 56 1.37 4.86 10.43
CA ASP A 56 0.85 5.13 9.10
C ASP A 56 1.99 5.22 8.07
N VAL A 57 1.74 4.71 6.87
CA VAL A 57 2.74 4.74 5.81
C VAL A 57 2.17 5.35 4.53
N PHE A 58 2.90 6.29 3.95
CA PHE A 58 2.46 6.97 2.73
C PHE A 58 2.55 6.02 1.54
N VAL A 59 1.47 5.92 0.76
CA VAL A 59 1.46 5.02 -0.38
C VAL A 59 0.77 5.68 -1.58
N HIS A 60 1.23 5.32 -2.76
CA HIS A 60 0.65 5.86 -3.99
C HIS A 60 0.33 4.72 -4.97
N GLN A 61 -0.47 5.02 -5.98
CA GLN A 61 -0.85 4.00 -6.96
C GLN A 61 0.35 3.45 -7.71
N THR A 62 1.28 4.31 -8.06
CA THR A 62 2.48 3.87 -8.77
C THR A 62 3.37 3.04 -7.86
N ALA A 63 3.14 3.16 -6.54
CA ALA A 63 3.92 2.42 -5.57
C ALA A 63 3.41 0.99 -5.41
N ILE A 64 2.32 0.66 -6.12
CA ILE A 64 1.74 -0.68 -6.02
C ILE A 64 2.23 -1.58 -7.14
N LYS A 65 3.12 -2.51 -6.80
CA LYS A 65 3.65 -3.45 -7.78
C LYS A 65 2.57 -4.35 -8.36
N LYS A 66 1.68 -4.84 -7.50
CA LYS A 66 0.61 -5.73 -7.94
C LYS A 66 -0.75 -5.20 -7.53
N ASN A 67 -1.73 -5.37 -8.40
CA ASN A 67 -3.09 -4.92 -8.10
C ASN A 67 -4.11 -5.82 -8.78
N ASN A 68 -5.38 -5.56 -8.52
CA ASN A 68 -6.44 -6.37 -9.12
C ASN A 68 -6.46 -6.17 -10.65
N PRO A 69 -6.21 -7.18 -11.44
CA PRO A 69 -6.21 -7.06 -12.93
C PRO A 69 -7.56 -6.56 -13.47
N ARG A 70 -8.63 -6.92 -12.78
CA ARG A 70 -9.96 -6.51 -13.19
C ARG A 70 -10.09 -4.99 -13.11
N LYS A 71 -9.22 -4.35 -12.33
CA LYS A 71 -9.28 -2.90 -12.18
C LYS A 71 -8.35 -2.22 -13.18
N TYR A 72 -8.87 -1.25 -13.91
CA TYR A 72 -8.08 -0.52 -14.90
C TYR A 72 -7.01 0.32 -14.22
N LEU A 73 -7.36 0.91 -13.09
CA LEU A 73 -6.43 1.75 -12.35
C LEU A 73 -6.01 1.06 -11.05
N ARG A 74 -4.75 1.26 -10.66
CA ARG A 74 -4.25 0.65 -9.43
C ARG A 74 -4.98 1.23 -8.22
N SER A 75 -5.33 0.36 -7.29
CA SER A 75 -6.04 0.79 -6.08
C SER A 75 -5.84 -0.22 -4.96
N VAL A 76 -6.13 0.20 -3.73
CA VAL A 76 -5.97 -0.69 -2.58
C VAL A 76 -7.26 -0.69 -1.77
N GLY A 77 -7.75 -1.88 -1.44
CA GLY A 77 -9.00 -1.98 -0.67
C GLY A 77 -8.81 -1.49 0.76
N ASP A 78 -9.87 -0.94 1.33
CA ASP A 78 -9.81 -0.44 2.70
C ASP A 78 -10.10 -1.57 3.68
N GLY A 79 -9.30 -1.67 4.73
CA GLY A 79 -9.48 -2.72 5.72
C GLY A 79 -8.83 -4.01 5.24
N GLU A 80 -8.20 -3.97 4.06
CA GLU A 80 -7.54 -5.14 3.51
C GLU A 80 -6.08 -5.19 3.93
N THR A 81 -5.66 -6.34 4.43
CA THR A 81 -4.29 -6.51 4.86
C THR A 81 -3.37 -6.53 3.63
N VAL A 82 -2.26 -5.80 3.70
CA VAL A 82 -1.35 -5.73 2.56
C VAL A 82 0.10 -5.91 2.99
N GLU A 83 0.96 -6.24 2.03
CA GLU A 83 2.38 -6.40 2.32
C GLU A 83 3.16 -5.43 1.45
N PHE A 84 4.15 -4.77 2.03
CA PHE A 84 4.91 -3.79 1.26
C PHE A 84 6.29 -3.53 1.84
N ASP A 85 7.17 -2.97 1.01
CA ASP A 85 8.52 -2.64 1.44
C ASP A 85 8.51 -1.29 2.14
N VAL A 86 8.97 -1.26 3.38
CA VAL A 86 9.00 -0.01 4.12
C VAL A 86 10.32 0.72 3.88
N VAL A 87 10.22 1.95 3.39
CA VAL A 87 11.41 2.74 3.11
C VAL A 87 11.33 4.04 3.90
N GLU A 88 12.39 4.36 4.63
CA GLU A 88 12.40 5.57 5.44
C GLU A 88 12.39 6.81 4.56
N GLY A 89 11.44 7.71 4.82
CA GLY A 89 11.33 8.95 4.07
C GLY A 89 11.46 10.16 4.98
N GLU A 90 11.83 11.29 4.40
CA GLU A 90 11.99 12.52 5.19
C GLU A 90 10.69 12.89 5.88
N LYS A 91 9.59 12.88 5.13
CA LYS A 91 8.28 13.20 5.69
C LYS A 91 7.78 12.09 6.62
N GLY A 92 8.31 10.88 6.44
CA GLY A 92 7.89 9.76 7.26
C GLY A 92 8.10 8.44 6.53
N ALA A 93 7.54 7.37 7.07
CA ALA A 93 7.67 6.05 6.45
C ALA A 93 7.04 6.06 5.06
N GLU A 94 7.70 5.39 4.12
CA GLU A 94 7.21 5.33 2.74
C GLU A 94 6.96 3.88 2.33
N ALA A 95 5.83 3.64 1.69
CA ALA A 95 5.48 2.29 1.24
C ALA A 95 5.77 2.12 -0.25
N ALA A 96 6.27 0.95 -0.62
CA ALA A 96 6.60 0.67 -2.01
C ALA A 96 6.42 -0.82 -2.30
N ASN A 97 6.22 -1.15 -3.57
CA ASN A 97 6.03 -2.55 -3.96
C ASN A 97 4.88 -3.16 -3.16
N VAL A 98 3.80 -2.41 -3.03
CA VAL A 98 2.64 -2.87 -2.27
C VAL A 98 1.92 -4.01 -3.00
N THR A 99 1.75 -5.12 -2.30
CA THR A 99 1.08 -6.28 -2.88
C THR A 99 0.16 -6.90 -1.84
N GLY A 100 -0.75 -7.76 -2.28
CA GLY A 100 -1.66 -8.42 -1.36
C GLY A 100 -0.88 -9.45 -0.55
N PRO A 101 -1.42 -9.93 0.53
CA PRO A 101 -0.75 -10.94 1.39
C PRO A 101 -0.44 -12.23 0.62
N GLY A 102 0.77 -12.76 0.82
CA GLY A 102 1.17 -13.99 0.17
C GLY A 102 1.54 -13.75 -1.30
N GLY A 103 1.71 -12.48 -1.67
CA GLY A 103 2.06 -12.15 -3.04
C GLY A 103 0.81 -12.05 -3.93
N VAL A 104 -0.36 -12.28 -3.34
CA VAL A 104 -1.61 -12.21 -4.07
C VAL A 104 -1.87 -10.77 -4.54
N PRO A 105 -2.40 -10.56 -5.73
CA PRO A 105 -2.69 -9.17 -6.24
C PRO A 105 -3.64 -8.43 -5.29
N VAL A 106 -3.48 -7.11 -5.19
CA VAL A 106 -4.33 -6.33 -4.30
C VAL A 106 -5.75 -6.26 -4.85
N GLN A 107 -6.73 -6.46 -3.97
CA GLN A 107 -8.13 -6.44 -4.37
C GLN A 107 -8.51 -5.09 -4.93
N GLY A 108 -8.06 -4.03 -4.27
CA GLY A 108 -8.34 -2.68 -4.72
C GLY A 108 -9.67 -2.17 -4.19
N SER A 109 -9.83 -0.85 -4.14
CA SER A 109 -11.06 -0.24 -3.67
C SER A 109 -12.18 -0.41 -4.69
N LYS A 110 -13.41 -0.33 -4.22
CA LYS A 110 -14.58 -0.47 -5.09
C LYS A 110 -14.69 0.73 -6.01
N TYR A 111 -14.04 1.82 -5.64
CA TYR A 111 -14.09 3.04 -6.43
C TYR A 111 -13.13 2.96 -7.62
N ALA A 112 -12.30 1.92 -7.65
CA ALA A 112 -11.35 1.78 -8.75
C ALA A 112 -12.07 1.66 -10.07
N ALA A 113 -11.51 2.31 -11.10
CA ALA A 113 -12.11 2.29 -12.42
C ALA A 113 -12.01 0.90 -13.03
N ASP A 24 20.13 7.40 -3.65
CA ASP A 24 20.32 6.36 -2.61
C ASP A 24 19.14 6.40 -1.64
N LYS A 25 18.46 5.26 -1.49
CA LYS A 25 17.31 5.19 -0.59
C LYS A 25 17.52 4.09 0.44
N LYS A 26 17.00 4.30 1.64
CA LYS A 26 17.13 3.32 2.70
C LYS A 26 15.83 2.57 2.93
N VAL A 27 15.93 1.26 3.00
CA VAL A 27 14.77 0.43 3.25
C VAL A 27 14.73 0.02 4.72
N ILE A 28 13.85 0.67 5.46
CA ILE A 28 13.72 0.40 6.89
C ILE A 28 13.30 -1.05 7.14
N ALA A 29 12.32 -1.51 6.37
CA ALA A 29 11.84 -2.87 6.52
C ALA A 29 11.46 -3.48 5.16
N THR A 30 11.40 -4.80 5.12
CA THR A 30 11.07 -5.51 3.90
C THR A 30 9.58 -5.89 3.92
N LYS A 31 9.21 -6.97 3.25
CA LYS A 31 7.79 -7.36 3.20
C LYS A 31 7.20 -7.39 4.60
N VAL A 32 6.22 -6.52 4.83
CA VAL A 32 5.55 -6.45 6.13
C VAL A 32 4.04 -6.42 5.95
N LEU A 33 3.34 -7.25 6.70
CA LEU A 33 1.89 -7.27 6.63
C LEU A 33 1.32 -6.07 7.36
N GLY A 34 0.35 -5.43 6.74
CA GLY A 34 -0.27 -4.24 7.31
C GLY A 34 -1.73 -4.18 6.91
N THR A 35 -2.42 -3.14 7.36
CA THR A 35 -3.82 -2.97 7.04
C THR A 35 -4.08 -1.57 6.50
N VAL A 36 -4.86 -1.48 5.43
CA VAL A 36 -5.16 -0.19 4.82
C VAL A 36 -6.13 0.60 5.69
N LYS A 37 -5.67 1.70 6.26
CA LYS A 37 -6.52 2.54 7.09
C LYS A 37 -7.67 3.07 6.24
N TRP A 38 -7.30 3.57 5.06
CA TRP A 38 -8.26 4.10 4.08
C TRP A 38 -7.53 4.50 2.81
N PHE A 39 -8.19 4.33 1.67
CA PHE A 39 -7.61 4.70 0.39
C PHE A 39 -8.67 5.33 -0.52
N ASN A 40 -8.48 6.60 -0.84
CA ASN A 40 -9.45 7.30 -1.69
C ASN A 40 -8.92 7.44 -3.12
N VAL A 41 -9.66 6.90 -4.07
CA VAL A 41 -9.28 6.96 -5.47
C VAL A 41 -9.22 8.41 -5.96
N ARG A 42 -10.25 9.18 -5.62
CA ARG A 42 -10.32 10.57 -6.07
C ARG A 42 -9.16 11.42 -5.53
N ASN A 43 -8.72 11.14 -4.30
CA ASN A 43 -7.63 11.89 -3.71
C ASN A 43 -6.31 11.60 -4.42
N GLY A 44 -6.15 10.35 -4.85
CA GLY A 44 -4.92 9.95 -5.54
C GLY A 44 -3.85 9.43 -4.57
N TYR A 45 -4.16 9.40 -3.27
CA TYR A 45 -3.20 8.90 -2.30
C TYR A 45 -3.92 8.27 -1.11
N GLY A 46 -3.22 7.44 -0.33
CA GLY A 46 -3.83 6.80 0.81
C GLY A 46 -2.80 6.43 1.87
N PHE A 47 -3.27 5.83 2.97
CA PHE A 47 -2.40 5.45 4.07
C PHE A 47 -2.60 4.00 4.49
N ILE A 48 -1.49 3.36 4.90
CA ILE A 48 -1.53 1.98 5.36
C ILE A 48 -1.05 1.91 6.80
N ASN A 49 -1.88 1.35 7.68
CA ASN A 49 -1.50 1.25 9.09
C ASN A 49 -0.84 -0.09 9.37
N ARG A 50 0.47 -0.05 9.62
CA ARG A 50 1.20 -1.28 9.91
C ARG A 50 0.69 -1.90 11.20
N ASN A 51 0.40 -3.19 11.16
CA ASN A 51 -0.09 -3.88 12.35
C ASN A 51 1.06 -4.34 13.24
N ASP A 52 2.30 -4.08 12.82
CA ASP A 52 3.46 -4.46 13.61
C ASP A 52 3.97 -3.26 14.41
N THR A 53 3.86 -2.08 13.83
CA THR A 53 4.31 -0.86 14.47
C THR A 53 3.15 0.08 14.78
N LYS A 54 1.97 -0.21 14.25
CA LYS A 54 0.81 0.62 14.48
C LYS A 54 1.10 2.05 14.02
N GLU A 55 1.95 2.17 13.00
CA GLU A 55 2.30 3.46 12.45
C GLU A 55 1.84 3.61 11.01
N ASP A 56 1.21 4.73 10.72
CA ASP A 56 0.70 5.00 9.38
C ASP A 56 1.84 5.07 8.37
N VAL A 57 1.59 4.55 7.17
CA VAL A 57 2.60 4.53 6.11
C VAL A 57 2.03 5.13 4.82
N PHE A 58 2.79 6.06 4.23
CA PHE A 58 2.38 6.71 2.98
C PHE A 58 2.34 5.69 1.85
N VAL A 59 1.34 5.79 0.97
CA VAL A 59 1.23 4.88 -0.16
C VAL A 59 0.64 5.57 -1.37
N HIS A 60 1.06 5.13 -2.54
CA HIS A 60 0.57 5.70 -3.79
C HIS A 60 0.30 4.57 -4.80
N GLN A 61 -0.54 4.86 -5.80
CA GLN A 61 -0.88 3.84 -6.80
C GLN A 61 0.34 3.35 -7.55
N THR A 62 1.22 4.27 -7.91
CA THR A 62 2.44 3.88 -8.62
C THR A 62 3.33 3.02 -7.72
N ALA A 63 3.05 3.05 -6.41
CA ALA A 63 3.83 2.27 -5.46
C ALA A 63 3.31 0.83 -5.37
N ILE A 64 2.23 0.53 -6.10
CA ILE A 64 1.64 -0.80 -6.05
C ILE A 64 2.19 -1.68 -7.16
N LYS A 65 3.13 -2.56 -6.80
CA LYS A 65 3.74 -3.48 -7.76
C LYS A 65 2.71 -4.44 -8.34
N LYS A 66 1.85 -4.97 -7.47
CA LYS A 66 0.82 -5.92 -7.91
C LYS A 66 -0.57 -5.40 -7.59
N ASN A 67 -1.51 -5.61 -8.51
CA ASN A 67 -2.88 -5.17 -8.32
C ASN A 67 -3.84 -6.10 -9.04
N ASN A 68 -5.09 -6.13 -8.58
CA ASN A 68 -6.09 -6.99 -9.20
C ASN A 68 -6.27 -6.58 -10.68
N PRO A 69 -6.06 -7.48 -11.62
CA PRO A 69 -6.21 -7.15 -13.08
C PRO A 69 -7.63 -6.79 -13.45
N ARG A 70 -8.58 -7.23 -12.64
CA ARG A 70 -9.99 -6.94 -12.89
C ARG A 70 -10.25 -5.44 -12.73
N LYS A 71 -9.37 -4.75 -12.00
CA LYS A 71 -9.54 -3.33 -11.78
C LYS A 71 -8.90 -2.53 -12.91
N TYR A 72 -9.65 -1.58 -13.46
CA TYR A 72 -9.15 -0.75 -14.55
C TYR A 72 -7.92 0.04 -14.10
N LEU A 73 -8.03 0.69 -12.95
CA LEU A 73 -6.94 1.50 -12.41
C LEU A 73 -6.45 0.91 -11.09
N ARG A 74 -5.13 0.90 -10.89
CA ARG A 74 -4.58 0.36 -9.66
C ARG A 74 -5.18 1.07 -8.45
N SER A 75 -5.50 0.28 -7.43
CA SER A 75 -6.10 0.82 -6.22
C SER A 75 -5.89 -0.13 -5.04
N VAL A 76 -6.11 0.36 -3.84
CA VAL A 76 -5.94 -0.47 -2.65
C VAL A 76 -7.23 -0.47 -1.84
N GLY A 77 -7.71 -1.65 -1.48
CA GLY A 77 -8.96 -1.75 -0.73
C GLY A 77 -8.81 -1.14 0.67
N ASP A 78 -9.91 -0.57 1.17
CA ASP A 78 -9.89 0.03 2.49
C ASP A 78 -10.03 -1.05 3.56
N GLY A 79 -9.05 -1.14 4.45
CA GLY A 79 -9.08 -2.15 5.50
C GLY A 79 -8.52 -3.47 4.99
N GLU A 80 -8.12 -3.50 3.73
CA GLU A 80 -7.56 -4.70 3.13
C GLU A 80 -6.13 -4.92 3.60
N THR A 81 -5.82 -6.16 3.97
CA THR A 81 -4.48 -6.49 4.42
C THR A 81 -3.51 -6.42 3.25
N VAL A 82 -2.39 -5.75 3.45
CA VAL A 82 -1.42 -5.59 2.37
C VAL A 82 0.00 -5.93 2.84
N GLU A 83 0.87 -6.24 1.89
CA GLU A 83 2.26 -6.55 2.21
C GLU A 83 3.15 -5.56 1.47
N PHE A 84 4.08 -4.93 2.18
CA PHE A 84 4.92 -3.94 1.53
C PHE A 84 6.24 -3.71 2.28
N ASP A 85 7.19 -3.09 1.59
CA ASP A 85 8.49 -2.78 2.17
C ASP A 85 8.46 -1.38 2.75
N VAL A 86 9.17 -1.17 3.86
CA VAL A 86 9.20 0.15 4.47
C VAL A 86 10.46 0.89 4.04
N VAL A 87 10.27 2.09 3.50
CA VAL A 87 11.40 2.88 3.04
C VAL A 87 11.40 4.21 3.78
N GLU A 88 12.57 4.59 4.28
CA GLU A 88 12.68 5.85 5.02
C GLU A 88 12.59 7.05 4.08
N GLY A 89 11.63 7.93 4.34
CA GLY A 89 11.44 9.12 3.52
C GLY A 89 11.85 10.36 4.29
N GLU A 90 12.03 11.47 3.57
CA GLU A 90 12.43 12.73 4.20
C GLU A 90 11.36 13.21 5.17
N LYS A 91 10.10 13.07 4.79
CA LYS A 91 9.00 13.50 5.65
C LYS A 91 8.53 12.36 6.55
N GLY A 92 9.07 11.16 6.34
CA GLY A 92 8.68 10.01 7.15
C GLY A 92 8.80 8.72 6.34
N ALA A 93 8.42 7.61 6.96
CA ALA A 93 8.50 6.31 6.29
C ALA A 93 7.47 6.24 5.17
N GLU A 94 7.80 5.51 4.11
CA GLU A 94 6.89 5.34 2.99
C GLU A 94 6.82 3.87 2.56
N ALA A 95 5.74 3.52 1.87
CA ALA A 95 5.57 2.15 1.42
C ALA A 95 5.82 2.01 -0.08
N ALA A 96 6.36 0.87 -0.48
CA ALA A 96 6.65 0.63 -1.89
C ALA A 96 6.48 -0.86 -2.21
N ASN A 97 6.27 -1.16 -3.49
CA ASN A 97 6.10 -2.55 -3.91
C ASN A 97 4.98 -3.20 -3.10
N VAL A 98 3.87 -2.49 -2.95
CA VAL A 98 2.74 -3.01 -2.19
C VAL A 98 2.04 -4.13 -2.93
N THR A 99 1.97 -5.29 -2.30
CA THR A 99 1.31 -6.45 -2.88
C THR A 99 0.48 -7.17 -1.84
N GLY A 100 -0.45 -8.00 -2.27
CA GLY A 100 -1.27 -8.74 -1.33
C GLY A 100 -0.44 -9.86 -0.70
N PRO A 101 -0.87 -10.41 0.39
CA PRO A 101 -0.11 -11.49 1.08
C PRO A 101 0.10 -12.71 0.19
N GLY A 102 1.31 -13.26 0.24
CA GLY A 102 1.62 -14.45 -0.56
C GLY A 102 1.75 -14.11 -2.03
N GLY A 103 1.96 -12.83 -2.34
CA GLY A 103 2.10 -12.40 -3.73
C GLY A 103 0.73 -12.17 -4.38
N VAL A 104 -0.33 -12.32 -3.59
CA VAL A 104 -1.68 -12.12 -4.09
C VAL A 104 -1.87 -10.68 -4.58
N PRO A 105 -2.52 -10.44 -5.70
CA PRO A 105 -2.72 -9.07 -6.23
C PRO A 105 -3.61 -8.23 -5.29
N VAL A 106 -3.43 -6.91 -5.31
CA VAL A 106 -4.22 -6.04 -4.44
C VAL A 106 -5.68 -5.98 -4.92
N GLN A 107 -6.60 -6.23 -4.00
CA GLN A 107 -8.02 -6.22 -4.34
C GLN A 107 -8.44 -4.86 -4.88
N GLY A 108 -7.98 -3.81 -4.21
CA GLY A 108 -8.30 -2.44 -4.63
C GLY A 108 -9.68 -2.01 -4.15
N SER A 109 -9.91 -0.70 -4.15
CA SER A 109 -11.19 -0.15 -3.72
C SER A 109 -12.22 -0.23 -4.84
N LYS A 110 -13.49 -0.10 -4.48
CA LYS A 110 -14.57 -0.15 -5.45
C LYS A 110 -14.46 1.03 -6.42
N TYR A 111 -14.06 2.18 -5.90
CA TYR A 111 -13.95 3.38 -6.72
C TYR A 111 -12.85 3.24 -7.77
N ALA A 112 -12.08 2.15 -7.68
CA ALA A 112 -10.99 1.95 -8.63
C ALA A 112 -11.50 2.13 -10.06
N ALA A 113 -10.79 2.95 -10.82
CA ALA A 113 -11.17 3.22 -12.20
C ALA A 113 -10.29 4.31 -12.80
N ASP A 24 20.85 4.20 -3.97
CA ASP A 24 19.93 3.20 -3.35
C ASP A 24 19.39 3.76 -2.05
N LYS A 25 18.09 4.00 -2.00
CA LYS A 25 17.45 4.55 -0.81
C LYS A 25 17.44 3.49 0.31
N LYS A 26 17.56 3.95 1.54
CA LYS A 26 17.57 3.03 2.68
C LYS A 26 16.23 2.32 2.80
N VAL A 27 16.30 1.01 3.03
CA VAL A 27 15.10 0.22 3.18
C VAL A 27 14.87 -0.06 4.67
N ILE A 28 13.94 0.66 5.26
CA ILE A 28 13.64 0.50 6.67
C ILE A 28 13.10 -0.90 6.95
N ALA A 29 12.20 -1.37 6.10
CA ALA A 29 11.62 -2.71 6.27
C ALA A 29 11.28 -3.32 4.93
N THR A 30 11.20 -4.66 4.91
CA THR A 30 10.88 -5.39 3.69
C THR A 30 9.43 -5.88 3.76
N LYS A 31 9.14 -7.03 3.16
CA LYS A 31 7.77 -7.54 3.19
C LYS A 31 7.21 -7.49 4.59
N VAL A 32 6.30 -6.55 4.83
CA VAL A 32 5.67 -6.39 6.13
C VAL A 32 4.15 -6.38 6.00
N LEU A 33 3.49 -7.18 6.82
CA LEU A 33 2.03 -7.22 6.80
C LEU A 33 1.47 -5.97 7.46
N GLY A 34 0.47 -5.39 6.83
CA GLY A 34 -0.16 -4.19 7.35
C GLY A 34 -1.64 -4.18 6.99
N THR A 35 -2.34 -3.15 7.44
CA THR A 35 -3.76 -3.02 7.15
C THR A 35 -4.07 -1.65 6.56
N VAL A 36 -4.92 -1.64 5.55
CA VAL A 36 -5.29 -0.38 4.89
C VAL A 36 -6.28 0.41 5.75
N LYS A 37 -5.82 1.51 6.33
CA LYS A 37 -6.70 2.34 7.15
C LYS A 37 -7.83 2.88 6.27
N TRP A 38 -7.44 3.38 5.11
CA TRP A 38 -8.39 3.91 4.12
C TRP A 38 -7.64 4.35 2.86
N PHE A 39 -8.27 4.20 1.70
CA PHE A 39 -7.65 4.60 0.44
C PHE A 39 -8.70 5.23 -0.47
N ASN A 40 -8.43 6.45 -0.93
CA ASN A 40 -9.37 7.14 -1.81
C ASN A 40 -8.85 7.19 -3.23
N VAL A 41 -9.62 6.64 -4.16
CA VAL A 41 -9.23 6.63 -5.56
C VAL A 41 -9.12 8.05 -6.13
N ARG A 42 -10.10 8.88 -5.85
CA ARG A 42 -10.10 10.25 -6.36
C ARG A 42 -8.91 11.06 -5.83
N ASN A 43 -8.61 10.92 -4.55
CA ASN A 43 -7.49 11.68 -3.96
C ASN A 43 -6.18 11.28 -4.63
N GLY A 44 -6.02 9.99 -4.93
CA GLY A 44 -4.81 9.51 -5.56
C GLY A 44 -3.77 9.02 -4.54
N TYR A 45 -4.11 9.08 -3.25
CA TYR A 45 -3.17 8.62 -2.22
C TYR A 45 -3.94 8.05 -1.04
N GLY A 46 -3.27 7.30 -0.18
CA GLY A 46 -3.93 6.70 0.97
C GLY A 46 -2.93 6.37 2.08
N PHE A 47 -3.44 5.82 3.18
CA PHE A 47 -2.60 5.47 4.32
C PHE A 47 -2.77 4.01 4.74
N ILE A 48 -1.67 3.40 5.15
CA ILE A 48 -1.67 2.01 5.62
C ILE A 48 -1.14 1.93 7.04
N ASN A 49 -1.91 1.32 7.93
CA ASN A 49 -1.48 1.19 9.32
C ASN A 49 -0.77 -0.13 9.56
N ARG A 50 0.54 -0.06 9.77
CA ARG A 50 1.32 -1.26 10.02
C ARG A 50 0.85 -1.93 11.31
N ASN A 51 0.67 -3.24 11.26
CA ASN A 51 0.24 -3.97 12.45
C ASN A 51 1.42 -4.41 13.30
N ASP A 52 2.65 -4.26 12.77
CA ASP A 52 3.83 -4.66 13.51
C ASP A 52 4.45 -3.45 14.21
N THR A 53 4.00 -2.27 13.84
CA THR A 53 4.49 -1.03 14.41
C THR A 53 3.36 -0.08 14.79
N LYS A 54 2.15 -0.39 14.35
CA LYS A 54 1.01 0.47 14.63
C LYS A 54 1.33 1.91 14.24
N GLU A 55 2.09 2.05 13.16
CA GLU A 55 2.46 3.37 12.67
C GLU A 55 1.97 3.61 11.25
N ASP A 56 1.38 4.78 11.04
CA ASP A 56 0.83 5.15 9.74
C ASP A 56 1.95 5.32 8.71
N VAL A 57 1.80 4.68 7.56
CA VAL A 57 2.80 4.77 6.49
C VAL A 57 2.19 5.37 5.23
N PHE A 58 2.88 6.35 4.66
CA PHE A 58 2.40 7.01 3.44
C PHE A 58 2.45 6.04 2.25
N VAL A 59 1.43 6.08 1.40
CA VAL A 59 1.40 5.19 0.24
C VAL A 59 0.68 5.84 -0.92
N HIS A 60 1.12 5.51 -2.13
CA HIS A 60 0.52 6.06 -3.34
C HIS A 60 0.23 4.92 -4.32
N GLN A 61 -0.74 5.14 -5.21
CA GLN A 61 -1.11 4.11 -6.19
C GLN A 61 0.07 3.72 -7.06
N THR A 62 0.98 4.63 -7.28
CA THR A 62 2.16 4.34 -8.09
C THR A 62 3.13 3.44 -7.32
N ALA A 63 2.93 3.34 -6.02
CA ALA A 63 3.79 2.51 -5.18
C ALA A 63 3.30 1.06 -5.13
N ILE A 64 2.19 0.78 -5.84
CA ILE A 64 1.63 -0.56 -5.84
C ILE A 64 2.15 -1.39 -7.01
N LYS A 65 3.09 -2.29 -6.71
CA LYS A 65 3.68 -3.15 -7.73
C LYS A 65 2.64 -4.09 -8.33
N LYS A 66 1.80 -4.66 -7.47
CA LYS A 66 0.78 -5.60 -7.92
C LYS A 66 -0.60 -5.18 -7.46
N ASN A 67 -1.57 -5.27 -8.35
CA ASN A 67 -2.94 -4.90 -8.03
C ASN A 67 -3.93 -5.78 -8.79
N ASN A 68 -5.21 -5.59 -8.53
CA ASN A 68 -6.23 -6.38 -9.20
C ASN A 68 -6.17 -6.10 -10.72
N PRO A 69 -5.97 -7.11 -11.55
CA PRO A 69 -5.89 -6.90 -13.04
C PRO A 69 -7.21 -6.42 -13.63
N ARG A 70 -8.30 -6.75 -12.96
CA ARG A 70 -9.62 -6.32 -13.42
C ARG A 70 -9.80 -4.82 -13.20
N LYS A 71 -8.93 -4.23 -12.39
CA LYS A 71 -9.02 -2.80 -12.10
C LYS A 71 -8.05 -2.01 -12.96
N TYR A 72 -8.57 -1.18 -13.86
CA TYR A 72 -7.73 -0.38 -14.74
C TYR A 72 -6.85 0.56 -13.92
N LEU A 73 -7.46 1.25 -12.96
CA LEU A 73 -6.72 2.19 -12.12
C LEU A 73 -6.28 1.51 -10.83
N ARG A 74 -5.00 1.66 -10.50
CA ARG A 74 -4.47 1.04 -9.29
C ARG A 74 -5.22 1.57 -8.07
N SER A 75 -5.52 0.65 -7.14
CA SER A 75 -6.23 1.02 -5.93
C SER A 75 -5.99 -0.01 -4.84
N VAL A 76 -6.28 0.36 -3.60
CA VAL A 76 -6.10 -0.56 -2.48
C VAL A 76 -7.38 -0.62 -1.65
N GLY A 77 -7.84 -1.84 -1.36
CA GLY A 77 -9.07 -2.00 -0.59
C GLY A 77 -8.89 -1.53 0.85
N ASP A 78 -9.97 -1.02 1.44
CA ASP A 78 -9.92 -0.54 2.82
C ASP A 78 -10.19 -1.70 3.77
N GLY A 79 -9.38 -1.81 4.81
CA GLY A 79 -9.53 -2.88 5.78
C GLY A 79 -8.88 -4.17 5.26
N GLU A 80 -8.26 -4.09 4.09
CA GLU A 80 -7.62 -5.24 3.48
C GLU A 80 -6.16 -5.31 3.91
N THR A 81 -5.75 -6.48 4.38
CA THR A 81 -4.37 -6.68 4.81
C THR A 81 -3.45 -6.66 3.59
N VAL A 82 -2.35 -5.91 3.68
CA VAL A 82 -1.44 -5.82 2.55
C VAL A 82 0.02 -6.07 2.97
N GLU A 83 0.85 -6.43 2.02
CA GLU A 83 2.26 -6.67 2.29
C GLU A 83 3.08 -5.67 1.49
N PHE A 84 4.01 -4.98 2.13
CA PHE A 84 4.79 -3.98 1.43
C PHE A 84 6.14 -3.72 2.10
N ASP A 85 7.04 -3.09 1.34
CA ASP A 85 8.36 -2.75 1.84
C ASP A 85 8.36 -1.29 2.28
N VAL A 86 9.07 -1.00 3.37
CA VAL A 86 9.11 0.37 3.87
C VAL A 86 10.44 1.02 3.45
N VAL A 87 10.34 2.16 2.80
CA VAL A 87 11.53 2.88 2.35
C VAL A 87 11.56 4.25 3.02
N GLU A 88 12.75 4.65 3.45
CA GLU A 88 12.88 5.94 4.13
C GLU A 88 12.52 7.09 3.20
N GLY A 89 11.63 7.96 3.66
CA GLY A 89 11.20 9.11 2.88
C GLY A 89 11.60 10.41 3.55
N GLU A 90 11.59 11.50 2.79
CA GLU A 90 11.98 12.80 3.33
C GLU A 90 11.07 13.22 4.48
N LYS A 91 9.77 12.96 4.32
CA LYS A 91 8.80 13.30 5.36
C LYS A 91 8.62 12.16 6.35
N GLY A 92 9.15 10.99 6.02
CA GLY A 92 9.02 9.83 6.90
C GLY A 92 9.02 8.54 6.10
N ALA A 93 8.79 7.42 6.78
CA ALA A 93 8.76 6.13 6.11
C ALA A 93 7.62 6.07 5.10
N GLU A 94 7.90 5.52 3.93
CA GLU A 94 6.89 5.40 2.88
C GLU A 94 6.82 3.97 2.36
N ALA A 95 5.60 3.47 2.20
CA ALA A 95 5.40 2.11 1.70
C ALA A 95 5.68 2.03 0.20
N ALA A 96 6.13 0.86 -0.25
CA ALA A 96 6.43 0.65 -1.66
C ALA A 96 6.26 -0.82 -2.03
N ASN A 97 6.06 -1.09 -3.31
CA ASN A 97 5.88 -2.47 -3.77
C ASN A 97 4.76 -3.13 -2.97
N VAL A 98 3.63 -2.44 -2.85
CA VAL A 98 2.50 -2.97 -2.10
C VAL A 98 1.81 -4.09 -2.87
N THR A 99 1.70 -5.26 -2.23
CA THR A 99 1.05 -6.40 -2.85
C THR A 99 0.22 -7.13 -1.80
N GLY A 100 -0.68 -7.99 -2.26
CA GLY A 100 -1.50 -8.76 -1.33
C GLY A 100 -0.67 -9.87 -0.70
N PRO A 101 -1.12 -10.46 0.36
CA PRO A 101 -0.37 -11.54 1.05
C PRO A 101 -0.13 -12.75 0.13
N GLY A 102 1.08 -13.30 0.20
CA GLY A 102 1.40 -14.47 -0.61
C GLY A 102 1.58 -14.10 -2.08
N GLY A 103 1.79 -12.82 -2.35
CA GLY A 103 1.96 -12.36 -3.73
C GLY A 103 0.61 -12.12 -4.41
N VAL A 104 -0.47 -12.34 -3.66
CA VAL A 104 -1.82 -12.14 -4.19
C VAL A 104 -2.00 -10.67 -4.63
N PRO A 105 -2.63 -10.40 -5.76
CA PRO A 105 -2.84 -9.00 -6.23
C PRO A 105 -3.76 -8.23 -5.29
N VAL A 106 -3.57 -6.91 -5.20
CA VAL A 106 -4.40 -6.10 -4.33
C VAL A 106 -5.82 -6.01 -4.87
N GLN A 107 -6.80 -6.29 -4.00
CA GLN A 107 -8.19 -6.26 -4.40
C GLN A 107 -8.59 -4.88 -4.90
N GLY A 108 -8.17 -3.86 -4.17
CA GLY A 108 -8.47 -2.48 -4.53
C GLY A 108 -9.80 -2.02 -3.94
N SER A 109 -10.01 -0.70 -3.95
CA SER A 109 -11.24 -0.12 -3.41
C SER A 109 -12.37 -0.23 -4.42
N LYS A 110 -13.59 -0.02 -3.96
CA LYS A 110 -14.76 -0.09 -4.83
C LYS A 110 -14.69 0.98 -5.91
N TYR A 111 -14.20 2.15 -5.52
CA TYR A 111 -14.11 3.26 -6.46
C TYR A 111 -13.08 2.97 -7.55
N ALA A 112 -12.31 1.89 -7.38
CA ALA A 112 -11.31 1.54 -8.37
C ALA A 112 -11.94 1.38 -9.74
N ALA A 113 -11.23 1.86 -10.78
CA ALA A 113 -11.73 1.76 -12.13
C ALA A 113 -11.16 0.55 -12.84
N ASP A 24 20.02 6.27 -4.13
CA ASP A 24 19.52 5.09 -3.36
C ASP A 24 18.73 5.57 -2.15
N LYS A 25 18.08 4.64 -1.46
CA LYS A 25 17.29 4.99 -0.29
C LYS A 25 17.39 3.88 0.76
N LYS A 26 17.16 4.25 2.02
CA LYS A 26 17.23 3.28 3.10
C LYS A 26 15.96 2.45 3.17
N VAL A 27 16.13 1.15 3.32
CA VAL A 27 15.00 0.25 3.44
C VAL A 27 14.79 -0.13 4.89
N ILE A 28 13.79 0.48 5.52
CA ILE A 28 13.51 0.22 6.92
C ILE A 28 13.08 -1.23 7.14
N ALA A 29 12.20 -1.72 6.27
CA ALA A 29 11.72 -3.09 6.39
C ALA A 29 11.28 -3.64 5.03
N THR A 30 11.18 -4.95 4.94
CA THR A 30 10.77 -5.62 3.72
C THR A 30 9.27 -5.95 3.79
N LYS A 31 8.84 -7.05 3.19
CA LYS A 31 7.43 -7.40 3.22
C LYS A 31 6.91 -7.39 4.65
N VAL A 32 6.00 -6.46 4.92
CA VAL A 32 5.41 -6.33 6.25
C VAL A 32 3.89 -6.33 6.17
N LEU A 33 3.25 -7.18 6.96
CA LEU A 33 1.80 -7.23 6.96
C LEU A 33 1.23 -5.92 7.49
N GLY A 34 0.29 -5.36 6.75
CA GLY A 34 -0.34 -4.11 7.13
C GLY A 34 -1.80 -4.13 6.77
N THR A 35 -2.54 -3.14 7.24
CA THR A 35 -3.97 -3.05 6.94
C THR A 35 -4.33 -1.65 6.46
N VAL A 36 -5.15 -1.59 5.43
CA VAL A 36 -5.55 -0.30 4.86
C VAL A 36 -6.57 0.39 5.77
N LYS A 37 -6.19 1.54 6.32
CA LYS A 37 -7.10 2.29 7.17
C LYS A 37 -8.17 2.95 6.31
N TRP A 38 -7.73 3.38 5.12
CA TRP A 38 -8.61 4.01 4.14
C TRP A 38 -7.81 4.45 2.92
N PHE A 39 -8.36 4.26 1.73
CA PHE A 39 -7.69 4.67 0.51
C PHE A 39 -8.70 5.29 -0.46
N ASN A 40 -8.54 6.57 -0.76
CA ASN A 40 -9.47 7.26 -1.64
C ASN A 40 -8.90 7.38 -3.04
N VAL A 41 -9.59 6.78 -4.01
CA VAL A 41 -9.16 6.84 -5.39
C VAL A 41 -9.19 8.26 -5.94
N ARG A 42 -10.27 8.98 -5.65
CA ARG A 42 -10.42 10.35 -6.14
C ARG A 42 -9.31 11.26 -5.65
N ASN A 43 -8.98 11.18 -4.36
CA ASN A 43 -7.93 12.03 -3.81
C ASN A 43 -6.59 11.76 -4.48
N GLY A 44 -6.34 10.48 -4.78
CA GLY A 44 -5.09 10.10 -5.44
C GLY A 44 -4.01 9.67 -4.45
N TYR A 45 -4.35 9.63 -3.15
CA TYR A 45 -3.37 9.21 -2.15
C TYR A 45 -4.08 8.53 -0.98
N GLY A 46 -3.34 7.74 -0.19
CA GLY A 46 -3.94 7.06 0.94
C GLY A 46 -2.89 6.67 1.98
N PHE A 47 -3.34 6.04 3.06
CA PHE A 47 -2.45 5.63 4.14
C PHE A 47 -2.67 4.19 4.58
N ILE A 48 -1.58 3.53 4.99
CA ILE A 48 -1.65 2.15 5.45
C ILE A 48 -1.14 2.07 6.89
N ASN A 49 -1.91 1.45 7.77
CA ASN A 49 -1.48 1.32 9.16
C ASN A 49 -0.85 -0.04 9.41
N ARG A 50 0.47 -0.04 9.59
CA ARG A 50 1.18 -1.28 9.85
C ARG A 50 0.71 -1.90 11.15
N ASN A 51 0.39 -3.19 11.12
CA ASN A 51 -0.05 -3.88 12.31
C ASN A 51 1.13 -4.38 13.14
N ASP A 52 2.34 -4.30 12.58
CA ASP A 52 3.53 -4.75 13.30
C ASP A 52 4.18 -3.58 14.03
N THR A 53 4.02 -2.39 13.46
CA THR A 53 4.61 -1.19 14.04
C THR A 53 3.55 -0.19 14.46
N LYS A 54 2.30 -0.40 14.04
CA LYS A 54 1.24 0.51 14.39
C LYS A 54 1.62 1.94 13.99
N GLU A 55 2.36 2.06 12.90
CA GLU A 55 2.79 3.37 12.42
C GLU A 55 2.22 3.65 11.03
N ASP A 56 1.66 4.85 10.89
CA ASP A 56 1.07 5.27 9.62
C ASP A 56 2.15 5.55 8.58
N VAL A 57 2.00 4.98 7.40
CA VAL A 57 2.96 5.18 6.31
C VAL A 57 2.28 5.73 5.06
N PHE A 58 3.02 6.55 4.31
CA PHE A 58 2.48 7.14 3.08
C PHE A 58 2.44 6.09 1.97
N VAL A 59 1.40 6.14 1.14
CA VAL A 59 1.28 5.19 0.04
C VAL A 59 0.65 5.84 -1.18
N HIS A 60 1.09 5.41 -2.35
CA HIS A 60 0.56 5.95 -3.60
C HIS A 60 0.27 4.80 -4.57
N GLN A 61 -0.65 5.02 -5.51
CA GLN A 61 -1.02 3.98 -6.46
C GLN A 61 0.15 3.55 -7.32
N THR A 62 1.13 4.44 -7.48
CA THR A 62 2.31 4.13 -8.27
C THR A 62 3.25 3.22 -7.48
N ALA A 63 3.02 3.12 -6.18
CA ALA A 63 3.86 2.29 -5.32
C ALA A 63 3.32 0.86 -5.24
N ILE A 64 2.25 0.57 -5.98
CA ILE A 64 1.65 -0.76 -5.94
C ILE A 64 2.16 -1.62 -7.10
N LYS A 65 3.01 -2.59 -6.76
CA LYS A 65 3.57 -3.49 -7.78
C LYS A 65 2.51 -4.40 -8.37
N LYS A 66 1.64 -4.93 -7.51
CA LYS A 66 0.60 -5.85 -7.95
C LYS A 66 -0.79 -5.28 -7.70
N ASN A 67 -1.70 -5.51 -8.64
CA ASN A 67 -3.06 -5.01 -8.51
C ASN A 67 -4.04 -6.01 -9.12
N ASN A 68 -5.30 -5.90 -8.73
CA ASN A 68 -6.32 -6.80 -9.25
C ASN A 68 -6.33 -6.74 -10.79
N PRO A 69 -6.09 -7.84 -11.49
CA PRO A 69 -6.09 -7.84 -12.98
C PRO A 69 -7.42 -7.38 -13.57
N ARG A 70 -8.50 -7.66 -12.86
CA ARG A 70 -9.82 -7.26 -13.32
C ARG A 70 -9.92 -5.74 -13.41
N LYS A 71 -9.01 -5.05 -12.72
CA LYS A 71 -9.03 -3.59 -12.74
C LYS A 71 -7.81 -3.05 -13.49
N TYR A 72 -8.02 -1.99 -14.26
CA TYR A 72 -6.93 -1.38 -15.02
C TYR A 72 -6.32 -0.22 -14.26
N LEU A 73 -7.03 0.24 -13.22
CA LEU A 73 -6.55 1.35 -12.41
C LEU A 73 -6.07 0.83 -11.06
N ARG A 74 -4.83 1.17 -10.71
CA ARG A 74 -4.26 0.71 -9.45
C ARG A 74 -5.06 1.27 -8.28
N SER A 75 -5.43 0.40 -7.36
CA SER A 75 -6.21 0.81 -6.18
C SER A 75 -6.04 -0.20 -5.06
N VAL A 76 -6.22 0.26 -3.82
CA VAL A 76 -6.10 -0.63 -2.67
C VAL A 76 -7.41 -0.65 -1.89
N GLY A 77 -7.90 -1.84 -1.58
CA GLY A 77 -9.17 -1.96 -0.87
C GLY A 77 -9.04 -1.43 0.56
N ASP A 78 -10.11 -0.82 1.05
CA ASP A 78 -10.11 -0.29 2.41
C ASP A 78 -10.24 -1.42 3.41
N GLY A 79 -9.36 -1.43 4.41
CA GLY A 79 -9.37 -2.49 5.41
C GLY A 79 -8.70 -3.75 4.87
N GLU A 80 -8.21 -3.69 3.64
CA GLU A 80 -7.56 -4.82 3.01
C GLU A 80 -6.15 -5.00 3.55
N THR A 81 -5.82 -6.23 3.90
CA THR A 81 -4.48 -6.52 4.41
C THR A 81 -3.50 -6.52 3.26
N VAL A 82 -2.39 -5.79 3.42
CA VAL A 82 -1.41 -5.69 2.35
C VAL A 82 0.01 -5.89 2.87
N GLU A 83 0.94 -6.19 1.96
CA GLU A 83 2.33 -6.36 2.32
C GLU A 83 3.18 -5.41 1.49
N PHE A 84 4.20 -4.81 2.09
CA PHE A 84 5.01 -3.85 1.34
C PHE A 84 6.38 -3.63 1.99
N ASP A 85 7.28 -3.05 1.20
CA ASP A 85 8.62 -2.72 1.67
C ASP A 85 8.61 -1.32 2.27
N VAL A 86 9.05 -1.20 3.51
CA VAL A 86 9.09 0.11 4.15
C VAL A 86 10.44 0.76 3.95
N VAL A 87 10.44 1.99 3.45
CA VAL A 87 11.68 2.72 3.21
C VAL A 87 11.61 4.05 3.92
N GLU A 88 12.77 4.63 4.21
CA GLU A 88 12.82 5.90 4.91
C GLU A 88 12.88 7.07 3.93
N GLY A 89 11.87 7.93 3.98
CA GLY A 89 11.82 9.09 3.10
C GLY A 89 12.11 10.38 3.86
N GLU A 90 12.38 11.45 3.13
CA GLU A 90 12.69 12.74 3.75
C GLU A 90 11.53 13.21 4.61
N LYS A 91 10.32 13.14 4.06
CA LYS A 91 9.14 13.57 4.79
C LYS A 91 8.75 12.55 5.87
N GLY A 92 9.14 11.30 5.68
CA GLY A 92 8.82 10.25 6.64
C GLY A 92 8.87 8.88 5.99
N ALA A 93 8.36 7.87 6.69
CA ALA A 93 8.36 6.51 6.16
C ALA A 93 7.50 6.44 4.90
N GLU A 94 7.96 5.65 3.93
CA GLU A 94 7.23 5.49 2.67
C GLU A 94 7.03 4.01 2.36
N ALA A 95 6.02 3.72 1.55
CA ALA A 95 5.74 2.33 1.16
C ALA A 95 6.00 2.11 -0.32
N ALA A 96 6.46 0.92 -0.66
CA ALA A 96 6.75 0.58 -2.05
C ALA A 96 6.52 -0.91 -2.30
N ASN A 97 6.32 -1.28 -3.55
CA ASN A 97 6.08 -2.68 -3.90
C ASN A 97 4.90 -3.22 -3.09
N VAL A 98 3.85 -2.42 -2.99
CA VAL A 98 2.67 -2.81 -2.24
C VAL A 98 1.88 -3.89 -2.99
N THR A 99 1.72 -5.04 -2.34
CA THR A 99 0.98 -6.15 -2.93
C THR A 99 0.10 -6.79 -1.88
N GLY A 100 -0.76 -7.70 -2.30
CA GLY A 100 -1.64 -8.40 -1.36
C GLY A 100 -0.83 -9.41 -0.58
N PRO A 101 -1.43 -10.09 0.36
CA PRO A 101 -0.71 -11.10 1.19
C PRO A 101 -0.32 -12.33 0.39
N GLY A 102 0.90 -12.82 0.61
CA GLY A 102 1.37 -14.01 -0.09
C GLY A 102 1.65 -13.72 -1.56
N GLY A 103 1.80 -12.44 -1.90
CA GLY A 103 2.07 -12.05 -3.28
C GLY A 103 0.75 -11.93 -4.08
N VAL A 104 -0.37 -12.15 -3.40
CA VAL A 104 -1.68 -12.07 -4.05
C VAL A 104 -1.93 -10.65 -4.57
N PRO A 105 -2.46 -10.48 -5.77
CA PRO A 105 -2.73 -9.12 -6.33
C PRO A 105 -3.66 -8.32 -5.41
N VAL A 106 -3.47 -7.00 -5.37
CA VAL A 106 -4.29 -6.15 -4.52
C VAL A 106 -5.73 -6.12 -5.02
N GLN A 107 -6.67 -6.42 -4.11
CA GLN A 107 -8.08 -6.44 -4.49
C GLN A 107 -8.53 -5.06 -4.95
N GLY A 108 -8.08 -4.04 -4.26
CA GLY A 108 -8.43 -2.67 -4.61
C GLY A 108 -9.76 -2.25 -3.98
N SER A 109 -10.22 -1.05 -4.34
CA SER A 109 -11.47 -0.52 -3.81
C SER A 109 -12.52 -0.44 -4.90
N LYS A 110 -13.78 -0.37 -4.50
CA LYS A 110 -14.88 -0.29 -5.45
C LYS A 110 -14.74 0.96 -6.32
N TYR A 111 -14.31 2.05 -5.70
CA TYR A 111 -14.12 3.29 -6.43
C TYR A 111 -13.10 3.13 -7.55
N ALA A 112 -12.32 2.05 -7.50
CA ALA A 112 -11.32 1.82 -8.53
C ALA A 112 -11.97 1.76 -9.91
N ALA A 113 -11.28 2.32 -10.90
CA ALA A 113 -11.80 2.33 -12.27
C ALA A 113 -11.27 1.13 -13.05
N ASP A 24 20.03 6.71 -4.47
CA ASP A 24 20.23 5.79 -3.32
C ASP A 24 19.16 6.03 -2.27
N LYS A 25 18.61 4.95 -1.72
CA LYS A 25 17.56 5.07 -0.71
C LYS A 25 17.76 4.00 0.36
N LYS A 26 17.18 4.25 1.53
CA LYS A 26 17.31 3.30 2.65
C LYS A 26 16.01 2.54 2.86
N VAL A 27 16.14 1.23 3.00
CA VAL A 27 14.98 0.39 3.23
C VAL A 27 14.85 0.09 4.71
N ILE A 28 13.96 0.83 5.38
CA ILE A 28 13.75 0.66 6.80
C ILE A 28 13.22 -0.74 7.10
N ALA A 29 12.27 -1.20 6.30
CA ALA A 29 11.69 -2.53 6.50
C ALA A 29 11.33 -3.18 5.15
N THR A 30 11.24 -4.49 5.16
CA THR A 30 10.90 -5.24 3.95
C THR A 30 9.41 -5.59 3.96
N LYS A 31 9.02 -6.67 3.28
CA LYS A 31 7.61 -7.04 3.24
C LYS A 31 7.04 -7.14 4.65
N VAL A 32 6.06 -6.30 4.93
CA VAL A 32 5.40 -6.29 6.24
C VAL A 32 3.90 -6.30 6.09
N LEU A 33 3.24 -7.22 6.77
CA LEU A 33 1.78 -7.29 6.73
C LEU A 33 1.19 -6.07 7.41
N GLY A 34 0.18 -5.50 6.78
CA GLY A 34 -0.47 -4.31 7.31
C GLY A 34 -1.93 -4.29 6.89
N THR A 35 -2.65 -3.28 7.34
CA THR A 35 -4.06 -3.14 7.00
C THR A 35 -4.36 -1.74 6.50
N VAL A 36 -5.17 -1.65 5.45
CA VAL A 36 -5.50 -0.35 4.87
C VAL A 36 -6.53 0.38 5.74
N LYS A 37 -6.11 1.52 6.28
CA LYS A 37 -7.02 2.30 7.11
C LYS A 37 -8.11 2.90 6.22
N TRP A 38 -7.66 3.39 5.07
CA TRP A 38 -8.57 3.95 4.06
C TRP A 38 -7.75 4.46 2.86
N PHE A 39 -8.26 4.21 1.66
CA PHE A 39 -7.59 4.66 0.45
C PHE A 39 -8.58 5.33 -0.49
N ASN A 40 -8.40 6.63 -0.73
CA ASN A 40 -9.32 7.36 -1.58
C ASN A 40 -8.81 7.42 -3.01
N VAL A 41 -9.57 6.84 -3.92
CA VAL A 41 -9.18 6.82 -5.33
C VAL A 41 -9.14 8.23 -5.92
N ARG A 42 -10.16 9.02 -5.62
CA ARG A 42 -10.25 10.37 -6.16
C ARG A 42 -9.07 11.25 -5.70
N ASN A 43 -8.70 11.13 -4.44
CA ASN A 43 -7.59 11.93 -3.92
C ASN A 43 -6.28 11.58 -4.63
N GLY A 44 -6.11 10.29 -4.92
CA GLY A 44 -4.90 9.84 -5.62
C GLY A 44 -3.81 9.38 -4.64
N TYR A 45 -4.11 9.39 -3.35
CA TYR A 45 -3.12 8.96 -2.36
C TYR A 45 -3.81 8.37 -1.14
N GLY A 46 -3.09 7.57 -0.35
CA GLY A 46 -3.68 6.95 0.82
C GLY A 46 -2.61 6.47 1.80
N PHE A 47 -3.06 5.89 2.92
CA PHE A 47 -2.14 5.41 3.95
C PHE A 47 -2.44 3.98 4.38
N ILE A 48 -1.40 3.27 4.80
CA ILE A 48 -1.55 1.89 5.28
C ILE A 48 -1.07 1.79 6.72
N ASN A 49 -1.91 1.25 7.60
CA ASN A 49 -1.54 1.13 9.00
C ASN A 49 -0.91 -0.23 9.27
N ARG A 50 0.38 -0.21 9.55
CA ARG A 50 1.09 -1.46 9.85
C ARG A 50 0.58 -2.05 11.15
N ASN A 51 0.21 -3.32 11.12
CA ASN A 51 -0.29 -3.98 12.33
C ASN A 51 0.86 -4.27 13.31
N ASP A 52 2.08 -4.42 12.79
CA ASP A 52 3.22 -4.72 13.64
C ASP A 52 3.59 -3.50 14.48
N THR A 53 3.56 -2.34 13.84
CA THR A 53 3.95 -1.10 14.50
C THR A 53 2.75 -0.21 14.79
N LYS A 54 1.59 -0.59 14.29
CA LYS A 54 0.39 0.21 14.49
C LYS A 54 0.65 1.65 14.07
N GLU A 55 1.52 1.82 13.08
CA GLU A 55 1.86 3.15 12.59
C GLU A 55 1.48 3.30 11.11
N ASP A 56 0.86 4.42 10.81
CA ASP A 56 0.43 4.71 9.44
C ASP A 56 1.63 4.85 8.51
N VAL A 57 1.45 4.42 7.26
CA VAL A 57 2.53 4.50 6.28
C VAL A 57 2.05 5.20 5.00
N PHE A 58 2.83 6.18 4.54
CA PHE A 58 2.48 6.93 3.33
C PHE A 58 2.58 6.02 2.10
N VAL A 59 1.54 6.01 1.27
CA VAL A 59 1.56 5.17 0.08
C VAL A 59 0.86 5.87 -1.08
N HIS A 60 1.32 5.57 -2.29
CA HIS A 60 0.74 6.15 -3.48
C HIS A 60 0.36 5.03 -4.47
N GLN A 61 -0.52 5.35 -5.42
CA GLN A 61 -0.96 4.35 -6.39
C GLN A 61 0.21 3.81 -7.23
N THR A 62 1.27 4.60 -7.34
CA THR A 62 2.43 4.18 -8.10
C THR A 62 3.31 3.26 -7.26
N ALA A 63 3.02 3.19 -5.96
CA ALA A 63 3.79 2.35 -5.05
C ALA A 63 3.28 0.91 -5.06
N ILE A 64 2.20 0.67 -5.80
CA ILE A 64 1.61 -0.68 -5.84
C ILE A 64 2.22 -1.50 -6.98
N LYS A 65 3.13 -2.40 -6.61
CA LYS A 65 3.79 -3.26 -7.60
C LYS A 65 2.79 -4.18 -8.28
N LYS A 66 1.88 -4.76 -7.48
CA LYS A 66 0.89 -5.69 -8.02
C LYS A 66 -0.52 -5.20 -7.76
N ASN A 67 -1.40 -5.39 -8.73
CA ASN A 67 -2.78 -4.96 -8.60
C ASN A 67 -3.71 -6.01 -9.21
N ASN A 68 -4.94 -6.06 -8.70
CA ASN A 68 -5.91 -7.03 -9.20
C ASN A 68 -6.10 -6.84 -10.72
N PRO A 69 -6.07 -7.89 -11.51
CA PRO A 69 -6.24 -7.77 -13.00
C PRO A 69 -7.68 -7.41 -13.40
N ARG A 70 -8.59 -7.52 -12.44
CA ARG A 70 -9.98 -7.19 -12.70
C ARG A 70 -10.12 -5.71 -13.07
N LYS A 71 -9.22 -4.88 -12.56
CA LYS A 71 -9.26 -3.45 -12.83
C LYS A 71 -7.95 -2.97 -13.45
N TYR A 72 -8.04 -1.98 -14.32
CA TYR A 72 -6.84 -1.46 -14.99
C TYR A 72 -6.23 -0.33 -14.18
N LEU A 73 -7.00 0.20 -13.24
CA LEU A 73 -6.52 1.30 -12.39
C LEU A 73 -6.01 0.75 -11.07
N ARG A 74 -4.75 1.06 -10.74
CA ARG A 74 -4.18 0.59 -9.49
C ARG A 74 -4.90 1.21 -8.30
N SER A 75 -5.27 0.37 -7.35
CA SER A 75 -5.95 0.84 -6.15
C SER A 75 -5.80 -0.17 -5.02
N VAL A 76 -6.06 0.28 -3.78
CA VAL A 76 -5.96 -0.60 -2.64
C VAL A 76 -7.27 -0.59 -1.86
N GLY A 77 -7.82 -1.77 -1.58
CA GLY A 77 -9.09 -1.86 -0.87
C GLY A 77 -8.96 -1.36 0.56
N ASP A 78 -10.02 -0.73 1.06
CA ASP A 78 -10.01 -0.22 2.43
C ASP A 78 -10.21 -1.39 3.40
N GLY A 79 -9.35 -1.45 4.41
CA GLY A 79 -9.42 -2.54 5.38
C GLY A 79 -8.78 -3.81 4.83
N GLU A 80 -8.24 -3.71 3.61
CA GLU A 80 -7.61 -4.85 2.97
C GLU A 80 -6.21 -5.07 3.52
N THR A 81 -5.91 -6.30 3.90
CA THR A 81 -4.60 -6.62 4.43
C THR A 81 -3.58 -6.62 3.29
N VAL A 82 -2.46 -5.93 3.48
CA VAL A 82 -1.47 -5.82 2.41
C VAL A 82 -0.06 -6.04 2.94
N GLU A 83 0.87 -6.33 2.04
CA GLU A 83 2.27 -6.52 2.43
C GLU A 83 3.12 -5.54 1.62
N PHE A 84 4.09 -4.92 2.27
CA PHE A 84 4.91 -3.94 1.58
C PHE A 84 6.23 -3.66 2.29
N ASP A 85 7.14 -3.01 1.57
CA ASP A 85 8.44 -2.65 2.11
C ASP A 85 8.42 -1.18 2.51
N VAL A 86 9.13 -0.84 3.57
CA VAL A 86 9.17 0.55 4.03
C VAL A 86 10.51 1.17 3.67
N VAL A 87 10.45 2.32 3.01
CA VAL A 87 11.67 3.04 2.62
C VAL A 87 11.65 4.43 3.23
N GLU A 88 12.76 4.84 3.81
CA GLU A 88 12.83 6.15 4.44
C GLU A 88 12.69 7.26 3.41
N GLY A 89 11.75 8.17 3.65
CA GLY A 89 11.53 9.30 2.74
C GLY A 89 11.84 10.62 3.44
N GLU A 90 11.94 11.68 2.65
CA GLU A 90 12.24 13.00 3.21
C GLU A 90 11.16 13.43 4.20
N LYS A 91 9.90 13.30 3.80
CA LYS A 91 8.79 13.66 4.67
C LYS A 91 8.60 12.63 5.79
N GLY A 92 9.08 11.41 5.56
CA GLY A 92 8.95 10.36 6.56
C GLY A 92 8.95 8.98 5.91
N ALA A 93 8.61 7.96 6.69
CA ALA A 93 8.58 6.61 6.15
C ALA A 93 7.53 6.49 5.05
N GLU A 94 7.88 5.76 3.99
CA GLU A 94 6.97 5.57 2.86
C GLU A 94 6.95 4.11 2.43
N ALA A 95 5.75 3.60 2.17
CA ALA A 95 5.61 2.22 1.73
C ALA A 95 5.94 2.07 0.25
N ALA A 96 6.43 0.89 -0.12
CA ALA A 96 6.78 0.62 -1.51
C ALA A 96 6.59 -0.86 -1.83
N ASN A 97 6.40 -1.17 -3.11
CA ASN A 97 6.20 -2.56 -3.52
C ASN A 97 5.02 -3.16 -2.77
N VAL A 98 3.91 -2.43 -2.76
CA VAL A 98 2.71 -2.90 -2.07
C VAL A 98 2.01 -3.99 -2.86
N THR A 99 1.79 -5.13 -2.22
CA THR A 99 1.11 -6.25 -2.86
C THR A 99 0.14 -6.89 -1.89
N GLY A 100 -0.73 -7.74 -2.39
CA GLY A 100 -1.69 -8.42 -1.52
C GLY A 100 -0.96 -9.49 -0.71
N PRO A 101 -1.59 -10.05 0.27
CA PRO A 101 -0.97 -11.10 1.12
C PRO A 101 -0.55 -12.33 0.32
N GLY A 102 0.65 -12.83 0.59
CA GLY A 102 1.15 -14.02 -0.10
C GLY A 102 1.49 -13.71 -1.55
N GLY A 103 1.71 -12.43 -1.85
CA GLY A 103 2.04 -12.03 -3.22
C GLY A 103 0.78 -11.90 -4.08
N VAL A 104 -0.37 -12.14 -3.47
CA VAL A 104 -1.64 -12.05 -4.19
C VAL A 104 -1.87 -10.62 -4.71
N PRO A 105 -2.41 -10.44 -5.90
CA PRO A 105 -2.66 -9.07 -6.45
C PRO A 105 -3.57 -8.26 -5.52
N VAL A 106 -3.37 -6.95 -5.47
CA VAL A 106 -4.17 -6.09 -4.61
C VAL A 106 -5.61 -6.02 -5.11
N GLN A 107 -6.55 -6.35 -4.23
CA GLN A 107 -7.97 -6.35 -4.60
C GLN A 107 -8.40 -4.96 -5.04
N GLY A 108 -7.91 -3.94 -4.34
CA GLY A 108 -8.23 -2.56 -4.66
C GLY A 108 -9.57 -2.14 -4.05
N SER A 109 -10.04 -0.96 -4.43
CA SER A 109 -11.29 -0.42 -3.91
C SER A 109 -12.33 -0.35 -5.01
N LYS A 110 -13.60 -0.41 -4.62
CA LYS A 110 -14.70 -0.35 -5.58
C LYS A 110 -14.64 0.95 -6.36
N TYR A 111 -14.26 2.01 -5.69
CA TYR A 111 -14.18 3.32 -6.33
C TYR A 111 -13.21 3.30 -7.52
N ALA A 112 -12.36 2.28 -7.57
CA ALA A 112 -11.39 2.17 -8.66
C ALA A 112 -12.11 2.12 -10.00
N ALA A 113 -11.53 2.77 -11.00
CA ALA A 113 -12.13 2.79 -12.33
C ALA A 113 -11.49 1.73 -13.22
N ASP A 24 20.31 3.93 -3.65
CA ASP A 24 18.82 4.11 -3.59
C ASP A 24 18.42 4.47 -2.16
N LYS A 25 17.12 4.66 -1.96
CA LYS A 25 16.62 5.02 -0.65
C LYS A 25 16.74 3.83 0.31
N LYS A 26 17.05 4.12 1.57
CA LYS A 26 17.19 3.07 2.57
C LYS A 26 15.87 2.34 2.78
N VAL A 27 15.95 1.02 2.85
CA VAL A 27 14.78 0.21 3.08
C VAL A 27 14.71 -0.19 4.55
N ILE A 28 13.87 0.51 5.30
CA ILE A 28 13.73 0.24 6.72
C ILE A 28 13.24 -1.19 6.96
N ALA A 29 12.27 -1.61 6.17
CA ALA A 29 11.72 -2.96 6.30
C ALA A 29 11.28 -3.51 4.96
N THR A 30 11.15 -4.83 4.89
CA THR A 30 10.72 -5.50 3.66
C THR A 30 9.24 -5.83 3.74
N LYS A 31 8.81 -6.94 3.15
CA LYS A 31 7.39 -7.29 3.17
C LYS A 31 6.89 -7.36 4.61
N VAL A 32 5.95 -6.48 4.93
CA VAL A 32 5.36 -6.43 6.26
C VAL A 32 3.85 -6.42 6.19
N LEU A 33 3.21 -7.27 7.00
CA LEU A 33 1.75 -7.31 7.03
C LEU A 33 1.21 -5.99 7.58
N GLY A 34 0.26 -5.41 6.86
CA GLY A 34 -0.33 -4.15 7.26
C GLY A 34 -1.79 -4.12 6.86
N THR A 35 -2.50 -3.09 7.29
CA THR A 35 -3.92 -2.94 6.98
C THR A 35 -4.20 -1.57 6.40
N VAL A 36 -5.06 -1.52 5.40
CA VAL A 36 -5.39 -0.26 4.75
C VAL A 36 -6.34 0.57 5.63
N LYS A 37 -5.81 1.63 6.22
CA LYS A 37 -6.63 2.49 7.06
C LYS A 37 -7.75 3.09 6.21
N TRP A 38 -7.35 3.56 5.03
CA TRP A 38 -8.29 4.13 4.06
C TRP A 38 -7.55 4.50 2.77
N PHE A 39 -8.17 4.23 1.63
CA PHE A 39 -7.57 4.57 0.35
C PHE A 39 -8.62 5.16 -0.58
N ASN A 40 -8.43 6.43 -0.95
CA ASN A 40 -9.39 7.10 -1.82
C ASN A 40 -8.87 7.15 -3.25
N VAL A 41 -9.65 6.58 -4.16
CA VAL A 41 -9.27 6.56 -5.58
C VAL A 41 -9.21 7.97 -6.14
N ARG A 42 -10.22 8.78 -5.85
CA ARG A 42 -10.27 10.15 -6.38
C ARG A 42 -9.08 10.99 -5.92
N ASN A 43 -8.74 10.90 -4.63
CA ASN A 43 -7.62 11.69 -4.12
C ASN A 43 -6.31 11.28 -4.80
N GLY A 44 -6.16 9.99 -5.06
CA GLY A 44 -4.96 9.49 -5.73
C GLY A 44 -3.89 9.03 -4.73
N TYR A 45 -4.19 9.09 -3.44
CA TYR A 45 -3.22 8.67 -2.43
C TYR A 45 -3.95 8.09 -1.22
N GLY A 46 -3.24 7.32 -0.39
CA GLY A 46 -3.86 6.72 0.79
C GLY A 46 -2.82 6.35 1.84
N PHE A 47 -3.28 5.79 2.95
CA PHE A 47 -2.40 5.40 4.05
C PHE A 47 -2.64 3.98 4.51
N ILE A 48 -1.57 3.30 4.91
CA ILE A 48 -1.64 1.93 5.40
C ILE A 48 -1.12 1.86 6.84
N ASN A 49 -1.93 1.34 7.74
CA ASN A 49 -1.51 1.23 9.14
C ASN A 49 -0.88 -0.13 9.41
N ARG A 50 0.42 -0.13 9.65
CA ARG A 50 1.13 -1.37 9.93
C ARG A 50 0.63 -1.97 11.23
N ASN A 51 0.34 -3.26 11.22
CA ASN A 51 -0.13 -3.93 12.43
C ASN A 51 1.03 -4.46 13.27
N ASP A 52 2.26 -4.36 12.73
CA ASP A 52 3.43 -4.85 13.46
C ASP A 52 4.09 -3.68 14.19
N THR A 53 3.99 -2.49 13.60
CA THR A 53 4.59 -1.30 14.18
C THR A 53 3.54 -0.30 14.62
N LYS A 54 2.29 -0.51 14.21
CA LYS A 54 1.22 0.41 14.56
C LYS A 54 1.58 1.82 14.10
N GLU A 55 2.26 1.91 12.96
CA GLU A 55 2.66 3.20 12.42
C GLU A 55 2.05 3.43 11.05
N ASP A 56 1.74 4.69 10.77
CA ASP A 56 1.13 5.07 9.49
C ASP A 56 2.20 5.26 8.41
N VAL A 57 2.09 4.49 7.33
CA VAL A 57 3.03 4.59 6.23
C VAL A 57 2.36 5.16 4.98
N PHE A 58 2.94 6.21 4.43
CA PHE A 58 2.39 6.86 3.23
C PHE A 58 2.45 5.90 2.04
N VAL A 59 1.34 5.80 1.29
CA VAL A 59 1.31 4.92 0.13
C VAL A 59 0.71 5.63 -1.07
N HIS A 60 1.18 5.26 -2.24
CA HIS A 60 0.69 5.86 -3.48
C HIS A 60 0.39 4.76 -4.51
N GLN A 61 -0.39 5.09 -5.53
CA GLN A 61 -0.74 4.11 -6.56
C GLN A 61 0.49 3.61 -7.31
N THR A 62 1.41 4.51 -7.59
CA THR A 62 2.64 4.12 -8.29
C THR A 62 3.50 3.23 -7.40
N ALA A 63 3.21 3.23 -6.10
CA ALA A 63 3.96 2.41 -5.16
C ALA A 63 3.42 0.98 -5.10
N ILE A 64 2.36 0.70 -5.86
CA ILE A 64 1.76 -0.61 -5.86
C ILE A 64 2.26 -1.45 -7.04
N LYS A 65 3.15 -2.40 -6.74
CA LYS A 65 3.71 -3.27 -7.76
C LYS A 65 2.64 -4.18 -8.35
N LYS A 66 1.78 -4.73 -7.49
CA LYS A 66 0.73 -5.63 -7.95
C LYS A 66 -0.64 -5.15 -7.53
N ASN A 67 -1.64 -5.36 -8.38
CA ASN A 67 -2.99 -4.93 -8.09
C ASN A 67 -3.99 -5.85 -8.79
N ASN A 68 -5.27 -5.58 -8.55
CA ASN A 68 -6.32 -6.39 -9.17
C ASN A 68 -6.30 -6.20 -10.70
N PRO A 69 -6.08 -7.23 -11.48
CA PRO A 69 -6.05 -7.11 -12.97
C PRO A 69 -7.37 -6.56 -13.54
N ARG A 70 -8.47 -6.92 -12.89
CA ARG A 70 -9.78 -6.46 -13.34
C ARG A 70 -9.88 -4.94 -13.23
N LYS A 71 -9.03 -4.34 -12.39
CA LYS A 71 -9.06 -2.90 -12.21
C LYS A 71 -8.03 -2.22 -13.11
N TYR A 72 -8.49 -1.35 -14.00
CA TYR A 72 -7.59 -0.65 -14.91
C TYR A 72 -6.60 0.21 -14.14
N LEU A 73 -7.11 0.99 -13.19
CA LEU A 73 -6.27 1.86 -12.38
C LEU A 73 -5.87 1.17 -11.08
N ARG A 74 -4.66 1.43 -10.61
CA ARG A 74 -4.20 0.83 -9.36
C ARG A 74 -5.05 1.33 -8.20
N SER A 75 -5.43 0.40 -7.33
CA SER A 75 -6.26 0.72 -6.17
C SER A 75 -6.06 -0.29 -5.06
N VAL A 76 -6.26 0.14 -3.83
CA VAL A 76 -6.11 -0.77 -2.69
C VAL A 76 -7.39 -0.77 -1.87
N GLY A 77 -7.89 -1.97 -1.56
CA GLY A 77 -9.13 -2.09 -0.81
C GLY A 77 -9.01 -1.48 0.59
N ASP A 78 -10.05 -0.79 1.03
CA ASP A 78 -10.04 -0.18 2.35
C ASP A 78 -10.18 -1.26 3.43
N GLY A 79 -9.28 -1.23 4.40
CA GLY A 79 -9.31 -2.23 5.47
C GLY A 79 -8.69 -3.54 4.98
N GLU A 80 -8.24 -3.55 3.72
CA GLU A 80 -7.63 -4.74 3.14
C GLU A 80 -6.21 -4.92 3.66
N THR A 81 -5.91 -6.14 4.07
CA THR A 81 -4.56 -6.46 4.55
C THR A 81 -3.59 -6.47 3.38
N VAL A 82 -2.48 -5.75 3.52
CA VAL A 82 -1.52 -5.68 2.42
C VAL A 82 -0.08 -5.89 2.91
N GLU A 83 0.81 -6.25 2.00
CA GLU A 83 2.21 -6.44 2.33
C GLU A 83 3.04 -5.46 1.54
N PHE A 84 4.02 -4.83 2.18
CA PHE A 84 4.82 -3.83 1.47
C PHE A 84 6.17 -3.60 2.14
N ASP A 85 7.08 -2.97 1.39
CA ASP A 85 8.41 -2.66 1.89
C ASP A 85 8.43 -1.22 2.40
N VAL A 86 9.13 -0.99 3.50
CA VAL A 86 9.21 0.35 4.05
C VAL A 86 10.51 1.01 3.63
N VAL A 87 10.40 2.21 3.07
CA VAL A 87 11.57 2.95 2.63
C VAL A 87 11.61 4.31 3.29
N GLU A 88 12.76 4.71 3.78
CA GLU A 88 12.89 5.99 4.47
C GLU A 88 12.66 7.14 3.50
N GLY A 89 11.77 8.06 3.89
CA GLY A 89 11.47 9.23 3.07
C GLY A 89 11.81 10.52 3.82
N GLU A 90 12.02 11.59 3.06
CA GLU A 90 12.35 12.88 3.66
C GLU A 90 11.24 13.34 4.61
N LYS A 91 10.00 13.23 4.16
CA LYS A 91 8.85 13.62 4.99
C LYS A 91 8.56 12.57 6.06
N GLY A 92 9.10 11.36 5.88
CA GLY A 92 8.87 10.29 6.83
C GLY A 92 8.92 8.93 6.15
N ALA A 93 8.54 7.89 6.88
CA ALA A 93 8.53 6.54 6.32
C ALA A 93 7.55 6.46 5.14
N GLU A 94 7.95 5.73 4.11
CA GLU A 94 7.12 5.57 2.92
C GLU A 94 6.95 4.10 2.58
N ALA A 95 5.86 3.78 1.89
CA ALA A 95 5.59 2.40 1.51
C ALA A 95 5.87 2.20 0.02
N ALA A 96 6.37 1.01 -0.33
CA ALA A 96 6.67 0.69 -1.72
C ALA A 96 6.50 -0.80 -1.96
N ASN A 97 6.33 -1.19 -3.22
CA ASN A 97 6.15 -2.59 -3.56
C ASN A 97 4.95 -3.16 -2.80
N VAL A 98 3.85 -2.44 -2.83
CA VAL A 98 2.64 -2.87 -2.14
C VAL A 98 1.92 -3.97 -2.92
N THR A 99 1.72 -5.10 -2.26
CA THR A 99 1.05 -6.23 -2.88
C THR A 99 0.08 -6.86 -1.89
N GLY A 100 -0.77 -7.76 -2.38
CA GLY A 100 -1.72 -8.43 -1.49
C GLY A 100 -0.98 -9.43 -0.61
N PRO A 101 -1.64 -10.02 0.33
CA PRO A 101 -0.99 -10.99 1.26
C PRO A 101 -0.58 -12.28 0.53
N GLY A 102 0.62 -12.76 0.85
CA GLY A 102 1.11 -13.98 0.23
C GLY A 102 1.56 -13.74 -1.21
N GLY A 103 1.75 -12.47 -1.57
CA GLY A 103 2.16 -12.12 -2.93
C GLY A 103 0.97 -12.07 -3.88
N VAL A 104 -0.23 -12.27 -3.33
CA VAL A 104 -1.45 -12.23 -4.13
C VAL A 104 -1.75 -10.81 -4.61
N PRO A 105 -2.35 -10.61 -5.77
CA PRO A 105 -2.68 -9.24 -6.26
C PRO A 105 -3.61 -8.50 -5.30
N VAL A 106 -3.48 -7.19 -5.22
CA VAL A 106 -4.33 -6.40 -4.33
C VAL A 106 -5.76 -6.35 -4.85
N GLN A 107 -6.72 -6.61 -3.97
CA GLN A 107 -8.13 -6.61 -4.35
C GLN A 107 -8.53 -5.24 -4.87
N GLY A 108 -8.06 -4.20 -4.20
CA GLY A 108 -8.36 -2.83 -4.61
C GLY A 108 -9.70 -2.36 -4.04
N SER A 109 -10.12 -1.18 -4.47
CA SER A 109 -11.38 -0.60 -4.00
C SER A 109 -12.39 -0.53 -5.13
N LYS A 110 -13.67 -0.52 -4.76
CA LYS A 110 -14.74 -0.46 -5.75
C LYS A 110 -14.65 0.83 -6.55
N TYR A 111 -14.24 1.90 -5.89
CA TYR A 111 -14.12 3.19 -6.55
C TYR A 111 -13.10 3.14 -7.67
N ALA A 112 -12.21 2.14 -7.64
CA ALA A 112 -11.20 2.01 -8.67
C ALA A 112 -11.84 1.86 -10.04
N ALA A 113 -11.25 2.50 -11.04
CA ALA A 113 -11.77 2.44 -12.41
C ALA A 113 -11.62 1.03 -12.97
N ASP A 24 20.59 4.98 -3.39
CA ASP A 24 19.20 4.47 -3.21
C ASP A 24 18.69 4.87 -1.83
N LYS A 25 17.38 4.97 -1.69
CA LYS A 25 16.78 5.34 -0.42
C LYS A 25 16.92 4.21 0.58
N LYS A 26 17.11 4.57 1.86
CA LYS A 26 17.26 3.56 2.90
C LYS A 26 16.01 2.72 3.03
N VAL A 27 16.21 1.41 3.14
CA VAL A 27 15.10 0.49 3.28
C VAL A 27 14.90 0.17 4.75
N ILE A 28 13.90 0.80 5.35
CA ILE A 28 13.63 0.59 6.76
C ILE A 28 13.23 -0.85 7.04
N ALA A 29 12.36 -1.39 6.20
CA ALA A 29 11.89 -2.76 6.37
C ALA A 29 11.51 -3.38 5.02
N THR A 30 11.41 -4.71 5.01
CA THR A 30 11.04 -5.43 3.80
C THR A 30 9.56 -5.80 3.85
N LYS A 31 9.18 -6.92 3.24
CA LYS A 31 7.77 -7.31 3.24
C LYS A 31 7.21 -7.31 4.67
N VAL A 32 6.22 -6.46 4.89
CA VAL A 32 5.59 -6.35 6.19
C VAL A 32 4.07 -6.35 6.06
N LEU A 33 3.40 -7.18 6.83
CA LEU A 33 1.95 -7.23 6.80
C LEU A 33 1.37 -6.00 7.48
N GLY A 34 0.37 -5.41 6.85
CA GLY A 34 -0.26 -4.22 7.39
C GLY A 34 -1.74 -4.20 7.01
N THR A 35 -2.44 -3.17 7.46
CA THR A 35 -3.86 -3.05 7.16
C THR A 35 -4.17 -1.67 6.58
N VAL A 36 -4.99 -1.64 5.54
CA VAL A 36 -5.33 -0.38 4.89
C VAL A 36 -6.32 0.41 5.73
N LYS A 37 -5.85 1.50 6.33
CA LYS A 37 -6.72 2.34 7.15
C LYS A 37 -7.84 2.88 6.27
N TRP A 38 -7.43 3.41 5.11
CA TRP A 38 -8.37 3.95 4.12
C TRP A 38 -7.60 4.46 2.90
N PHE A 39 -8.12 4.19 1.71
CA PHE A 39 -7.49 4.65 0.48
C PHE A 39 -8.52 5.27 -0.45
N ASN A 40 -8.38 6.56 -0.72
CA ASN A 40 -9.32 7.25 -1.59
C ASN A 40 -8.82 7.29 -3.02
N VAL A 41 -9.56 6.66 -3.91
CA VAL A 41 -9.17 6.61 -5.32
C VAL A 41 -9.14 8.01 -5.94
N ARG A 42 -10.17 8.80 -5.64
CA ARG A 42 -10.26 10.15 -6.20
C ARG A 42 -9.08 11.04 -5.78
N ASN A 43 -8.73 10.99 -4.49
CA ASN A 43 -7.62 11.79 -3.99
C ASN A 43 -6.31 11.37 -4.66
N GLY A 44 -6.14 10.08 -4.87
CA GLY A 44 -4.94 9.57 -5.52
C GLY A 44 -3.87 9.15 -4.51
N TYR A 45 -4.17 9.24 -3.21
CA TYR A 45 -3.20 8.84 -2.20
C TYR A 45 -3.93 8.30 -0.96
N GLY A 46 -3.22 7.54 -0.13
CA GLY A 46 -3.84 6.97 1.06
C GLY A 46 -2.80 6.53 2.08
N PHE A 47 -3.27 5.96 3.18
CA PHE A 47 -2.37 5.50 4.26
C PHE A 47 -2.64 4.06 4.66
N ILE A 48 -1.56 3.36 5.02
CA ILE A 48 -1.65 1.97 5.46
C ILE A 48 -1.20 1.86 6.91
N ASN A 49 -2.05 1.31 7.76
CA ASN A 49 -1.70 1.16 9.18
C ASN A 49 -1.00 -0.16 9.43
N ARG A 50 0.29 -0.09 9.71
CA ARG A 50 1.06 -1.30 9.99
C ARG A 50 0.52 -2.00 11.23
N ASN A 51 0.34 -3.30 11.14
CA ASN A 51 -0.16 -4.06 12.29
C ASN A 51 0.98 -4.48 13.22
N ASP A 52 2.22 -4.13 12.85
CA ASP A 52 3.37 -4.49 13.68
C ASP A 52 3.81 -3.28 14.49
N THR A 53 3.64 -2.10 13.91
CA THR A 53 4.04 -0.87 14.58
C THR A 53 2.82 0.00 14.90
N LYS A 54 1.66 -0.36 14.37
CA LYS A 54 0.45 0.42 14.61
C LYS A 54 0.68 1.87 14.20
N GLU A 55 1.51 2.06 13.18
CA GLU A 55 1.80 3.40 12.68
C GLU A 55 1.40 3.55 11.22
N ASP A 56 0.87 4.71 10.89
CA ASP A 56 0.42 4.99 9.54
C ASP A 56 1.61 5.05 8.56
N VAL A 57 1.38 4.60 7.34
CA VAL A 57 2.43 4.61 6.32
C VAL A 57 1.93 5.27 5.04
N PHE A 58 2.74 6.19 4.51
CA PHE A 58 2.38 6.90 3.28
C PHE A 58 2.44 5.95 2.08
N VAL A 59 1.47 6.05 1.18
CA VAL A 59 1.45 5.18 0.01
C VAL A 59 0.85 5.91 -1.19
N HIS A 60 1.34 5.54 -2.37
CA HIS A 60 0.86 6.14 -3.60
C HIS A 60 0.47 5.05 -4.60
N GLN A 61 -0.34 5.41 -5.59
CA GLN A 61 -0.78 4.43 -6.58
C GLN A 61 0.39 3.80 -7.34
N THR A 62 1.38 4.62 -7.68
CA THR A 62 2.54 4.12 -8.40
C THR A 62 3.36 3.20 -7.49
N ALA A 63 3.07 3.23 -6.20
CA ALA A 63 3.77 2.39 -5.23
C ALA A 63 3.24 0.96 -5.26
N ILE A 64 2.15 0.73 -5.98
CA ILE A 64 1.54 -0.60 -6.02
C ILE A 64 2.08 -1.40 -7.20
N LYS A 65 3.09 -2.24 -6.93
CA LYS A 65 3.68 -3.09 -7.96
C LYS A 65 2.66 -4.08 -8.52
N LYS A 66 1.86 -4.67 -7.63
CA LYS A 66 0.86 -5.65 -8.05
C LYS A 66 -0.54 -5.18 -7.68
N ASN A 67 -1.45 -5.25 -8.63
CA ASN A 67 -2.83 -4.85 -8.41
C ASN A 67 -3.79 -5.73 -9.19
N ASN A 68 -5.04 -5.77 -8.75
CA ASN A 68 -6.04 -6.59 -9.43
C ASN A 68 -6.15 -6.15 -10.91
N PRO A 69 -5.88 -7.01 -11.86
CA PRO A 69 -5.94 -6.64 -13.31
C PRO A 69 -7.36 -6.36 -13.78
N ARG A 70 -8.33 -6.85 -13.03
CA ARG A 70 -9.73 -6.64 -13.38
C ARG A 70 -10.08 -5.16 -13.30
N LYS A 71 -9.26 -4.39 -12.56
CA LYS A 71 -9.52 -2.96 -12.41
C LYS A 71 -8.61 -2.16 -13.33
N TYR A 72 -9.15 -1.10 -13.91
CA TYR A 72 -8.38 -0.27 -14.84
C TYR A 72 -7.31 0.51 -14.10
N LEU A 73 -7.66 1.04 -12.94
CA LEU A 73 -6.75 1.84 -12.15
C LEU A 73 -6.26 1.06 -10.94
N ARG A 74 -4.99 1.25 -10.58
CA ARG A 74 -4.44 0.56 -9.43
C ARG A 74 -4.95 1.18 -8.14
N SER A 75 -5.49 0.34 -7.25
CA SER A 75 -6.02 0.81 -5.98
C SER A 75 -5.81 -0.24 -4.91
N VAL A 76 -5.96 0.17 -3.64
CA VAL A 76 -5.80 -0.75 -2.54
C VAL A 76 -7.10 -0.83 -1.74
N GLY A 77 -7.59 -2.04 -1.51
CA GLY A 77 -8.84 -2.22 -0.78
C GLY A 77 -8.74 -1.64 0.63
N ASP A 78 -9.81 -1.01 1.08
CA ASP A 78 -9.84 -0.41 2.41
C ASP A 78 -10.13 -1.50 3.45
N GLY A 79 -9.30 -1.56 4.49
CA GLY A 79 -9.48 -2.55 5.53
C GLY A 79 -8.89 -3.89 5.10
N GLU A 80 -8.26 -3.91 3.92
CA GLU A 80 -7.65 -5.12 3.40
C GLU A 80 -6.21 -5.23 3.86
N THR A 81 -5.84 -6.41 4.34
CA THR A 81 -4.48 -6.65 4.78
C THR A 81 -3.53 -6.64 3.58
N VAL A 82 -2.43 -5.89 3.68
CA VAL A 82 -1.50 -5.80 2.57
C VAL A 82 -0.07 -6.07 3.01
N GLU A 83 0.77 -6.43 2.04
CA GLU A 83 2.18 -6.70 2.34
C GLU A 83 3.03 -5.71 1.55
N PHE A 84 3.94 -5.03 2.21
CA PHE A 84 4.75 -4.03 1.53
C PHE A 84 6.08 -3.76 2.22
N ASP A 85 7.00 -3.16 1.47
CA ASP A 85 8.31 -2.82 2.00
C ASP A 85 8.28 -1.39 2.53
N VAL A 86 9.10 -1.10 3.54
CA VAL A 86 9.13 0.23 4.11
C VAL A 86 10.43 0.93 3.74
N VAL A 87 10.30 2.10 3.14
CA VAL A 87 11.49 2.87 2.73
C VAL A 87 11.42 4.25 3.37
N GLU A 88 12.57 4.73 3.83
CA GLU A 88 12.61 6.04 4.48
C GLU A 88 12.71 7.16 3.46
N GLY A 89 11.64 7.94 3.35
CA GLY A 89 11.60 9.06 2.42
C GLY A 89 12.00 10.36 3.11
N GLU A 90 12.08 11.44 2.34
CA GLU A 90 12.47 12.74 2.90
C GLU A 90 11.45 13.21 3.95
N LYS A 91 10.17 13.07 3.62
CA LYS A 91 9.12 13.47 4.55
C LYS A 91 8.96 12.45 5.68
N GLY A 92 9.39 11.21 5.45
CA GLY A 92 9.26 10.17 6.46
C GLY A 92 9.15 8.80 5.81
N ALA A 93 8.77 7.80 6.61
CA ALA A 93 8.64 6.45 6.08
C ALA A 93 7.55 6.39 5.04
N GLU A 94 7.76 5.57 4.01
CA GLU A 94 6.79 5.41 2.94
C GLU A 94 6.75 3.97 2.43
N ALA A 95 5.55 3.46 2.22
CA ALA A 95 5.38 2.09 1.76
C ALA A 95 5.70 1.97 0.28
N ALA A 96 6.18 0.81 -0.13
CA ALA A 96 6.53 0.57 -1.53
C ALA A 96 6.38 -0.92 -1.86
N ASN A 97 6.19 -1.22 -3.15
CA ASN A 97 6.03 -2.61 -3.57
C ASN A 97 4.88 -3.25 -2.81
N VAL A 98 3.74 -2.57 -2.78
CA VAL A 98 2.57 -3.08 -2.07
C VAL A 98 1.93 -4.23 -2.85
N THR A 99 1.76 -5.36 -2.18
CA THR A 99 1.15 -6.54 -2.80
C THR A 99 0.22 -7.21 -1.81
N GLY A 100 -0.65 -8.07 -2.30
CA GLY A 100 -1.56 -8.79 -1.41
C GLY A 100 -0.80 -9.89 -0.70
N PRO A 101 -1.37 -10.48 0.31
CA PRO A 101 -0.70 -11.56 1.10
C PRO A 101 -0.34 -12.76 0.22
N GLY A 102 0.86 -13.30 0.44
CA GLY A 102 1.31 -14.46 -0.32
C GLY A 102 1.59 -14.10 -1.76
N GLY A 103 1.82 -12.81 -2.03
CA GLY A 103 2.10 -12.37 -3.39
C GLY A 103 0.81 -12.19 -4.20
N VAL A 104 -0.34 -12.42 -3.55
CA VAL A 104 -1.63 -12.30 -4.22
C VAL A 104 -1.85 -10.85 -4.69
N PRO A 105 -2.41 -10.64 -5.87
CA PRO A 105 -2.65 -9.25 -6.37
C PRO A 105 -3.53 -8.45 -5.41
N VAL A 106 -3.32 -7.14 -5.34
CA VAL A 106 -4.11 -6.30 -4.45
C VAL A 106 -5.57 -6.23 -4.92
N GLN A 107 -6.49 -6.48 -4.00
CA GLN A 107 -7.91 -6.46 -4.34
C GLN A 107 -8.32 -5.08 -4.81
N GLY A 108 -7.83 -4.05 -4.13
CA GLY A 108 -8.14 -2.67 -4.50
C GLY A 108 -9.50 -2.24 -3.95
N SER A 109 -9.94 -1.07 -4.38
CA SER A 109 -11.22 -0.52 -3.94
C SER A 109 -12.19 -0.42 -5.12
N LYS A 110 -13.48 -0.38 -4.82
CA LYS A 110 -14.51 -0.29 -5.84
C LYS A 110 -14.36 1.00 -6.63
N TYR A 111 -13.99 2.07 -5.93
CA TYR A 111 -13.83 3.37 -6.57
C TYR A 111 -12.69 3.34 -7.60
N ALA A 112 -11.87 2.29 -7.56
CA ALA A 112 -10.75 2.19 -8.48
C ALA A 112 -11.23 2.20 -9.92
N ALA A 113 -12.36 1.52 -10.16
CA ALA A 113 -12.93 1.45 -11.51
C ALA A 113 -12.03 0.63 -12.43
N ASP A 24 21.56 6.99 -2.07
CA ASP A 24 20.59 5.95 -2.48
C ASP A 24 19.48 5.84 -1.44
N LYS A 25 18.31 5.39 -1.86
CA LYS A 25 17.18 5.26 -0.94
C LYS A 25 17.44 4.11 0.04
N LYS A 26 16.97 4.28 1.28
CA LYS A 26 17.16 3.27 2.30
C LYS A 26 15.87 2.54 2.58
N VAL A 27 15.94 1.21 2.59
CA VAL A 27 14.79 0.39 2.88
C VAL A 27 14.80 -0.01 4.35
N ILE A 28 13.97 0.67 5.14
CA ILE A 28 13.89 0.39 6.56
C ILE A 28 13.46 -1.04 6.83
N ALA A 29 12.46 -1.50 6.09
CA ALA A 29 11.95 -2.86 6.27
C ALA A 29 11.54 -3.47 4.93
N THR A 30 11.43 -4.79 4.91
CA THR A 30 11.05 -5.51 3.70
C THR A 30 9.56 -5.88 3.77
N LYS A 31 9.16 -6.96 3.11
CA LYS A 31 7.75 -7.34 3.11
C LYS A 31 7.21 -7.35 4.54
N VAL A 32 6.23 -6.49 4.78
CA VAL A 32 5.60 -6.39 6.09
C VAL A 32 4.09 -6.38 5.96
N LEU A 33 3.41 -7.22 6.74
CA LEU A 33 1.96 -7.25 6.72
C LEU A 33 1.41 -6.02 7.41
N GLY A 34 0.37 -5.43 6.82
CA GLY A 34 -0.25 -4.25 7.37
C GLY A 34 -1.73 -4.22 7.01
N THR A 35 -2.42 -3.19 7.48
CA THR A 35 -3.84 -3.06 7.21
C THR A 35 -4.14 -1.69 6.63
N VAL A 36 -4.99 -1.66 5.60
CA VAL A 36 -5.33 -0.40 4.95
C VAL A 36 -6.31 0.41 5.80
N LYS A 37 -5.83 1.50 6.39
CA LYS A 37 -6.69 2.33 7.21
C LYS A 37 -7.82 2.88 6.34
N TRP A 38 -7.43 3.41 5.19
CA TRP A 38 -8.37 3.95 4.20
C TRP A 38 -7.62 4.43 2.97
N PHE A 39 -8.20 4.23 1.80
CA PHE A 39 -7.59 4.67 0.55
C PHE A 39 -8.65 5.14 -0.43
N ASN A 40 -8.57 6.40 -0.85
CA ASN A 40 -9.55 6.95 -1.77
C ASN A 40 -8.99 7.03 -3.19
N VAL A 41 -9.77 6.57 -4.15
CA VAL A 41 -9.35 6.61 -5.54
C VAL A 41 -9.34 8.04 -6.10
N ARG A 42 -10.33 8.83 -5.68
CA ARG A 42 -10.46 10.19 -6.20
C ARG A 42 -9.22 11.03 -5.94
N ASN A 43 -8.72 11.01 -4.70
CA ASN A 43 -7.55 11.81 -4.36
C ASN A 43 -6.26 11.13 -4.82
N GLY A 44 -6.36 9.84 -5.13
CA GLY A 44 -5.21 9.10 -5.64
C GLY A 44 -4.15 8.86 -4.57
N TYR A 45 -4.52 8.98 -3.29
CA TYR A 45 -3.56 8.75 -2.22
C TYR A 45 -4.28 8.21 -0.98
N GLY A 46 -3.53 7.64 -0.04
CA GLY A 46 -4.13 7.09 1.17
C GLY A 46 -3.08 6.70 2.20
N PHE A 47 -3.53 6.06 3.28
CA PHE A 47 -2.62 5.65 4.35
C PHE A 47 -2.79 4.18 4.72
N ILE A 48 -1.68 3.55 5.10
CA ILE A 48 -1.68 2.15 5.51
C ILE A 48 -1.18 2.03 6.94
N ASN A 49 -1.96 1.37 7.80
CA ASN A 49 -1.57 1.22 9.19
C ASN A 49 -0.86 -0.10 9.41
N ARG A 50 0.43 -0.02 9.69
CA ARG A 50 1.21 -1.23 9.94
C ARG A 50 0.69 -1.95 11.17
N ASN A 51 0.47 -3.26 11.06
CA ASN A 51 -0.02 -4.02 12.19
C ASN A 51 1.14 -4.57 13.04
N ASP A 52 2.37 -4.25 12.66
CA ASP A 52 3.52 -4.70 13.42
C ASP A 52 4.14 -3.55 14.20
N THR A 53 4.07 -2.36 13.63
CA THR A 53 4.64 -1.18 14.25
C THR A 53 3.55 -0.15 14.59
N LYS A 54 2.34 -0.38 14.12
CA LYS A 54 1.25 0.55 14.37
C LYS A 54 1.65 1.96 13.92
N GLU A 55 2.44 2.02 12.86
CA GLU A 55 2.90 3.30 12.33
C GLU A 55 2.30 3.57 10.96
N ASP A 56 1.79 4.78 10.78
CA ASP A 56 1.18 5.18 9.53
C ASP A 56 2.23 5.42 8.45
N VAL A 57 2.08 4.74 7.32
CA VAL A 57 3.01 4.88 6.21
C VAL A 57 2.31 5.41 4.96
N PHE A 58 2.92 6.43 4.34
CA PHE A 58 2.34 7.03 3.14
C PHE A 58 2.29 6.00 2.01
N VAL A 59 1.24 6.04 1.19
CA VAL A 59 1.13 5.12 0.08
C VAL A 59 0.57 5.80 -1.16
N HIS A 60 1.04 5.39 -2.32
CA HIS A 60 0.60 5.96 -3.57
C HIS A 60 0.34 4.85 -4.59
N GLN A 61 -0.49 5.14 -5.59
CA GLN A 61 -0.82 4.13 -6.61
C GLN A 61 0.42 3.67 -7.38
N THR A 62 1.31 4.60 -7.67
CA THR A 62 2.52 4.25 -8.41
C THR A 62 3.42 3.36 -7.55
N ALA A 63 3.17 3.34 -6.24
CA ALA A 63 3.95 2.53 -5.33
C ALA A 63 3.44 1.09 -5.29
N ILE A 64 2.34 0.82 -6.00
CA ILE A 64 1.76 -0.51 -6.01
C ILE A 64 2.21 -1.30 -7.24
N LYS A 65 3.23 -2.14 -7.05
CA LYS A 65 3.77 -2.96 -8.13
C LYS A 65 2.73 -3.97 -8.62
N LYS A 66 2.01 -4.57 -7.69
CA LYS A 66 0.99 -5.57 -8.05
C LYS A 66 -0.40 -5.13 -7.60
N ASN A 67 -1.38 -5.31 -8.47
CA ASN A 67 -2.75 -4.95 -8.15
C ASN A 67 -3.72 -5.87 -8.88
N ASN A 68 -4.99 -5.77 -8.52
CA ASN A 68 -6.02 -6.60 -9.17
C ASN A 68 -6.14 -6.20 -10.65
N PRO A 69 -6.01 -7.14 -11.57
CA PRO A 69 -6.11 -6.82 -13.03
C PRO A 69 -7.51 -6.36 -13.43
N ARG A 70 -8.50 -6.67 -12.61
CA ARG A 70 -9.87 -6.28 -12.89
C ARG A 70 -10.00 -4.76 -12.89
N LYS A 71 -9.08 -4.08 -12.19
CA LYS A 71 -9.13 -2.63 -12.11
C LYS A 71 -8.07 -2.00 -13.00
N TYR A 72 -8.50 -1.07 -13.85
CA TYR A 72 -7.56 -0.39 -14.75
C TYR A 72 -6.62 0.53 -13.97
N LEU A 73 -7.15 1.17 -12.93
CA LEU A 73 -6.36 2.08 -12.12
C LEU A 73 -5.96 1.41 -10.81
N ARG A 74 -4.68 1.50 -10.47
CA ARG A 74 -4.20 0.88 -9.24
C ARG A 74 -4.93 1.45 -8.03
N SER A 75 -5.33 0.58 -7.12
CA SER A 75 -6.03 0.98 -5.92
C SER A 75 -5.90 -0.07 -4.83
N VAL A 76 -6.03 0.36 -3.58
CA VAL A 76 -5.94 -0.57 -2.46
C VAL A 76 -7.24 -0.57 -1.68
N GLY A 77 -7.79 -1.76 -1.43
CA GLY A 77 -9.05 -1.86 -0.70
C GLY A 77 -8.88 -1.45 0.76
N ASP A 78 -9.96 -0.94 1.35
CA ASP A 78 -9.93 -0.52 2.75
C ASP A 78 -10.23 -1.70 3.65
N GLY A 79 -9.47 -1.84 4.73
CA GLY A 79 -9.67 -2.95 5.65
C GLY A 79 -9.03 -4.23 5.12
N GLU A 80 -8.36 -4.11 3.97
CA GLU A 80 -7.70 -5.26 3.36
C GLU A 80 -6.25 -5.35 3.81
N THR A 81 -5.86 -6.52 4.27
CA THR A 81 -4.49 -6.73 4.71
C THR A 81 -3.55 -6.66 3.51
N VAL A 82 -2.46 -5.92 3.65
CA VAL A 82 -1.52 -5.77 2.54
C VAL A 82 -0.09 -6.06 2.97
N GLU A 83 0.77 -6.38 2.00
CA GLU A 83 2.17 -6.66 2.28
C GLU A 83 3.02 -5.64 1.55
N PHE A 84 3.93 -4.99 2.26
CA PHE A 84 4.75 -3.97 1.61
C PHE A 84 6.06 -3.72 2.36
N ASP A 85 7.01 -3.12 1.65
CA ASP A 85 8.31 -2.80 2.22
C ASP A 85 8.26 -1.40 2.84
N VAL A 86 9.34 -1.00 3.50
CA VAL A 86 9.37 0.33 4.11
C VAL A 86 10.63 1.06 3.66
N VAL A 87 10.44 2.27 3.15
CA VAL A 87 11.56 3.08 2.70
C VAL A 87 11.60 4.38 3.49
N GLU A 88 12.78 4.72 4.00
CA GLU A 88 12.91 5.93 4.79
C GLU A 88 12.84 7.17 3.90
N GLY A 89 11.79 7.96 4.09
CA GLY A 89 11.60 9.19 3.31
C GLY A 89 12.37 10.35 3.93
N GLU A 90 12.28 11.52 3.29
CA GLU A 90 12.98 12.69 3.78
C GLU A 90 12.37 13.18 5.10
N LYS A 91 11.08 12.94 5.27
CA LYS A 91 10.40 13.37 6.49
C LYS A 91 9.87 12.17 7.29
N GLY A 92 9.68 11.04 6.63
CA GLY A 92 9.16 9.86 7.30
C GLY A 92 9.22 8.64 6.38
N ALA A 93 8.91 7.47 6.93
CA ALA A 93 8.96 6.25 6.14
C ALA A 93 7.82 6.23 5.12
N GLU A 94 8.02 5.48 4.05
CA GLU A 94 7.00 5.36 3.00
C GLU A 94 6.87 3.90 2.55
N ALA A 95 5.72 3.58 1.96
CA ALA A 95 5.47 2.23 1.51
C ALA A 95 5.75 2.09 0.01
N ALA A 96 6.19 0.91 -0.40
CA ALA A 96 6.49 0.66 -1.81
C ALA A 96 6.31 -0.83 -2.12
N ASN A 97 6.12 -1.15 -3.40
CA ASN A 97 5.93 -2.53 -3.81
C ASN A 97 4.81 -3.17 -2.99
N VAL A 98 3.69 -2.47 -2.89
CA VAL A 98 2.56 -2.96 -2.12
C VAL A 98 1.82 -4.07 -2.86
N THR A 99 1.67 -5.21 -2.20
CA THR A 99 0.99 -6.35 -2.79
C THR A 99 0.05 -6.98 -1.77
N GLY A 100 -0.81 -7.89 -2.21
CA GLY A 100 -1.71 -8.55 -1.29
C GLY A 100 -0.94 -9.63 -0.52
N PRO A 101 -1.57 -10.29 0.41
CA PRO A 101 -0.90 -11.33 1.22
C PRO A 101 -0.59 -12.60 0.40
N GLY A 102 0.60 -13.15 0.60
CA GLY A 102 0.99 -14.36 -0.11
C GLY A 102 1.29 -14.05 -1.58
N GLY A 103 1.56 -12.79 -1.89
CA GLY A 103 1.83 -12.40 -3.27
C GLY A 103 0.54 -12.19 -4.06
N VAL A 104 -0.60 -12.36 -3.40
CA VAL A 104 -1.89 -12.19 -4.04
C VAL A 104 -2.06 -10.74 -4.54
N PRO A 105 -2.59 -10.51 -5.71
CA PRO A 105 -2.79 -9.11 -6.23
C PRO A 105 -3.70 -8.30 -5.29
N VAL A 106 -3.47 -6.99 -5.21
CA VAL A 106 -4.28 -6.15 -4.35
C VAL A 106 -5.72 -6.06 -4.87
N GLN A 107 -6.68 -6.33 -3.99
CA GLN A 107 -8.08 -6.30 -4.37
C GLN A 107 -8.50 -4.89 -4.79
N GLY A 108 -8.00 -3.91 -4.07
CA GLY A 108 -8.30 -2.51 -4.37
C GLY A 108 -9.63 -2.08 -3.77
N SER A 109 -10.03 -0.85 -4.06
CA SER A 109 -11.28 -0.31 -3.56
C SER A 109 -12.37 -0.37 -4.62
N LYS A 110 -13.62 -0.29 -4.19
CA LYS A 110 -14.75 -0.34 -5.10
C LYS A 110 -14.70 0.83 -6.07
N TYR A 111 -14.27 1.98 -5.57
CA TYR A 111 -14.17 3.18 -6.40
C TYR A 111 -13.13 2.99 -7.51
N ALA A 112 -12.31 1.96 -7.38
CA ALA A 112 -11.27 1.72 -8.39
C ALA A 112 -11.91 1.49 -9.75
N ALA A 113 -11.28 2.07 -10.77
CA ALA A 113 -11.79 1.92 -12.14
C ALA A 113 -11.66 0.49 -12.61
N ASP A 24 19.95 9.25 -1.26
CA ASP A 24 20.04 7.77 -1.28
C ASP A 24 18.87 7.19 -0.46
N LYS A 25 18.02 6.43 -1.13
CA LYS A 25 16.87 5.83 -0.47
C LYS A 25 17.32 4.71 0.46
N LYS A 26 16.56 4.49 1.54
CA LYS A 26 16.89 3.44 2.49
C LYS A 26 15.70 2.54 2.73
N VAL A 27 15.93 1.25 2.64
CA VAL A 27 14.88 0.27 2.86
C VAL A 27 14.88 -0.14 4.32
N ILE A 28 13.96 0.42 5.09
CA ILE A 28 13.86 0.12 6.50
C ILE A 28 13.50 -1.35 6.73
N ALA A 29 12.55 -1.85 5.95
CA ALA A 29 12.11 -3.23 6.08
C ALA A 29 11.64 -3.78 4.74
N THR A 30 11.54 -5.10 4.66
CA THR A 30 11.11 -5.78 3.44
C THR A 30 9.61 -6.11 3.55
N LYS A 31 9.20 -7.23 2.96
CA LYS A 31 7.79 -7.59 2.99
C LYS A 31 7.26 -7.54 4.42
N VAL A 32 6.31 -6.63 4.66
CA VAL A 32 5.71 -6.49 5.98
C VAL A 32 4.19 -6.45 5.89
N LEU A 33 3.53 -7.26 6.69
CA LEU A 33 2.08 -7.28 6.70
C LEU A 33 1.54 -6.02 7.36
N GLY A 34 0.51 -5.44 6.76
CA GLY A 34 -0.09 -4.23 7.29
C GLY A 34 -1.57 -4.20 6.94
N THR A 35 -2.25 -3.16 7.40
CA THR A 35 -3.67 -3.01 7.14
C THR A 35 -3.97 -1.63 6.57
N VAL A 36 -4.80 -1.60 5.53
CA VAL A 36 -5.15 -0.34 4.88
C VAL A 36 -6.15 0.44 5.72
N LYS A 37 -5.71 1.54 6.32
CA LYS A 37 -6.61 2.36 7.13
C LYS A 37 -7.73 2.89 6.24
N TRP A 38 -7.31 3.43 5.09
CA TRP A 38 -8.25 3.96 4.10
C TRP A 38 -7.47 4.42 2.86
N PHE A 39 -8.09 4.30 1.69
CA PHE A 39 -7.46 4.72 0.45
C PHE A 39 -8.46 5.45 -0.44
N ASN A 40 -8.22 6.73 -0.68
CA ASN A 40 -9.12 7.51 -1.51
C ASN A 40 -8.67 7.51 -2.96
N VAL A 41 -9.43 6.84 -3.81
CA VAL A 41 -9.09 6.74 -5.22
C VAL A 41 -9.06 8.12 -5.89
N ARG A 42 -10.08 8.93 -5.63
CA ARG A 42 -10.17 10.25 -6.22
C ARG A 42 -9.02 11.16 -5.82
N ASN A 43 -8.66 11.15 -4.53
CA ASN A 43 -7.57 11.99 -4.06
C ASN A 43 -6.26 11.61 -4.73
N GLY A 44 -6.04 10.31 -4.91
CA GLY A 44 -4.83 9.82 -5.56
C GLY A 44 -3.75 9.40 -4.55
N TYR A 45 -4.08 9.45 -3.26
CA TYR A 45 -3.11 9.05 -2.23
C TYR A 45 -3.83 8.45 -1.03
N GLY A 46 -3.11 7.68 -0.22
CA GLY A 46 -3.72 7.05 0.95
C GLY A 46 -2.68 6.65 1.98
N PHE A 47 -3.13 6.01 3.06
CA PHE A 47 -2.25 5.58 4.14
C PHE A 47 -2.48 4.12 4.54
N ILE A 48 -1.41 3.47 4.95
CA ILE A 48 -1.48 2.08 5.39
C ILE A 48 -1.00 1.97 6.84
N ASN A 49 -1.79 1.36 7.70
CA ASN A 49 -1.42 1.22 9.10
C ASN A 49 -0.69 -0.10 9.33
N ARG A 50 0.60 -0.01 9.60
CA ARG A 50 1.38 -1.21 9.86
C ARG A 50 0.86 -1.93 11.10
N ASN A 51 0.72 -3.24 11.00
CA ASN A 51 0.23 -4.02 12.14
C ASN A 51 1.36 -4.33 13.12
N ASP A 52 2.60 -3.99 12.76
CA ASP A 52 3.73 -4.26 13.64
C ASP A 52 4.04 -3.01 14.48
N THR A 53 3.82 -1.85 13.88
CA THR A 53 4.10 -0.59 14.56
C THR A 53 2.83 0.24 14.77
N LYS A 54 1.73 -0.18 14.16
CA LYS A 54 0.48 0.55 14.29
C LYS A 54 0.69 2.01 13.90
N GLU A 55 1.57 2.23 12.92
CA GLU A 55 1.85 3.58 12.44
C GLU A 55 1.55 3.71 10.96
N ASP A 56 0.84 4.78 10.62
CA ASP A 56 0.46 5.05 9.24
C ASP A 56 1.70 5.35 8.39
N VAL A 57 1.64 4.96 7.11
CA VAL A 57 2.74 5.19 6.19
C VAL A 57 2.25 5.79 4.88
N PHE A 58 3.11 6.56 4.21
CA PHE A 58 2.75 7.20 2.94
C PHE A 58 2.70 6.16 1.83
N VAL A 59 1.64 6.18 1.02
CA VAL A 59 1.53 5.24 -0.09
C VAL A 59 0.86 5.90 -1.28
N HIS A 60 1.32 5.52 -2.47
CA HIS A 60 0.76 6.07 -3.70
C HIS A 60 0.54 4.95 -4.72
N GLN A 61 -0.34 5.17 -5.68
CA GLN A 61 -0.63 4.15 -6.68
C GLN A 61 0.62 3.74 -7.45
N THR A 62 1.60 4.62 -7.51
CA THR A 62 2.85 4.30 -8.20
C THR A 62 3.68 3.31 -7.38
N ALA A 63 3.39 3.23 -6.08
CA ALA A 63 4.11 2.34 -5.20
C ALA A 63 3.49 0.93 -5.22
N ILE A 64 2.34 0.80 -5.88
CA ILE A 64 1.67 -0.50 -5.94
C ILE A 64 2.13 -1.31 -7.15
N LYS A 65 3.12 -2.18 -6.91
CA LYS A 65 3.64 -3.03 -7.98
C LYS A 65 2.58 -4.00 -8.49
N LYS A 66 1.77 -4.52 -7.58
CA LYS A 66 0.72 -5.46 -7.96
C LYS A 66 -0.65 -4.97 -7.52
N ASN A 67 -1.66 -5.22 -8.35
CA ASN A 67 -3.02 -4.78 -8.05
C ASN A 67 -4.02 -5.69 -8.73
N ASN A 68 -5.30 -5.44 -8.49
CA ASN A 68 -6.35 -6.25 -9.09
C ASN A 68 -6.32 -6.09 -10.62
N PRO A 69 -6.08 -7.15 -11.38
CA PRO A 69 -6.04 -7.06 -12.87
C PRO A 69 -7.35 -6.53 -13.47
N ARG A 70 -8.46 -6.89 -12.84
CA ARG A 70 -9.75 -6.42 -13.30
C ARG A 70 -9.87 -4.91 -13.16
N LYS A 71 -9.03 -4.33 -12.31
CA LYS A 71 -9.06 -2.89 -12.09
C LYS A 71 -8.00 -2.18 -12.93
N TYR A 72 -8.45 -1.37 -13.88
CA TYR A 72 -7.52 -0.64 -14.75
C TYR A 72 -6.63 0.28 -13.93
N LEU A 73 -7.26 1.05 -13.04
CA LEU A 73 -6.51 1.98 -12.19
C LEU A 73 -6.12 1.29 -10.89
N ARG A 74 -4.85 1.42 -10.52
CA ARG A 74 -4.36 0.79 -9.29
C ARG A 74 -5.12 1.34 -8.09
N SER A 75 -5.51 0.44 -7.19
CA SER A 75 -6.25 0.82 -6.00
C SER A 75 -6.01 -0.18 -4.87
N VAL A 76 -6.16 0.27 -3.63
CA VAL A 76 -5.97 -0.61 -2.49
C VAL A 76 -7.25 -0.64 -1.66
N GLY A 77 -7.70 -1.84 -1.30
CA GLY A 77 -8.93 -1.98 -0.52
C GLY A 77 -8.77 -1.37 0.87
N ASP A 78 -9.85 -0.78 1.37
CA ASP A 78 -9.83 -0.18 2.70
C ASP A 78 -10.08 -1.25 3.75
N GLY A 79 -9.10 -1.45 4.63
CA GLY A 79 -9.23 -2.45 5.68
C GLY A 79 -8.64 -3.78 5.20
N GLU A 80 -8.14 -3.81 3.96
CA GLU A 80 -7.56 -5.02 3.40
C GLU A 80 -6.11 -5.17 3.84
N THR A 81 -5.77 -6.36 4.30
CA THR A 81 -4.40 -6.63 4.72
C THR A 81 -3.48 -6.63 3.51
N VAL A 82 -2.35 -5.92 3.62
CA VAL A 82 -1.43 -5.84 2.49
C VAL A 82 0.00 -6.17 2.91
N GLU A 83 0.83 -6.53 1.94
CA GLU A 83 2.23 -6.83 2.22
C GLU A 83 3.10 -5.87 1.41
N PHE A 84 4.01 -5.18 2.08
CA PHE A 84 4.83 -4.20 1.38
C PHE A 84 6.16 -3.94 2.08
N ASP A 85 7.09 -3.34 1.34
CA ASP A 85 8.39 -3.00 1.87
C ASP A 85 8.34 -1.61 2.50
N VAL A 86 9.21 -1.36 3.47
CA VAL A 86 9.23 -0.06 4.12
C VAL A 86 10.50 0.69 3.73
N VAL A 87 10.33 1.90 3.21
CA VAL A 87 11.47 2.71 2.80
C VAL A 87 11.41 4.05 3.52
N GLU A 88 12.53 4.44 4.13
CA GLU A 88 12.56 5.70 4.86
C GLU A 88 12.52 6.89 3.90
N GLY A 89 11.58 7.79 4.14
CA GLY A 89 11.42 8.97 3.30
C GLY A 89 11.68 10.25 4.09
N GLU A 90 11.98 11.33 3.38
CA GLU A 90 12.25 12.61 4.04
C GLU A 90 11.05 13.09 4.84
N LYS A 91 9.85 12.90 4.27
CA LYS A 91 8.63 13.31 4.95
C LYS A 91 8.13 12.24 5.92
N GLY A 92 8.76 11.06 5.88
CA GLY A 92 8.36 9.98 6.76
C GLY A 92 8.51 8.63 6.07
N ALA A 93 7.99 7.58 6.68
CA ALA A 93 8.07 6.25 6.09
C ALA A 93 7.29 6.19 4.79
N GLU A 94 7.82 5.43 3.83
CA GLU A 94 7.16 5.28 2.53
C GLU A 94 7.02 3.82 2.17
N ALA A 95 5.85 3.46 1.65
CA ALA A 95 5.59 2.08 1.26
C ALA A 95 5.89 1.86 -0.23
N ALA A 96 6.36 0.66 -0.55
CA ALA A 96 6.68 0.32 -1.93
C ALA A 96 6.52 -1.18 -2.16
N ASN A 97 6.31 -1.57 -3.41
CA ASN A 97 6.16 -2.99 -3.73
C ASN A 97 4.99 -3.57 -2.95
N VAL A 98 3.86 -2.86 -2.97
CA VAL A 98 2.67 -3.29 -2.25
C VAL A 98 1.97 -4.43 -2.98
N THR A 99 1.81 -5.55 -2.29
CA THR A 99 1.14 -6.71 -2.87
C THR A 99 0.15 -7.29 -1.88
N GLY A 100 -0.81 -8.07 -2.37
CA GLY A 100 -1.78 -8.69 -1.47
C GLY A 100 -1.13 -9.83 -0.73
N PRO A 101 -1.70 -10.27 0.35
CA PRO A 101 -1.13 -11.39 1.16
C PRO A 101 -0.97 -12.68 0.33
N GLY A 102 0.17 -13.34 0.49
CA GLY A 102 0.43 -14.58 -0.22
C GLY A 102 0.87 -14.30 -1.66
N GLY A 103 1.20 -13.05 -1.94
CA GLY A 103 1.64 -12.68 -3.30
C GLY A 103 0.45 -12.41 -4.21
N VAL A 104 -0.77 -12.52 -3.66
CA VAL A 104 -1.98 -12.28 -4.43
C VAL A 104 -2.10 -10.80 -4.79
N PRO A 105 -2.57 -10.44 -5.97
CA PRO A 105 -2.74 -9.01 -6.36
C PRO A 105 -3.69 -8.28 -5.39
N VAL A 106 -3.48 -6.99 -5.22
CA VAL A 106 -4.33 -6.21 -4.30
C VAL A 106 -5.76 -6.17 -4.82
N GLN A 107 -6.71 -6.42 -3.92
CA GLN A 107 -8.12 -6.42 -4.29
C GLN A 107 -8.55 -5.05 -4.80
N GLY A 108 -8.09 -4.02 -4.10
CA GLY A 108 -8.42 -2.64 -4.49
C GLY A 108 -9.76 -2.20 -3.90
N SER A 109 -9.98 -0.88 -3.88
CA SER A 109 -11.21 -0.32 -3.34
C SER A 109 -12.33 -0.42 -4.37
N LYS A 110 -13.55 -0.20 -3.92
CA LYS A 110 -14.71 -0.24 -4.79
C LYS A 110 -14.63 0.86 -5.85
N TYR A 111 -14.11 2.01 -5.44
CA TYR A 111 -13.99 3.14 -6.36
C TYR A 111 -12.88 2.89 -7.38
N ALA A 112 -12.15 1.79 -7.24
CA ALA A 112 -11.08 1.48 -8.16
C ALA A 112 -11.61 1.38 -9.58
N ALA A 113 -10.84 1.90 -10.53
CA ALA A 113 -11.25 1.87 -11.93
C ALA A 113 -10.82 0.55 -12.58
N ASP A 24 18.77 6.49 -4.62
CA ASP A 24 19.30 5.78 -3.42
C ASP A 24 18.48 6.17 -2.20
N LYS A 25 17.84 5.19 -1.57
CA LYS A 25 17.01 5.44 -0.41
C LYS A 25 17.17 4.32 0.62
N LYS A 26 16.99 4.65 1.89
CA LYS A 26 17.12 3.66 2.95
C LYS A 26 15.90 2.77 3.03
N VAL A 27 16.13 1.48 3.19
CA VAL A 27 15.04 0.53 3.29
C VAL A 27 14.86 0.14 4.75
N ILE A 28 13.84 0.72 5.38
CA ILE A 28 13.56 0.44 6.78
C ILE A 28 13.17 -1.03 6.98
N ALA A 29 12.32 -1.53 6.10
CA ALA A 29 11.86 -2.91 6.20
C ALA A 29 11.42 -3.44 4.84
N THR A 30 11.32 -4.76 4.74
CA THR A 30 10.89 -5.41 3.51
C THR A 30 9.40 -5.71 3.57
N LYS A 31 8.95 -6.77 2.91
CA LYS A 31 7.53 -7.09 2.92
C LYS A 31 7.01 -7.22 4.36
N VAL A 32 6.08 -6.37 4.72
CA VAL A 32 5.50 -6.37 6.06
C VAL A 32 3.98 -6.39 5.98
N LEU A 33 3.36 -7.32 6.69
CA LEU A 33 1.90 -7.39 6.69
C LEU A 33 1.33 -6.20 7.44
N GLY A 34 0.30 -5.60 6.86
CA GLY A 34 -0.35 -4.44 7.45
C GLY A 34 -1.80 -4.38 7.00
N THR A 35 -2.50 -3.34 7.44
CA THR A 35 -3.89 -3.16 7.10
C THR A 35 -4.13 -1.77 6.53
N VAL A 36 -4.89 -1.70 5.44
CA VAL A 36 -5.17 -0.41 4.81
C VAL A 36 -6.13 0.41 5.67
N LYS A 37 -5.62 1.49 6.25
CA LYS A 37 -6.46 2.34 7.08
C LYS A 37 -7.59 2.91 6.23
N TRP A 38 -7.20 3.44 5.07
CA TRP A 38 -8.16 3.99 4.11
C TRP A 38 -7.42 4.47 2.86
N PHE A 39 -7.99 4.24 1.69
CA PHE A 39 -7.38 4.67 0.44
C PHE A 39 -8.44 5.27 -0.48
N ASN A 40 -8.28 6.54 -0.84
CA ASN A 40 -9.23 7.19 -1.72
C ASN A 40 -8.69 7.27 -3.14
N VAL A 41 -9.43 6.68 -4.07
CA VAL A 41 -9.03 6.67 -5.48
C VAL A 41 -8.98 8.09 -6.04
N ARG A 42 -10.00 8.87 -5.77
CA ARG A 42 -10.07 10.24 -6.29
C ARG A 42 -8.93 11.11 -5.78
N ASN A 43 -8.62 11.03 -4.49
CA ASN A 43 -7.54 11.84 -3.92
C ASN A 43 -6.21 11.48 -4.57
N GLY A 44 -6.01 10.18 -4.81
CA GLY A 44 -4.76 9.72 -5.43
C GLY A 44 -3.73 9.29 -4.40
N TYR A 45 -4.07 9.35 -3.12
CA TYR A 45 -3.13 8.94 -2.07
C TYR A 45 -3.89 8.33 -0.89
N GLY A 46 -3.17 7.58 -0.04
CA GLY A 46 -3.82 6.95 1.10
C GLY A 46 -2.80 6.53 2.15
N PHE A 47 -3.30 5.92 3.23
CA PHE A 47 -2.43 5.48 4.32
C PHE A 47 -2.64 4.01 4.67
N ILE A 48 -1.55 3.35 5.07
CA ILE A 48 -1.60 1.94 5.47
C ILE A 48 -1.15 1.81 6.92
N ASN A 49 -1.99 1.18 7.74
CA ASN A 49 -1.65 1.01 9.15
C ASN A 49 -0.95 -0.33 9.37
N ARG A 50 0.33 -0.27 9.67
CA ARG A 50 1.09 -1.49 9.93
C ARG A 50 0.58 -2.16 11.20
N ASN A 51 0.40 -3.47 11.14
CA ASN A 51 -0.07 -4.21 12.30
C ASN A 51 1.09 -4.58 13.22
N ASP A 52 2.33 -4.31 12.80
CA ASP A 52 3.49 -4.64 13.60
C ASP A 52 3.93 -3.40 14.40
N THR A 53 3.75 -2.23 13.80
CA THR A 53 4.15 -0.99 14.43
C THR A 53 2.95 -0.10 14.74
N LYS A 54 1.77 -0.47 14.23
CA LYS A 54 0.58 0.32 14.46
C LYS A 54 0.83 1.76 14.04
N GLU A 55 1.66 1.94 13.01
CA GLU A 55 1.97 3.27 12.51
C GLU A 55 1.57 3.42 11.06
N ASP A 56 0.87 4.52 10.78
CA ASP A 56 0.40 4.80 9.42
C ASP A 56 1.58 4.96 8.46
N VAL A 57 1.40 4.47 7.23
CA VAL A 57 2.45 4.55 6.22
C VAL A 57 1.91 5.18 4.94
N PHE A 58 2.66 6.15 4.40
CA PHE A 58 2.25 6.83 3.17
C PHE A 58 2.29 5.86 1.99
N VAL A 59 1.28 5.92 1.13
CA VAL A 59 1.24 5.04 -0.03
C VAL A 59 0.56 5.71 -1.21
N HIS A 60 1.01 5.37 -2.40
CA HIS A 60 0.43 5.92 -3.62
C HIS A 60 0.25 4.82 -4.66
N GLN A 61 -0.62 5.04 -5.64
CA GLN A 61 -0.88 4.04 -6.67
C GLN A 61 0.37 3.68 -7.44
N THR A 62 1.36 4.56 -7.41
CA THR A 62 2.62 4.30 -8.11
C THR A 62 3.52 3.40 -7.26
N ALA A 63 3.17 3.25 -5.98
CA ALA A 63 3.95 2.41 -5.08
C ALA A 63 3.42 0.98 -5.05
N ILE A 64 2.39 0.70 -5.85
CA ILE A 64 1.79 -0.62 -5.88
C ILE A 64 2.36 -1.47 -7.01
N LYS A 65 3.27 -2.37 -6.66
CA LYS A 65 3.90 -3.25 -7.64
C LYS A 65 2.87 -4.17 -8.29
N LYS A 66 2.01 -4.75 -7.48
CA LYS A 66 1.00 -5.68 -7.99
C LYS A 66 -0.41 -5.14 -7.78
N ASN A 67 -1.24 -5.28 -8.80
CA ASN A 67 -2.61 -4.80 -8.72
C ASN A 67 -3.55 -5.75 -9.45
N ASN A 68 -4.70 -6.03 -8.86
CA ASN A 68 -5.66 -6.95 -9.47
C ASN A 68 -6.07 -6.42 -10.85
N PRO A 69 -6.18 -7.27 -11.86
CA PRO A 69 -6.57 -6.83 -13.23
C PRO A 69 -8.04 -6.42 -13.32
N ARG A 70 -8.78 -6.68 -12.25
CA ARG A 70 -10.20 -6.33 -12.21
C ARG A 70 -10.37 -4.81 -12.37
N LYS A 71 -9.45 -4.05 -11.80
CA LYS A 71 -9.53 -2.59 -11.87
C LYS A 71 -8.51 -2.04 -12.86
N TYR A 72 -8.94 -1.06 -13.66
CA TYR A 72 -8.06 -0.47 -14.66
C TYR A 72 -6.94 0.33 -14.00
N LEU A 73 -7.29 1.07 -12.96
CA LEU A 73 -6.32 1.88 -12.24
C LEU A 73 -5.87 1.14 -10.98
N ARG A 74 -4.61 1.34 -10.60
CA ARG A 74 -4.08 0.69 -9.40
C ARG A 74 -4.75 1.26 -8.16
N SER A 75 -5.26 0.37 -7.33
CA SER A 75 -5.95 0.78 -6.11
C SER A 75 -5.74 -0.25 -5.00
N VAL A 76 -5.97 0.16 -3.75
CA VAL A 76 -5.81 -0.75 -2.63
C VAL A 76 -7.10 -0.77 -1.80
N GLY A 77 -7.59 -1.97 -1.50
CA GLY A 77 -8.83 -2.09 -0.74
C GLY A 77 -8.69 -1.45 0.64
N ASP A 78 -9.77 -0.83 1.11
CA ASP A 78 -9.78 -0.20 2.42
C ASP A 78 -10.02 -1.25 3.50
N GLY A 79 -9.10 -1.34 4.45
CA GLY A 79 -9.22 -2.31 5.52
C GLY A 79 -8.70 -3.68 5.08
N GLU A 80 -8.15 -3.73 3.87
CA GLU A 80 -7.61 -4.97 3.33
C GLU A 80 -6.18 -5.16 3.80
N THR A 81 -5.87 -6.40 4.18
CA THR A 81 -4.51 -6.71 4.64
C THR A 81 -3.56 -6.70 3.46
N VAL A 82 -2.44 -6.00 3.60
CA VAL A 82 -1.49 -5.90 2.49
C VAL A 82 -0.06 -6.12 2.97
N GLU A 83 0.85 -6.37 2.03
CA GLU A 83 2.26 -6.54 2.36
C GLU A 83 3.07 -5.55 1.53
N PHE A 84 4.06 -4.92 2.15
CA PHE A 84 4.84 -3.92 1.43
C PHE A 84 6.19 -3.66 2.08
N ASP A 85 7.09 -3.04 1.31
CA ASP A 85 8.41 -2.69 1.79
C ASP A 85 8.37 -1.28 2.37
N VAL A 86 9.01 -1.08 3.50
CA VAL A 86 9.02 0.24 4.13
C VAL A 86 10.37 0.92 3.90
N VAL A 87 10.32 2.13 3.35
CA VAL A 87 11.54 2.88 3.10
C VAL A 87 11.46 4.23 3.79
N GLU A 88 12.61 4.79 4.13
CA GLU A 88 12.64 6.07 4.82
C GLU A 88 12.72 7.22 3.83
N GLY A 89 11.67 8.04 3.79
CA GLY A 89 11.63 9.19 2.89
C GLY A 89 12.03 10.46 3.63
N GLU A 90 12.19 11.55 2.87
CA GLU A 90 12.58 12.83 3.46
C GLU A 90 11.51 13.33 4.42
N LYS A 91 10.25 13.15 4.04
CA LYS A 91 9.14 13.60 4.88
C LYS A 91 8.77 12.56 5.94
N GLY A 92 9.20 11.31 5.72
CA GLY A 92 8.90 10.25 6.66
C GLY A 92 8.91 8.89 5.97
N ALA A 93 8.48 7.85 6.68
CA ALA A 93 8.45 6.52 6.12
C ALA A 93 7.42 6.44 4.99
N GLU A 94 7.74 5.67 3.95
CA GLU A 94 6.85 5.52 2.81
C GLU A 94 6.80 4.07 2.35
N ALA A 95 5.61 3.58 2.07
CA ALA A 95 5.45 2.20 1.62
C ALA A 95 5.81 2.06 0.15
N ALA A 96 6.26 0.86 -0.23
CA ALA A 96 6.63 0.59 -1.62
C ALA A 96 6.42 -0.88 -1.95
N ASN A 97 6.28 -1.19 -3.24
CA ASN A 97 6.07 -2.57 -3.66
C ASN A 97 4.89 -3.18 -2.90
N VAL A 98 3.78 -2.42 -2.85
CA VAL A 98 2.60 -2.88 -2.14
C VAL A 98 1.88 -3.97 -2.93
N THR A 99 1.67 -5.11 -2.28
CA THR A 99 0.98 -6.22 -2.91
C THR A 99 0.06 -6.89 -1.90
N GLY A 100 -0.79 -7.80 -2.37
CA GLY A 100 -1.69 -8.51 -1.47
C GLY A 100 -0.89 -9.54 -0.69
N PRO A 101 -1.44 -10.06 0.37
CA PRO A 101 -0.73 -11.07 1.22
C PRO A 101 -0.35 -12.32 0.42
N GLY A 102 0.87 -12.81 0.65
CA GLY A 102 1.34 -14.00 -0.03
C GLY A 102 1.59 -13.73 -1.52
N GLY A 103 1.76 -12.46 -1.88
CA GLY A 103 2.00 -12.11 -3.28
C GLY A 103 0.68 -12.03 -4.06
N VAL A 104 -0.43 -12.25 -3.36
CA VAL A 104 -1.74 -12.21 -4.00
C VAL A 104 -2.01 -10.81 -4.59
N PRO A 105 -2.63 -10.70 -5.75
CA PRO A 105 -2.91 -9.36 -6.35
C PRO A 105 -3.72 -8.48 -5.40
N VAL A 106 -3.51 -7.17 -5.47
CA VAL A 106 -4.23 -6.25 -4.59
C VAL A 106 -5.70 -6.18 -4.97
N GLN A 107 -6.57 -6.41 -3.99
CA GLN A 107 -8.01 -6.40 -4.24
C GLN A 107 -8.46 -5.04 -4.74
N GLY A 108 -7.90 -4.00 -4.15
CA GLY A 108 -8.23 -2.63 -4.56
C GLY A 108 -9.54 -2.15 -3.95
N SER A 109 -9.97 -0.97 -4.35
CA SER A 109 -11.21 -0.40 -3.85
C SER A 109 -12.26 -0.34 -4.96
N LYS A 110 -13.52 -0.17 -4.56
CA LYS A 110 -14.62 -0.11 -5.51
C LYS A 110 -14.43 1.08 -6.46
N TYR A 111 -13.94 2.18 -5.91
CA TYR A 111 -13.70 3.38 -6.72
C TYR A 111 -12.53 3.18 -7.66
N ALA A 112 -11.84 2.04 -7.54
CA ALA A 112 -10.69 1.78 -8.40
C ALA A 112 -11.09 1.80 -9.87
N ALA A 113 -12.27 1.26 -10.15
CA ALA A 113 -12.77 1.21 -11.52
C ALA A 113 -11.93 0.25 -12.36
N ASP A 24 21.54 7.46 -1.50
CA ASP A 24 20.97 6.08 -1.43
C ASP A 24 19.82 6.06 -0.43
N LYS A 25 18.71 5.46 -0.83
CA LYS A 25 17.54 5.39 0.04
C LYS A 25 17.73 4.28 1.07
N LYS A 26 17.09 4.44 2.23
CA LYS A 26 17.20 3.43 3.29
C LYS A 26 15.93 2.61 3.39
N VAL A 27 16.11 1.29 3.43
CA VAL A 27 14.98 0.40 3.54
C VAL A 27 14.78 0.02 5.00
N ILE A 28 13.80 0.66 5.64
CA ILE A 28 13.53 0.39 7.04
C ILE A 28 13.08 -1.05 7.25
N ALA A 29 12.20 -1.52 6.38
CA ALA A 29 11.69 -2.88 6.50
C ALA A 29 11.41 -3.48 5.12
N THR A 30 11.28 -4.80 5.08
CA THR A 30 11.00 -5.51 3.84
C THR A 30 9.57 -6.04 3.86
N LYS A 31 9.37 -7.29 3.46
CA LYS A 31 8.02 -7.86 3.45
C LYS A 31 7.38 -7.72 4.82
N VAL A 32 6.49 -6.75 4.95
CA VAL A 32 5.79 -6.50 6.20
C VAL A 32 4.28 -6.47 5.98
N LEU A 33 3.55 -7.23 6.77
CA LEU A 33 2.10 -7.25 6.66
C LEU A 33 1.51 -6.04 7.37
N GLY A 34 0.55 -5.39 6.72
CA GLY A 34 -0.08 -4.21 7.28
C GLY A 34 -1.56 -4.20 6.93
N THR A 35 -2.26 -3.19 7.41
CA THR A 35 -3.69 -3.07 7.14
C THR A 35 -4.01 -1.70 6.56
N VAL A 36 -4.82 -1.68 5.51
CA VAL A 36 -5.17 -0.43 4.86
C VAL A 36 -6.20 0.35 5.69
N LYS A 37 -5.76 1.46 6.28
CA LYS A 37 -6.67 2.27 7.07
C LYS A 37 -7.80 2.77 6.18
N TRP A 38 -7.39 3.33 5.05
CA TRP A 38 -8.32 3.83 4.04
C TRP A 38 -7.56 4.28 2.78
N PHE A 39 -8.22 4.22 1.64
CA PHE A 39 -7.60 4.65 0.39
C PHE A 39 -8.65 5.26 -0.54
N ASN A 40 -8.49 6.54 -0.85
CA ASN A 40 -9.44 7.22 -1.72
C ASN A 40 -8.94 7.26 -3.16
N VAL A 41 -9.72 6.68 -4.05
CA VAL A 41 -9.36 6.65 -5.47
C VAL A 41 -9.28 8.05 -6.06
N ARG A 42 -10.27 8.87 -5.75
CA ARG A 42 -10.30 10.24 -6.28
C ARG A 42 -9.14 11.10 -5.77
N ASN A 43 -8.74 10.87 -4.52
CA ASN A 43 -7.64 11.65 -3.95
C ASN A 43 -6.31 11.28 -4.61
N GLY A 44 -6.16 10.01 -4.97
CA GLY A 44 -4.93 9.55 -5.60
C GLY A 44 -3.88 9.08 -4.59
N TYR A 45 -4.22 9.13 -3.30
CA TYR A 45 -3.28 8.69 -2.27
C TYR A 45 -4.03 8.14 -1.06
N GLY A 46 -3.34 7.39 -0.21
CA GLY A 46 -3.99 6.81 0.97
C GLY A 46 -2.97 6.46 2.05
N PHE A 47 -3.47 5.92 3.16
CA PHE A 47 -2.60 5.55 4.28
C PHE A 47 -2.76 4.08 4.67
N ILE A 48 -1.64 3.47 5.05
CA ILE A 48 -1.63 2.08 5.48
C ILE A 48 -1.12 1.98 6.91
N ASN A 49 -1.89 1.34 7.79
CA ASN A 49 -1.47 1.20 9.18
C ASN A 49 -0.71 -0.10 9.38
N ARG A 50 0.57 0.01 9.71
CA ARG A 50 1.39 -1.17 9.95
C ARG A 50 0.98 -1.83 11.25
N ASN A 51 0.73 -3.13 11.19
CA ASN A 51 0.34 -3.86 12.40
C ASN A 51 1.57 -4.29 13.21
N ASP A 52 2.77 -3.98 12.71
CA ASP A 52 3.99 -4.34 13.41
C ASP A 52 4.55 -3.12 14.14
N THR A 53 4.32 -1.94 13.56
CA THR A 53 4.81 -0.70 14.14
C THR A 53 3.67 0.21 14.56
N LYS A 54 2.46 -0.10 14.12
CA LYS A 54 1.31 0.73 14.46
C LYS A 54 1.55 2.17 14.02
N GLU A 55 2.29 2.33 12.92
CA GLU A 55 2.60 3.65 12.40
C GLU A 55 2.09 3.81 10.98
N ASP A 56 1.47 4.95 10.73
CA ASP A 56 0.91 5.25 9.41
C ASP A 56 2.02 5.30 8.35
N VAL A 57 1.69 4.85 7.14
CA VAL A 57 2.65 4.86 6.04
C VAL A 57 2.04 5.51 4.80
N PHE A 58 2.81 6.40 4.17
CA PHE A 58 2.35 7.09 2.96
C PHE A 58 2.54 6.19 1.73
N VAL A 59 1.46 5.98 0.99
CA VAL A 59 1.54 5.14 -0.20
C VAL A 59 0.90 5.82 -1.40
N HIS A 60 1.26 5.37 -2.58
CA HIS A 60 0.71 5.92 -3.81
C HIS A 60 0.40 4.80 -4.79
N GLN A 61 -0.52 5.04 -5.72
CA GLN A 61 -0.92 4.02 -6.68
C GLN A 61 0.26 3.58 -7.55
N THR A 62 1.26 4.43 -7.67
CA THR A 62 2.42 4.09 -8.48
C THR A 62 3.38 3.21 -7.67
N ALA A 63 3.15 3.12 -6.37
CA ALA A 63 4.00 2.30 -5.50
C ALA A 63 3.45 0.88 -5.38
N ILE A 64 2.37 0.59 -6.10
CA ILE A 64 1.75 -0.73 -6.02
C ILE A 64 2.20 -1.62 -7.18
N LYS A 65 3.06 -2.59 -6.87
CA LYS A 65 3.56 -3.52 -7.88
C LYS A 65 2.43 -4.36 -8.46
N LYS A 66 1.57 -4.87 -7.58
CA LYS A 66 0.46 -5.72 -8.02
C LYS A 66 -0.88 -5.18 -7.50
N ASN A 67 -1.91 -5.32 -8.32
CA ASN A 67 -3.23 -4.85 -7.95
C ASN A 67 -4.31 -5.70 -8.60
N ASN A 68 -5.56 -5.45 -8.25
CA ASN A 68 -6.67 -6.21 -8.82
C ASN A 68 -6.72 -5.97 -10.35
N PRO A 69 -6.60 -6.99 -11.17
CA PRO A 69 -6.64 -6.83 -12.66
C PRO A 69 -8.00 -6.35 -13.16
N ARG A 70 -9.03 -6.61 -12.36
CA ARG A 70 -10.38 -6.19 -12.74
C ARG A 70 -10.49 -4.67 -12.73
N LYS A 71 -9.58 -4.01 -12.01
CA LYS A 71 -9.60 -2.55 -11.92
C LYS A 71 -8.73 -1.93 -13.01
N TYR A 72 -9.23 -0.88 -13.65
CA TYR A 72 -8.47 -0.21 -14.71
C TYR A 72 -7.26 0.51 -14.13
N LEU A 73 -7.45 1.13 -12.97
CA LEU A 73 -6.37 1.88 -12.33
C LEU A 73 -5.97 1.19 -11.03
N ARG A 74 -4.72 1.36 -10.63
CA ARG A 74 -4.23 0.74 -9.41
C ARG A 74 -4.94 1.34 -8.20
N SER A 75 -5.29 0.48 -7.25
CA SER A 75 -5.99 0.91 -6.05
C SER A 75 -5.76 -0.07 -4.91
N VAL A 76 -5.99 0.38 -3.69
CA VAL A 76 -5.81 -0.48 -2.52
C VAL A 76 -7.11 -0.57 -1.73
N GLY A 77 -7.58 -1.79 -1.49
CA GLY A 77 -8.83 -1.97 -0.76
C GLY A 77 -8.69 -1.51 0.70
N ASP A 78 -9.78 -0.99 1.25
CA ASP A 78 -9.77 -0.53 2.63
C ASP A 78 -10.04 -1.70 3.57
N GLY A 79 -9.24 -1.81 4.62
CA GLY A 79 -9.41 -2.89 5.58
C GLY A 79 -8.78 -4.17 5.06
N GLU A 80 -8.11 -4.08 3.90
CA GLU A 80 -7.47 -5.23 3.29
C GLU A 80 -6.02 -5.34 3.72
N THR A 81 -5.64 -6.51 4.18
CA THR A 81 -4.26 -6.74 4.61
C THR A 81 -3.33 -6.65 3.40
N VAL A 82 -2.23 -5.92 3.55
CA VAL A 82 -1.31 -5.74 2.43
C VAL A 82 0.13 -6.07 2.84
N GLU A 83 0.96 -6.39 1.85
CA GLU A 83 2.36 -6.72 2.11
C GLU A 83 3.22 -5.72 1.34
N PHE A 84 4.18 -5.10 2.02
CA PHE A 84 5.02 -4.11 1.37
C PHE A 84 6.32 -3.85 2.10
N ASP A 85 7.25 -3.19 1.41
CA ASP A 85 8.54 -2.84 1.98
C ASP A 85 8.48 -1.42 2.52
N VAL A 86 9.17 -1.17 3.62
CA VAL A 86 9.17 0.16 4.20
C VAL A 86 10.50 0.86 3.92
N VAL A 87 10.40 2.05 3.35
CA VAL A 87 11.60 2.82 3.02
C VAL A 87 11.49 4.20 3.67
N GLU A 88 12.55 4.61 4.35
CA GLU A 88 12.54 5.90 5.03
C GLU A 88 12.43 7.05 4.02
N GLY A 89 11.47 7.94 4.27
CA GLY A 89 11.26 9.08 3.38
C GLY A 89 11.55 10.38 4.11
N GLU A 90 11.78 11.44 3.34
CA GLU A 90 12.08 12.75 3.93
C GLU A 90 10.93 13.23 4.79
N LYS A 91 9.70 13.05 4.31
CA LYS A 91 8.53 13.49 5.06
C LYS A 91 8.07 12.41 6.04
N GLY A 92 8.57 11.19 5.87
CA GLY A 92 8.19 10.09 6.75
C GLY A 92 8.39 8.75 6.06
N ALA A 93 7.98 7.68 6.72
CA ALA A 93 8.12 6.35 6.16
C ALA A 93 7.27 6.21 4.89
N GLU A 94 7.79 5.51 3.90
CA GLU A 94 7.08 5.30 2.65
C GLU A 94 6.97 3.82 2.32
N ALA A 95 6.01 3.48 1.47
CA ALA A 95 5.82 2.08 1.08
C ALA A 95 6.06 1.91 -0.42
N ALA A 96 6.52 0.71 -0.79
CA ALA A 96 6.79 0.41 -2.20
C ALA A 96 6.56 -1.07 -2.48
N ASN A 97 6.31 -1.41 -3.73
CA ASN A 97 6.08 -2.80 -4.11
C ASN A 97 4.96 -3.39 -3.26
N VAL A 98 3.89 -2.62 -3.10
CA VAL A 98 2.76 -3.06 -2.31
C VAL A 98 1.96 -4.15 -3.03
N THR A 99 1.84 -5.31 -2.39
CA THR A 99 1.11 -6.43 -2.98
C THR A 99 0.26 -7.09 -1.90
N GLY A 100 -0.67 -7.94 -2.32
CA GLY A 100 -1.52 -8.64 -1.36
C GLY A 100 -0.70 -9.75 -0.69
N PRO A 101 -1.26 -10.43 0.26
CA PRO A 101 -0.54 -11.51 0.99
C PRO A 101 -0.30 -12.73 0.10
N GLY A 102 0.89 -13.31 0.20
CA GLY A 102 1.23 -14.48 -0.59
C GLY A 102 1.41 -14.13 -2.07
N GLY A 103 1.65 -12.85 -2.34
CA GLY A 103 1.83 -12.41 -3.73
C GLY A 103 0.49 -12.17 -4.41
N VAL A 104 -0.60 -12.37 -3.67
CA VAL A 104 -1.95 -12.18 -4.21
C VAL A 104 -2.15 -10.72 -4.63
N PRO A 105 -2.76 -10.44 -5.77
CA PRO A 105 -3.00 -9.04 -6.21
C PRO A 105 -3.84 -8.27 -5.20
N VAL A 106 -3.57 -6.97 -5.05
CA VAL A 106 -4.33 -6.15 -4.10
C VAL A 106 -5.80 -6.05 -4.53
N GLN A 107 -6.69 -6.22 -3.55
CA GLN A 107 -8.12 -6.17 -3.83
C GLN A 107 -8.50 -4.82 -4.43
N GLY A 108 -7.95 -3.76 -3.88
CA GLY A 108 -8.22 -2.41 -4.37
C GLY A 108 -9.55 -1.88 -3.84
N SER A 109 -9.85 -0.63 -4.18
CA SER A 109 -11.09 0.01 -3.74
C SER A 109 -12.15 -0.08 -4.82
N LYS A 110 -13.40 -0.26 -4.40
CA LYS A 110 -14.51 -0.37 -5.34
C LYS A 110 -14.62 0.88 -6.19
N TYR A 111 -14.05 1.97 -5.69
CA TYR A 111 -14.10 3.24 -6.40
C TYR A 111 -13.14 3.23 -7.59
N ALA A 112 -12.25 2.24 -7.65
CA ALA A 112 -11.29 2.16 -8.73
C ALA A 112 -12.00 2.09 -10.07
N ALA A 113 -11.44 2.78 -11.07
CA ALA A 113 -12.04 2.80 -12.39
C ALA A 113 -11.03 3.27 -13.43
N ASP A 24 21.12 8.34 -0.44
CA ASP A 24 20.06 7.56 -1.15
C ASP A 24 18.94 7.22 -0.18
N LYS A 25 17.85 6.65 -0.70
CA LYS A 25 16.72 6.29 0.13
C LYS A 25 17.07 5.11 1.03
N LYS A 26 16.55 5.13 2.25
CA LYS A 26 16.82 4.05 3.20
C LYS A 26 15.62 3.13 3.34
N VAL A 27 15.87 1.84 3.21
CA VAL A 27 14.81 0.86 3.34
C VAL A 27 14.78 0.34 4.77
N ILE A 28 13.81 0.81 5.53
CA ILE A 28 13.68 0.43 6.93
C ILE A 28 13.41 -1.07 7.05
N ALA A 29 12.50 -1.58 6.23
CA ALA A 29 12.15 -2.99 6.28
C ALA A 29 11.72 -3.49 4.90
N THR A 30 11.63 -4.81 4.77
CA THR A 30 11.23 -5.44 3.52
C THR A 30 9.79 -5.95 3.64
N LYS A 31 9.53 -7.17 3.19
CA LYS A 31 8.17 -7.72 3.26
C LYS A 31 7.61 -7.55 4.67
N VAL A 32 6.60 -6.72 4.79
CA VAL A 32 5.96 -6.46 6.08
C VAL A 32 4.44 -6.47 5.93
N LEU A 33 3.77 -7.20 6.81
CA LEU A 33 2.32 -7.23 6.79
C LEU A 33 1.76 -5.93 7.36
N GLY A 34 0.79 -5.36 6.67
CA GLY A 34 0.18 -4.12 7.09
C GLY A 34 -1.29 -4.11 6.72
N THR A 35 -1.99 -3.07 7.13
CA THR A 35 -3.41 -2.94 6.84
C THR A 35 -3.73 -1.56 6.28
N VAL A 36 -4.58 -1.52 5.27
CA VAL A 36 -4.94 -0.26 4.64
C VAL A 36 -5.83 0.58 5.56
N LYS A 37 -5.28 1.66 6.09
CA LYS A 37 -6.06 2.53 6.97
C LYS A 37 -7.22 3.12 6.16
N TRP A 38 -6.88 3.62 4.98
CA TRP A 38 -7.86 4.20 4.06
C TRP A 38 -7.17 4.63 2.76
N PHE A 39 -7.81 4.38 1.63
CA PHE A 39 -7.26 4.77 0.34
C PHE A 39 -8.34 5.40 -0.53
N ASN A 40 -8.12 6.65 -0.93
CA ASN A 40 -9.10 7.35 -1.76
C ASN A 40 -8.65 7.43 -3.20
N VAL A 41 -9.45 6.85 -4.09
CA VAL A 41 -9.13 6.86 -5.52
C VAL A 41 -9.12 8.27 -6.08
N ARG A 42 -10.12 9.07 -5.72
CA ARG A 42 -10.22 10.44 -6.23
C ARG A 42 -9.02 11.29 -5.81
N ASN A 43 -8.61 11.19 -4.55
CA ASN A 43 -7.48 11.98 -4.08
C ASN A 43 -6.20 11.61 -4.83
N GLY A 44 -6.05 10.32 -5.11
CA GLY A 44 -4.87 9.84 -5.84
C GLY A 44 -3.76 9.37 -4.91
N TYR A 45 -4.00 9.42 -3.59
CA TYR A 45 -2.99 8.96 -2.64
C TYR A 45 -3.66 8.36 -1.41
N GLY A 46 -2.92 7.55 -0.65
CA GLY A 46 -3.48 6.92 0.54
C GLY A 46 -2.40 6.46 1.50
N PHE A 47 -2.81 5.97 2.67
CA PHE A 47 -1.87 5.52 3.68
C PHE A 47 -2.21 4.11 4.20
N ILE A 48 -1.18 3.38 4.57
CA ILE A 48 -1.34 2.02 5.10
C ILE A 48 -0.85 1.97 6.55
N ASN A 49 -1.70 1.47 7.45
CA ASN A 49 -1.32 1.38 8.84
C ASN A 49 -0.64 0.06 9.14
N ARG A 50 0.66 0.13 9.38
CA ARG A 50 1.43 -1.09 9.69
C ARG A 50 0.88 -1.75 10.94
N ASN A 51 0.72 -3.06 10.89
CA ASN A 51 0.21 -3.79 12.04
C ASN A 51 1.34 -4.13 13.02
N ASP A 52 2.57 -3.73 12.69
CA ASP A 52 3.70 -4.00 13.57
C ASP A 52 4.06 -2.74 14.35
N THR A 53 3.87 -1.59 13.71
CA THR A 53 4.21 -0.32 14.32
C THR A 53 2.97 0.56 14.51
N LYS A 54 1.84 0.14 13.94
CA LYS A 54 0.62 0.91 14.05
C LYS A 54 0.85 2.33 13.54
N GLU A 55 1.74 2.44 12.55
CA GLU A 55 2.04 3.75 11.97
C GLU A 55 1.68 3.79 10.50
N ASP A 56 1.03 4.87 10.10
CA ASP A 56 0.60 5.05 8.72
C ASP A 56 1.81 5.13 7.78
N VAL A 57 1.65 4.58 6.58
CA VAL A 57 2.74 4.58 5.60
C VAL A 57 2.29 5.23 4.29
N PHE A 58 3.05 6.22 3.83
CA PHE A 58 2.73 6.91 2.59
C PHE A 58 2.80 5.94 1.40
N VAL A 59 1.75 5.91 0.58
CA VAL A 59 1.73 5.02 -0.57
C VAL A 59 0.96 5.64 -1.72
N HIS A 60 1.37 5.28 -2.93
CA HIS A 60 0.71 5.79 -4.13
C HIS A 60 0.35 4.61 -5.05
N GLN A 61 -0.59 4.84 -5.97
CA GLN A 61 -1.02 3.79 -6.87
C GLN A 61 0.13 3.27 -7.74
N THR A 62 1.09 4.13 -8.02
CA THR A 62 2.24 3.73 -8.82
C THR A 62 3.16 2.84 -8.00
N ALA A 63 2.99 2.85 -6.67
CA ALA A 63 3.82 2.04 -5.79
C ALA A 63 3.26 0.62 -5.67
N ILE A 64 2.16 0.34 -6.35
CA ILE A 64 1.55 -0.98 -6.28
C ILE A 64 2.05 -1.89 -7.39
N LYS A 65 2.99 -2.79 -7.03
CA LYS A 65 3.55 -3.72 -8.00
C LYS A 65 2.48 -4.67 -8.54
N LYS A 66 1.64 -5.18 -7.64
CA LYS A 66 0.58 -6.11 -8.05
C LYS A 66 -0.78 -5.58 -7.67
N ASN A 67 -1.77 -5.82 -8.53
CA ASN A 67 -3.12 -5.38 -8.28
C ASN A 67 -4.12 -6.28 -8.99
N ASN A 68 -5.38 -6.19 -8.58
CA ASN A 68 -6.42 -7.02 -9.18
C ASN A 68 -6.54 -6.69 -10.68
N PRO A 69 -6.35 -7.65 -11.57
CA PRO A 69 -6.44 -7.39 -13.04
C PRO A 69 -7.83 -6.97 -13.48
N ARG A 70 -8.83 -7.31 -12.68
CA ARG A 70 -10.20 -6.96 -12.99
C ARG A 70 -10.39 -5.45 -12.94
N LYS A 71 -9.50 -4.76 -12.22
CA LYS A 71 -9.59 -3.31 -12.12
C LYS A 71 -8.60 -2.63 -13.06
N TYR A 72 -9.11 -1.80 -13.97
CA TYR A 72 -8.26 -1.10 -14.91
C TYR A 72 -7.28 -0.18 -14.18
N LEU A 73 -7.80 0.60 -13.25
CA LEU A 73 -6.98 1.54 -12.49
C LEU A 73 -6.51 0.88 -11.19
N ARG A 74 -5.21 0.96 -10.94
CA ARG A 74 -4.65 0.36 -9.73
C ARG A 74 -5.24 1.02 -8.50
N SER A 75 -5.56 0.21 -7.49
CA SER A 75 -6.13 0.71 -6.26
C SER A 75 -5.90 -0.27 -5.12
N VAL A 76 -6.08 0.20 -3.88
CA VAL A 76 -5.90 -0.66 -2.72
C VAL A 76 -7.16 -0.64 -1.87
N GLY A 77 -7.66 -1.81 -1.52
CA GLY A 77 -8.88 -1.89 -0.72
C GLY A 77 -8.67 -1.32 0.68
N ASP A 78 -9.71 -0.67 1.20
CA ASP A 78 -9.64 -0.08 2.54
C ASP A 78 -9.77 -1.18 3.59
N GLY A 79 -8.84 -1.20 4.53
CA GLY A 79 -8.86 -2.21 5.58
C GLY A 79 -8.29 -3.53 5.05
N GLU A 80 -7.84 -3.52 3.79
CA GLU A 80 -7.28 -4.72 3.18
C GLU A 80 -5.86 -4.94 3.64
N THR A 81 -5.57 -6.16 4.07
CA THR A 81 -4.22 -6.49 4.51
C THR A 81 -3.28 -6.54 3.32
N VAL A 82 -2.14 -5.88 3.43
CA VAL A 82 -1.21 -5.83 2.30
C VAL A 82 0.23 -6.11 2.76
N GLU A 83 1.07 -6.53 1.83
CA GLU A 83 2.47 -6.79 2.12
C GLU A 83 3.32 -5.81 1.34
N PHE A 84 4.28 -5.16 2.00
CA PHE A 84 5.10 -4.18 1.31
C PHE A 84 6.40 -3.89 2.04
N ASP A 85 7.30 -3.19 1.34
CA ASP A 85 8.58 -2.80 1.91
C ASP A 85 8.42 -1.45 2.59
N VAL A 86 9.21 -1.21 3.63
CA VAL A 86 9.12 0.06 4.34
C VAL A 86 10.36 0.90 4.06
N VAL A 87 10.14 2.11 3.56
CA VAL A 87 11.24 3.01 3.27
C VAL A 87 11.05 4.31 4.04
N GLU A 88 12.08 4.72 4.76
CA GLU A 88 12.00 5.94 5.55
C GLU A 88 11.83 7.16 4.66
N GLY A 89 10.76 7.93 4.91
CA GLY A 89 10.49 9.13 4.13
C GLY A 89 10.47 10.37 5.03
N GLU A 90 10.64 11.54 4.42
CA GLU A 90 10.64 12.79 5.17
C GLU A 90 9.29 13.01 5.85
N LYS A 91 8.21 12.69 5.14
CA LYS A 91 6.87 12.85 5.68
C LYS A 91 6.49 11.68 6.58
N GLY A 92 7.31 10.63 6.58
CA GLY A 92 7.02 9.46 7.39
C GLY A 92 7.41 8.18 6.65
N ALA A 93 6.98 7.03 7.17
CA ALA A 93 7.28 5.75 6.55
C ALA A 93 6.68 5.69 5.14
N GLU A 94 7.42 5.10 4.21
CA GLU A 94 6.97 4.98 2.84
C GLU A 94 6.78 3.51 2.46
N ALA A 95 5.87 3.27 1.52
CA ALA A 95 5.61 1.90 1.08
C ALA A 95 5.91 1.74 -0.41
N ALA A 96 6.46 0.59 -0.79
CA ALA A 96 6.80 0.33 -2.18
C ALA A 96 6.55 -1.15 -2.51
N ASN A 97 6.29 -1.43 -3.78
CA ASN A 97 6.03 -2.81 -4.19
C ASN A 97 4.92 -3.41 -3.35
N VAL A 98 3.86 -2.63 -3.13
CA VAL A 98 2.74 -3.09 -2.32
C VAL A 98 1.94 -4.16 -3.06
N THR A 99 1.77 -5.30 -2.39
CA THR A 99 1.03 -6.41 -2.98
C THR A 99 0.09 -7.00 -1.94
N GLY A 100 -0.81 -7.88 -2.37
CA GLY A 100 -1.73 -8.51 -1.43
C GLY A 100 -0.98 -9.55 -0.61
N PRO A 101 -1.64 -10.19 0.32
CA PRO A 101 -0.98 -11.21 1.18
C PRO A 101 -0.63 -12.47 0.41
N GLY A 102 0.57 -12.99 0.65
CA GLY A 102 1.02 -14.21 -0.02
C GLY A 102 1.30 -13.96 -1.50
N GLY A 103 1.53 -12.70 -1.86
CA GLY A 103 1.80 -12.35 -3.26
C GLY A 103 0.50 -12.22 -4.05
N VAL A 104 -0.63 -12.39 -3.37
CA VAL A 104 -1.93 -12.27 -4.02
C VAL A 104 -2.15 -10.86 -4.56
N PRO A 105 -2.73 -10.68 -5.72
CA PRO A 105 -2.98 -9.32 -6.28
C PRO A 105 -3.84 -8.48 -5.33
N VAL A 106 -3.62 -7.17 -5.33
CA VAL A 106 -4.38 -6.28 -4.45
C VAL A 106 -5.83 -6.20 -4.89
N GLN A 107 -6.75 -6.42 -3.95
CA GLN A 107 -8.18 -6.39 -4.26
C GLN A 107 -8.59 -5.02 -4.77
N GLY A 108 -8.06 -3.98 -4.12
CA GLY A 108 -8.38 -2.61 -4.51
C GLY A 108 -9.65 -2.11 -3.85
N SER A 109 -10.07 -0.90 -4.21
CA SER A 109 -11.26 -0.30 -3.64
C SER A 109 -12.37 -0.23 -4.70
N LYS A 110 -13.60 -0.11 -4.23
CA LYS A 110 -14.76 -0.03 -5.12
C LYS A 110 -14.64 1.19 -6.03
N TYR A 111 -14.15 2.28 -5.47
CA TYR A 111 -13.99 3.51 -6.23
C TYR A 111 -13.00 3.34 -7.37
N ALA A 112 -12.21 2.26 -7.33
CA ALA A 112 -11.24 2.01 -8.38
C ALA A 112 -11.92 1.89 -9.73
N ALA A 113 -11.28 2.41 -10.77
CA ALA A 113 -11.83 2.36 -12.11
C ALA A 113 -11.58 1.00 -12.74
N ASP A 24 20.43 4.90 -3.69
CA ASP A 24 19.00 4.57 -3.51
C ASP A 24 18.55 4.93 -2.10
N LYS A 25 17.24 5.01 -1.89
CA LYS A 25 16.72 5.36 -0.57
C LYS A 25 16.91 4.19 0.39
N LYS A 26 17.12 4.51 1.66
CA LYS A 26 17.31 3.49 2.69
C LYS A 26 16.07 2.64 2.84
N VAL A 27 16.26 1.33 2.89
CA VAL A 27 15.16 0.41 3.05
C VAL A 27 15.04 0.03 4.52
N ILE A 28 14.08 0.63 5.20
CA ILE A 28 13.86 0.37 6.61
C ILE A 28 13.44 -1.09 6.84
N ALA A 29 12.52 -1.56 6.01
CA ALA A 29 12.02 -2.93 6.14
C ALA A 29 11.55 -3.47 4.80
N THR A 30 11.41 -4.79 4.73
CA THR A 30 10.95 -5.45 3.51
C THR A 30 9.46 -5.74 3.60
N LYS A 31 8.99 -6.81 2.98
CA LYS A 31 7.56 -7.14 3.02
C LYS A 31 7.08 -7.20 4.47
N VAL A 32 6.13 -6.35 4.81
CA VAL A 32 5.58 -6.31 6.15
C VAL A 32 4.06 -6.30 6.10
N LEU A 33 3.44 -7.16 6.91
CA LEU A 33 1.98 -7.21 6.96
C LEU A 33 1.45 -5.91 7.54
N GLY A 34 0.48 -5.33 6.86
CA GLY A 34 -0.13 -4.08 7.30
C GLY A 34 -1.61 -4.07 6.95
N THR A 35 -2.30 -3.02 7.37
CA THR A 35 -3.72 -2.89 7.10
C THR A 35 -4.02 -1.52 6.49
N VAL A 36 -4.85 -1.51 5.45
CA VAL A 36 -5.19 -0.26 4.78
C VAL A 36 -6.10 0.58 5.67
N LYS A 37 -5.56 1.67 6.20
CA LYS A 37 -6.35 2.56 7.04
C LYS A 37 -7.50 3.13 6.22
N TRP A 38 -7.14 3.60 5.03
CA TRP A 38 -8.11 4.15 4.08
C TRP A 38 -7.41 4.55 2.78
N PHE A 39 -8.03 4.27 1.65
CA PHE A 39 -7.45 4.62 0.36
C PHE A 39 -8.53 5.21 -0.55
N ASN A 40 -8.34 6.47 -0.94
CA ASN A 40 -9.31 7.13 -1.81
C ASN A 40 -8.84 7.14 -3.25
N VAL A 41 -9.62 6.52 -4.12
CA VAL A 41 -9.28 6.46 -5.55
C VAL A 41 -9.23 7.85 -6.16
N ARG A 42 -10.24 8.67 -5.88
CA ARG A 42 -10.30 10.02 -6.43
C ARG A 42 -9.10 10.86 -6.04
N ASN A 43 -8.74 10.84 -4.76
CA ASN A 43 -7.61 11.63 -4.29
C ASN A 43 -6.32 11.20 -4.99
N GLY A 44 -6.16 9.89 -5.18
CA GLY A 44 -4.98 9.37 -5.85
C GLY A 44 -3.89 8.93 -4.87
N TYR A 45 -4.17 9.05 -3.57
CA TYR A 45 -3.17 8.64 -2.56
C TYR A 45 -3.88 8.13 -1.31
N GLY A 46 -3.15 7.37 -0.48
CA GLY A 46 -3.75 6.82 0.73
C GLY A 46 -2.68 6.45 1.75
N PHE A 47 -3.14 5.90 2.89
CA PHE A 47 -2.22 5.51 3.96
C PHE A 47 -2.46 4.07 4.42
N ILE A 48 -1.36 3.38 4.76
CA ILE A 48 -1.43 2.02 5.25
C ILE A 48 -0.91 1.95 6.68
N ASN A 49 -1.74 1.45 7.59
CA ASN A 49 -1.33 1.36 8.99
C ASN A 49 -0.67 0.03 9.28
N ARG A 50 0.64 0.06 9.50
CA ARG A 50 1.36 -1.15 9.82
C ARG A 50 0.88 -1.72 11.15
N ASN A 51 0.58 -3.01 11.15
CA ASN A 51 0.12 -3.65 12.38
C ASN A 51 1.29 -3.88 13.35
N ASP A 52 2.50 -4.02 12.83
CA ASP A 52 3.66 -4.27 13.68
C ASP A 52 4.00 -3.02 14.48
N THR A 53 3.93 -1.87 13.82
CA THR A 53 4.27 -0.61 14.45
C THR A 53 3.02 0.21 14.79
N LYS A 54 1.86 -0.22 14.28
CA LYS A 54 0.63 0.51 14.53
C LYS A 54 0.78 1.96 14.08
N GLU A 55 1.61 2.17 13.05
CA GLU A 55 1.83 3.52 12.53
C GLU A 55 1.43 3.61 11.06
N ASP A 56 0.92 4.78 10.69
CA ASP A 56 0.49 5.01 9.32
C ASP A 56 1.69 5.09 8.36
N VAL A 57 1.49 4.64 7.13
CA VAL A 57 2.55 4.65 6.14
C VAL A 57 2.06 5.29 4.83
N PHE A 58 2.86 6.21 4.29
CA PHE A 58 2.52 6.88 3.04
C PHE A 58 2.52 5.88 1.88
N VAL A 59 1.54 5.98 1.00
CA VAL A 59 1.48 5.08 -0.15
C VAL A 59 0.78 5.74 -1.33
N HIS A 60 1.19 5.35 -2.52
CA HIS A 60 0.61 5.90 -3.74
C HIS A 60 0.28 4.76 -4.72
N GLN A 61 -0.68 5.01 -5.61
CA GLN A 61 -1.09 3.98 -6.57
C GLN A 61 0.06 3.55 -7.47
N THR A 62 1.03 4.42 -7.66
CA THR A 62 2.18 4.09 -8.48
C THR A 62 3.17 3.24 -7.69
N ALA A 63 2.98 3.17 -6.37
CA ALA A 63 3.86 2.40 -5.51
C ALA A 63 3.36 0.96 -5.38
N ILE A 64 2.27 0.63 -6.06
CA ILE A 64 1.70 -0.71 -5.96
C ILE A 64 2.22 -1.61 -7.08
N LYS A 65 3.07 -2.57 -6.71
CA LYS A 65 3.65 -3.50 -7.67
C LYS A 65 2.57 -4.38 -8.31
N LYS A 66 1.65 -4.86 -7.49
CA LYS A 66 0.58 -5.74 -7.98
C LYS A 66 -0.79 -5.19 -7.65
N ASN A 67 -1.71 -5.29 -8.59
CA ASN A 67 -3.06 -4.80 -8.39
C ASN A 67 -4.06 -5.70 -9.10
N ASN A 68 -5.31 -5.67 -8.65
CA ASN A 68 -6.34 -6.51 -9.24
C ASN A 68 -6.45 -6.19 -10.75
N PRO A 69 -6.24 -7.16 -11.63
CA PRO A 69 -6.33 -6.92 -13.10
C PRO A 69 -7.71 -6.39 -13.52
N ARG A 70 -8.73 -6.81 -12.80
CA ARG A 70 -10.09 -6.37 -13.10
C ARG A 70 -10.20 -4.85 -12.93
N LYS A 71 -9.29 -4.28 -12.14
CA LYS A 71 -9.32 -2.84 -11.89
C LYS A 71 -8.58 -2.09 -12.99
N TYR A 72 -9.24 -1.09 -13.57
CA TYR A 72 -8.63 -0.31 -14.64
C TYR A 72 -7.44 0.49 -14.11
N LEU A 73 -7.59 1.03 -12.91
CA LEU A 73 -6.53 1.82 -12.30
C LEU A 73 -6.06 1.17 -11.00
N ARG A 74 -4.79 1.38 -10.67
CA ARG A 74 -4.24 0.79 -9.46
C ARG A 74 -4.96 1.34 -8.22
N SER A 75 -5.28 0.46 -7.29
CA SER A 75 -5.96 0.86 -6.07
C SER A 75 -5.76 -0.18 -4.98
N VAL A 76 -6.03 0.20 -3.74
CA VAL A 76 -5.89 -0.72 -2.62
C VAL A 76 -7.19 -0.78 -1.83
N GLY A 77 -7.69 -1.98 -1.60
CA GLY A 77 -8.94 -2.14 -0.85
C GLY A 77 -8.80 -1.67 0.59
N ASP A 78 -9.81 -0.97 1.09
CA ASP A 78 -9.78 -0.49 2.46
C ASP A 78 -10.08 -1.63 3.42
N GLY A 79 -9.31 -1.72 4.50
CA GLY A 79 -9.51 -2.77 5.49
C GLY A 79 -8.87 -4.07 5.01
N GLU A 80 -8.20 -4.02 3.86
CA GLU A 80 -7.54 -5.19 3.31
C GLU A 80 -6.09 -5.25 3.77
N THR A 81 -5.71 -6.40 4.31
CA THR A 81 -4.33 -6.59 4.76
C THR A 81 -3.40 -6.61 3.56
N VAL A 82 -2.30 -5.87 3.65
CA VAL A 82 -1.36 -5.80 2.54
C VAL A 82 0.09 -6.01 3.01
N GLU A 83 0.95 -6.42 2.08
CA GLU A 83 2.36 -6.61 2.40
C GLU A 83 3.17 -5.64 1.56
N PHE A 84 4.14 -4.97 2.18
CA PHE A 84 4.92 -4.00 1.43
C PHE A 84 6.27 -3.70 2.09
N ASP A 85 7.17 -3.12 1.31
CA ASP A 85 8.49 -2.76 1.79
C ASP A 85 8.44 -1.35 2.38
N VAL A 86 9.20 -1.11 3.44
CA VAL A 86 9.21 0.20 4.05
C VAL A 86 10.51 0.92 3.71
N VAL A 87 10.38 2.10 3.13
CA VAL A 87 11.55 2.90 2.75
C VAL A 87 11.49 4.24 3.47
N GLU A 88 12.62 4.66 4.03
CA GLU A 88 12.65 5.92 4.75
C GLU A 88 12.33 7.09 3.83
N GLY A 89 11.35 7.90 4.24
CA GLY A 89 10.94 9.06 3.45
C GLY A 89 11.37 10.36 4.14
N GLU A 90 11.28 11.46 3.40
CA GLU A 90 11.67 12.76 3.95
C GLU A 90 10.80 13.12 5.15
N LYS A 91 9.50 12.89 5.04
CA LYS A 91 8.58 13.22 6.12
C LYS A 91 8.40 12.05 7.08
N GLY A 92 8.75 10.84 6.63
CA GLY A 92 8.60 9.65 7.46
C GLY A 92 8.69 8.40 6.62
N ALA A 93 8.40 7.26 7.24
CA ALA A 93 8.47 5.98 6.53
C ALA A 93 7.48 5.96 5.37
N GLU A 94 7.89 5.33 4.27
CA GLU A 94 7.03 5.23 3.09
C GLU A 94 6.88 3.78 2.65
N ALA A 95 5.77 3.48 1.98
CA ALA A 95 5.51 2.12 1.52
C ALA A 95 5.72 2.01 0.00
N ALA A 96 6.25 0.86 -0.42
CA ALA A 96 6.51 0.63 -1.84
C ALA A 96 6.34 -0.85 -2.17
N ASN A 97 6.08 -1.15 -3.44
CA ASN A 97 5.91 -2.54 -3.85
C ASN A 97 4.82 -3.20 -3.02
N VAL A 98 3.68 -2.53 -2.93
CA VAL A 98 2.56 -3.05 -2.14
C VAL A 98 1.85 -4.18 -2.88
N THR A 99 1.73 -5.32 -2.21
CA THR A 99 1.07 -6.48 -2.81
C THR A 99 0.19 -7.14 -1.75
N GLY A 100 -0.73 -7.99 -2.20
CA GLY A 100 -1.61 -8.68 -1.27
C GLY A 100 -0.82 -9.75 -0.53
N PRO A 101 -1.35 -10.28 0.54
CA PRO A 101 -0.64 -11.30 1.35
C PRO A 101 -0.29 -12.55 0.53
N GLY A 102 0.93 -13.04 0.69
CA GLY A 102 1.37 -14.24 -0.01
C GLY A 102 1.61 -13.96 -1.48
N GLY A 103 1.80 -12.69 -1.83
CA GLY A 103 2.04 -12.31 -3.23
C GLY A 103 0.72 -12.18 -3.99
N VAL A 104 -0.40 -12.38 -3.30
CA VAL A 104 -1.71 -12.26 -3.92
C VAL A 104 -1.93 -10.83 -4.46
N PRO A 105 -2.51 -10.66 -5.62
CA PRO A 105 -2.75 -9.29 -6.18
C PRO A 105 -3.66 -8.47 -5.27
N VAL A 106 -3.46 -7.15 -5.26
CA VAL A 106 -4.26 -6.28 -4.40
C VAL A 106 -5.69 -6.20 -4.89
N GLN A 107 -6.65 -6.44 -3.99
CA GLN A 107 -8.06 -6.43 -4.35
C GLN A 107 -8.45 -5.04 -4.86
N GLY A 108 -7.93 -4.01 -4.21
CA GLY A 108 -8.23 -2.64 -4.61
C GLY A 108 -9.56 -2.16 -4.02
N SER A 109 -9.96 -0.95 -4.40
CA SER A 109 -11.21 -0.37 -3.91
C SER A 109 -12.25 -0.35 -5.02
N LYS A 110 -13.51 -0.32 -4.61
CA LYS A 110 -14.61 -0.31 -5.57
C LYS A 110 -14.57 0.96 -6.40
N TYR A 111 -14.15 2.05 -5.78
CA TYR A 111 -14.07 3.33 -6.46
C TYR A 111 -13.07 3.27 -7.63
N ALA A 112 -12.25 2.23 -7.65
CA ALA A 112 -11.28 2.08 -8.72
C ALA A 112 -11.95 2.10 -10.08
N ALA A 113 -11.34 2.82 -11.03
CA ALA A 113 -11.90 2.92 -12.37
C ALA A 113 -11.08 3.87 -13.22
#